data_2REH
#
_entry.id   2REH
#
_cell.length_a   108.934
_cell.length_b   108.934
_cell.length_c   337.671
_cell.angle_alpha   90.00
_cell.angle_beta   90.00
_cell.angle_gamma   120.00
#
_symmetry.space_group_name_H-M   'P 32 2 1'
#
loop_
_entity.id
_entity.type
_entity.pdbx_description
1 polymer 'Nitroalkane oxidase'
2 non-polymer 'FLAVIN-ADENINE DINUCLEOTIDE'
3 water water
#
_entity_poly.entity_id   1
_entity_poly.type   'polypeptide(L)'
_entity_poly.pdbx_seq_one_letter_code
;MVDFKLSPSQLEARRHAQAFANTVLTKASAEYSTQKDQLSRFQATRPFYREAVRHGLIKAQVPIPLGGTMESLVHESIIL
EELFAVEPATSITIVATALGLMPVILCDSPSLQEKFLKPFISGEGEPLASLMHSEPNGTANWLQKGGPGLQTTARKVGNE
WVISGEKLWPSNSGGWDYKGADLACVVCRVSDDPSKPQDPNVDPATQIAVLLVTRETIANNKKDAYQILGEPELAGHITT
SGPHTRFTEFHVPHENLLCTPGLKAQGLVETAFAMSAALVGAMAIGTARAAFEEALVFAKSDTRGGSKHIIEHQSVADKL
IDCKIRLETSRLLVWKAVTTLEDEALEWKVKLEMAMQTKIYTTDVAVECVIDAMKAVGMKSYAKDMSFPRLLNEVMCYPL
FEGGNIGLRRRQMQRVMALEDYEPWAATYGSSKVDKSRL
;
_entity_poly.pdbx_strand_id   A,B,C,D
#
loop_
_chem_comp.id
_chem_comp.type
_chem_comp.name
_chem_comp.formula
FAD non-polymer 'FLAVIN-ADENINE DINUCLEOTIDE' 'C27 H33 N9 O15 P2'
#
# COMPACT_ATOMS: atom_id res chain seq x y z
N VAL A 2 -2.98 -9.20 31.71
CA VAL A 2 -3.57 -8.80 30.41
C VAL A 2 -4.87 -9.53 30.09
N ASP A 3 -5.90 -8.74 29.83
CA ASP A 3 -7.27 -9.19 29.89
C ASP A 3 -8.13 -8.36 28.92
N PHE A 4 -9.00 -9.04 28.17
CA PHE A 4 -9.82 -8.32 27.18
C PHE A 4 -11.31 -8.44 27.41
N LYS A 5 -11.72 -9.34 28.34
CA LYS A 5 -13.15 -9.59 28.65
C LYS A 5 -13.77 -8.30 29.12
N LEU A 6 -15.02 -8.05 28.74
CA LEU A 6 -15.75 -6.85 29.19
C LEU A 6 -16.60 -7.12 30.42
N SER A 7 -16.71 -6.07 31.26
CA SER A 7 -17.51 -6.08 32.49
C SER A 7 -18.98 -5.89 32.16
N PRO A 8 -19.88 -6.23 33.09
CA PRO A 8 -21.31 -5.86 32.91
C PRO A 8 -21.63 -4.40 32.53
N SER A 9 -20.87 -3.41 33.04
CA SER A 9 -21.22 -1.97 32.82
C SER A 9 -20.84 -1.60 31.42
N GLN A 10 -19.85 -2.34 30.92
CA GLN A 10 -19.29 -2.21 29.57
C GLN A 10 -20.21 -2.78 28.55
N LEU A 11 -20.62 -4.03 28.72
CA LEU A 11 -21.73 -4.57 27.96
C LEU A 11 -23.06 -3.75 28.02
N GLU A 12 -23.45 -3.22 29.17
CA GLU A 12 -24.63 -2.33 29.21
C GLU A 12 -24.42 -0.96 28.50
N ALA A 13 -23.21 -0.41 28.61
CA ALA A 13 -22.95 0.87 27.96
C ALA A 13 -23.24 0.69 26.47
N ARG A 14 -22.81 -0.45 25.94
CA ARG A 14 -22.97 -0.84 24.53
C ARG A 14 -24.43 -1.06 24.07
N ARG A 15 -25.16 -1.90 24.80
CA ARG A 15 -26.58 -2.20 24.60
C ARG A 15 -27.31 -0.86 24.64
N HIS A 16 -26.99 -0.05 25.63
CA HIS A 16 -27.61 1.27 25.69
C HIS A 16 -27.32 2.14 24.43
N ALA A 17 -26.09 2.17 23.94
CA ALA A 17 -25.73 3.02 22.82
C ALA A 17 -26.40 2.51 21.50
N GLN A 18 -26.41 1.19 21.30
CA GLN A 18 -27.09 0.61 20.16
C GLN A 18 -28.58 0.97 20.22
N ALA A 19 -29.24 0.64 21.34
CA ALA A 19 -30.65 1.00 21.53
C ALA A 19 -30.90 2.44 21.19
N PHE A 20 -30.10 3.38 21.68
CA PHE A 20 -30.27 4.78 21.33
C PHE A 20 -29.96 5.12 19.87
N ALA A 21 -29.03 4.44 19.22
CA ALA A 21 -28.73 4.78 17.84
C ALA A 21 -29.85 4.29 16.90
N ASN A 22 -30.34 3.05 17.13
CA ASN A 22 -31.46 2.49 16.39
C ASN A 22 -32.80 3.19 16.55
N THR A 23 -33.21 3.43 17.79
CA THR A 23 -34.52 3.98 18.07
C THR A 23 -34.58 5.50 17.90
N VAL A 24 -33.47 6.18 18.10
CA VAL A 24 -33.47 7.65 17.99
C VAL A 24 -32.74 8.20 16.77
N LEU A 25 -31.51 7.76 16.55
CA LEU A 25 -30.66 8.38 15.53
C LEU A 25 -31.08 8.09 14.06
N THR A 26 -31.57 6.87 13.80
CA THR A 26 -32.10 6.49 12.49
C THR A 26 -33.29 7.32 12.02
N LYS A 27 -33.88 8.10 12.93
CA LYS A 27 -34.99 8.95 12.62
C LYS A 27 -34.54 10.33 12.19
N ALA A 28 -33.21 10.59 12.24
CA ALA A 28 -32.65 11.96 12.06
C ALA A 28 -32.56 12.41 10.62
N SER A 29 -32.07 11.50 9.78
CA SER A 29 -32.03 11.62 8.33
C SER A 29 -33.31 12.23 7.63
N ALA A 30 -34.47 11.74 8.07
CA ALA A 30 -35.78 12.16 7.56
C ALA A 30 -35.99 13.62 7.80
N GLU A 31 -35.35 14.18 8.83
CA GLU A 31 -35.46 15.62 9.17
C GLU A 31 -34.38 16.50 8.55
N TYR A 32 -33.13 16.04 8.63
CA TYR A 32 -32.00 16.85 8.14
C TYR A 32 -31.86 16.81 6.61
N SER A 33 -32.23 15.69 5.98
CA SER A 33 -32.13 15.55 4.50
C SER A 33 -32.88 16.59 3.69
N THR A 34 -33.94 17.12 4.28
CA THR A 34 -34.86 17.96 3.57
C THR A 34 -34.41 19.40 3.67
N GLN A 35 -33.18 19.62 4.14
CA GLN A 35 -32.68 20.99 4.36
C GLN A 35 -31.56 21.39 3.41
N LYS A 36 -31.42 22.68 3.21
CA LYS A 36 -30.63 23.23 2.10
C LYS A 36 -29.15 23.64 2.42
N ASP A 37 -28.84 23.84 3.71
CA ASP A 37 -27.50 24.36 4.10
C ASP A 37 -26.99 23.69 5.39
N GLN A 38 -25.66 23.70 5.62
CA GLN A 38 -25.05 23.10 6.82
C GLN A 38 -25.85 23.46 8.06
N LEU A 39 -26.07 24.77 8.26
CA LEU A 39 -26.66 25.30 9.51
C LEU A 39 -28.06 24.77 9.81
N SER A 40 -28.89 24.69 8.76
CA SER A 40 -30.26 24.10 8.79
C SER A 40 -30.25 22.66 9.15
N ARG A 41 -29.32 21.95 8.57
CA ARG A 41 -29.16 20.54 8.82
C ARG A 41 -28.66 20.32 10.29
N PHE A 42 -27.80 21.22 10.78
CA PHE A 42 -27.41 21.22 12.18
C PHE A 42 -28.60 21.58 13.06
N GLN A 43 -29.25 22.72 12.81
CA GLN A 43 -30.47 23.05 13.58
C GLN A 43 -31.54 21.91 13.60
N ALA A 44 -31.68 21.20 12.49
CA ALA A 44 -32.68 20.14 12.36
C ALA A 44 -32.40 18.96 13.28
N THR A 45 -31.18 18.92 13.77
CA THR A 45 -30.59 17.83 14.58
C THR A 45 -30.90 18.03 16.10
N ARG A 46 -31.31 19.26 16.45
CA ARG A 46 -31.52 19.70 17.82
C ARG A 46 -32.34 18.75 18.67
N PRO A 47 -33.51 18.26 18.19
CA PRO A 47 -34.31 17.26 18.91
C PRO A 47 -33.60 15.96 19.25
N PHE A 48 -32.58 15.61 18.46
CA PHE A 48 -31.83 14.33 18.65
C PHE A 48 -30.75 14.53 19.71
N TYR A 49 -30.12 15.70 19.66
CA TYR A 49 -29.29 16.13 20.74
C TYR A 49 -30.08 16.21 22.04
N ARG A 50 -31.29 16.80 22.01
CA ARG A 50 -32.20 16.85 23.19
C ARG A 50 -32.48 15.43 23.78
N GLU A 51 -32.76 14.47 22.93
CA GLU A 51 -32.93 13.09 23.39
C GLU A 51 -31.68 12.49 23.99
N ALA A 52 -30.53 12.88 23.45
CA ALA A 52 -29.23 12.34 23.88
C ALA A 52 -28.92 12.76 25.33
N VAL A 53 -29.15 14.03 25.64
CA VAL A 53 -29.02 14.50 26.99
C VAL A 53 -29.94 13.69 27.91
N ARG A 54 -31.20 13.54 27.47
CA ARG A 54 -32.26 12.85 28.22
C ARG A 54 -31.85 11.41 28.47
N HIS A 55 -30.99 10.87 27.58
CA HIS A 55 -30.52 9.48 27.63
C HIS A 55 -29.20 9.33 28.44
N GLY A 56 -28.66 10.49 28.85
CA GLY A 56 -27.53 10.54 29.77
C GLY A 56 -26.22 10.81 29.05
N LEU A 57 -26.29 10.90 27.72
CA LEU A 57 -25.08 10.73 26.92
C LEU A 57 -24.16 11.90 27.01
N ILE A 58 -24.68 13.08 27.37
CA ILE A 58 -23.84 14.26 27.52
C ILE A 58 -23.24 14.21 28.93
N LYS A 59 -23.99 13.64 29.87
CA LYS A 59 -23.62 13.64 31.25
C LYS A 59 -22.46 12.65 31.34
N ALA A 60 -22.54 11.61 30.51
CA ALA A 60 -21.51 10.60 30.37
C ALA A 60 -20.24 11.05 29.60
N GLN A 61 -20.16 12.32 29.23
CA GLN A 61 -18.92 12.96 28.73
C GLN A 61 -18.06 13.57 29.83
N VAL A 62 -18.59 13.50 31.03
CA VAL A 62 -18.04 14.15 32.21
C VAL A 62 -17.72 13.08 33.23
N PRO A 63 -16.50 13.13 33.77
CA PRO A 63 -16.08 12.18 34.81
C PRO A 63 -16.96 12.15 36.07
N ILE A 64 -17.18 10.92 36.59
CA ILE A 64 -17.88 10.70 37.88
C ILE A 64 -17.52 11.64 39.06
N PRO A 65 -16.21 11.79 39.41
CA PRO A 65 -15.81 12.67 40.52
C PRO A 65 -16.07 14.18 40.29
N LEU A 66 -16.31 14.57 39.03
CA LEU A 66 -16.67 15.93 38.68
C LEU A 66 -18.22 16.03 38.51
N GLY A 67 -18.92 14.97 38.94
CA GLY A 67 -20.39 14.97 38.93
C GLY A 67 -21.10 14.29 37.76
N GLY A 68 -20.33 13.85 36.75
CA GLY A 68 -20.89 13.25 35.54
C GLY A 68 -21.12 11.77 35.73
N THR A 69 -21.25 11.05 34.62
CA THR A 69 -21.44 9.62 34.68
C THR A 69 -20.43 8.82 33.84
N MET A 70 -19.40 9.48 33.31
CA MET A 70 -18.38 8.78 32.55
C MET A 70 -17.67 7.71 33.37
N GLU A 71 -17.77 6.47 32.91
CA GLU A 71 -17.31 5.35 33.70
C GLU A 71 -15.82 5.05 33.50
N SER A 72 -15.31 5.28 32.28
CA SER A 72 -13.95 4.95 31.76
C SER A 72 -13.92 5.27 30.27
N LEU A 73 -12.72 5.30 29.70
CA LEU A 73 -12.51 5.78 28.34
C LEU A 73 -12.70 4.64 27.38
N VAL A 74 -12.52 3.41 27.85
CA VAL A 74 -13.01 2.28 27.12
C VAL A 74 -14.56 2.30 27.01
N HIS A 75 -15.27 2.67 28.10
CA HIS A 75 -16.72 2.80 28.08
C HIS A 75 -17.11 3.81 27.01
N GLU A 76 -16.42 4.94 27.00
CA GLU A 76 -16.59 5.96 26.00
C GLU A 76 -16.36 5.46 24.57
N SER A 77 -15.34 4.60 24.42
CA SER A 77 -14.91 4.08 23.12
C SER A 77 -15.97 3.20 22.50
N ILE A 78 -16.43 2.23 23.28
CA ILE A 78 -17.51 1.33 22.95
C ILE A 78 -18.76 2.09 22.46
N ILE A 79 -19.15 3.12 23.20
CA ILE A 79 -20.35 3.92 22.92
C ILE A 79 -20.16 4.69 21.60
N LEU A 80 -19.03 5.37 21.40
CA LEU A 80 -18.78 6.11 20.14
C LEU A 80 -18.75 5.25 18.86
N GLU A 81 -18.00 4.17 18.81
CA GLU A 81 -18.18 3.11 17.82
C GLU A 81 -19.64 2.76 18.11
N GLU A 82 -20.47 2.24 17.28
CA GLU A 82 -21.92 2.07 17.81
C GLU A 82 -22.80 3.25 17.47
N LEU A 83 -22.51 4.42 18.05
CA LEU A 83 -23.16 5.64 17.62
C LEU A 83 -22.73 5.93 16.21
N PHE A 84 -21.41 5.81 15.96
CA PHE A 84 -20.86 6.19 14.64
C PHE A 84 -21.07 5.10 13.56
N ALA A 85 -21.30 3.86 13.97
CA ALA A 85 -21.69 2.77 13.08
C ALA A 85 -23.13 2.91 12.50
N VAL A 86 -23.90 3.89 12.98
CA VAL A 86 -25.31 4.07 12.61
C VAL A 86 -25.48 5.47 12.04
N GLU A 87 -25.20 6.48 12.83
CA GLU A 87 -25.45 7.84 12.41
C GLU A 87 -24.49 8.84 13.14
N PRO A 88 -23.53 9.39 12.41
CA PRO A 88 -22.66 10.49 12.85
C PRO A 88 -23.37 11.79 13.20
N ALA A 89 -24.57 12.02 12.69
CA ALA A 89 -25.30 13.25 13.01
C ALA A 89 -25.62 13.14 14.50
N THR A 90 -25.59 14.28 15.18
CA THR A 90 -25.75 14.30 16.65
C THR A 90 -24.60 13.66 17.43
N SER A 91 -24.26 12.41 17.10
CA SER A 91 -23.07 11.72 17.65
C SER A 91 -21.81 12.60 17.70
N ILE A 92 -21.60 13.38 16.64
CA ILE A 92 -20.48 14.27 16.45
C ILE A 92 -20.69 15.52 17.30
N THR A 93 -21.93 15.84 17.60
CA THR A 93 -22.18 16.98 18.49
C THR A 93 -21.75 16.62 19.90
N ILE A 94 -22.17 15.46 20.37
CA ILE A 94 -21.76 14.92 21.64
C ILE A 94 -20.23 14.92 21.87
N VAL A 95 -19.47 14.30 20.95
CA VAL A 95 -18.02 14.31 21.00
C VAL A 95 -17.45 15.73 20.87
N ALA A 96 -18.01 16.59 20.04
CA ALA A 96 -17.50 17.98 20.06
C ALA A 96 -17.73 18.71 21.40
N THR A 97 -18.76 18.29 22.15
CA THR A 97 -19.08 18.92 23.44
C THR A 97 -18.07 18.40 24.42
N ALA A 98 -17.78 17.12 24.33
CA ALA A 98 -16.75 16.49 25.13
C ALA A 98 -15.35 17.19 25.01
N LEU A 99 -14.85 17.40 23.81
CA LEU A 99 -13.63 18.14 23.63
C LEU A 99 -13.74 19.50 24.26
N GLY A 100 -14.89 20.13 24.07
CA GLY A 100 -15.08 21.51 24.57
C GLY A 100 -15.10 21.59 26.08
N LEU A 101 -15.50 20.50 26.73
CA LEU A 101 -15.50 20.38 28.17
C LEU A 101 -14.18 19.94 28.77
N MET A 102 -13.23 19.53 27.93
CA MET A 102 -11.99 18.86 28.37
C MET A 102 -11.05 19.80 29.07
N PRO A 103 -10.76 20.98 28.51
CA PRO A 103 -9.83 21.80 29.27
C PRO A 103 -10.35 22.21 30.65
N VAL A 104 -11.65 22.17 30.88
CA VAL A 104 -12.24 22.36 32.22
C VAL A 104 -12.11 21.10 33.11
N ILE A 105 -12.62 19.99 32.59
CA ILE A 105 -12.33 18.65 33.17
C ILE A 105 -10.87 18.45 33.66
N LEU A 106 -9.92 18.96 32.89
CA LEU A 106 -8.52 18.64 33.09
C LEU A 106 -7.81 19.72 33.91
N CYS A 107 -8.43 20.91 34.01
CA CYS A 107 -7.85 21.87 34.92
C CYS A 107 -7.95 21.41 36.40
N ASP A 108 -7.33 22.17 37.29
CA ASP A 108 -7.14 21.72 38.65
C ASP A 108 -7.95 22.60 39.64
N SER A 109 -8.89 23.41 39.13
CA SER A 109 -9.72 24.30 39.95
C SER A 109 -11.20 23.87 40.09
N PRO A 110 -11.57 23.28 41.22
CA PRO A 110 -12.93 22.86 41.55
C PRO A 110 -14.04 23.92 41.48
N SER A 111 -13.75 25.19 41.79
CA SER A 111 -14.78 26.22 41.61
C SER A 111 -15.15 26.52 40.13
N LEU A 112 -14.15 26.47 39.24
CA LEU A 112 -14.35 26.66 37.81
C LEU A 112 -15.10 25.43 37.21
N GLN A 113 -14.62 24.24 37.57
CA GLN A 113 -15.31 23.01 37.27
C GLN A 113 -16.80 22.99 37.72
N GLU A 114 -17.10 23.22 39.00
CA GLU A 114 -18.49 23.32 39.54
C GLU A 114 -19.40 24.23 38.69
N LYS A 115 -18.90 25.42 38.40
CA LYS A 115 -19.64 26.47 37.76
C LYS A 115 -19.96 26.15 36.34
N PHE A 116 -18.91 25.79 35.60
CA PHE A 116 -18.95 25.71 34.14
C PHE A 116 -19.43 24.37 33.66
N LEU A 117 -19.28 23.34 34.47
CA LEU A 117 -19.76 22.02 34.07
C LEU A 117 -21.21 21.72 34.46
N LYS A 118 -21.87 22.66 35.13
CA LYS A 118 -23.14 22.36 35.77
C LYS A 118 -24.23 22.04 34.73
N PRO A 119 -24.39 22.89 33.66
CA PRO A 119 -25.34 22.64 32.55
C PRO A 119 -25.24 21.24 31.91
N PHE A 120 -24.02 20.77 31.75
CA PHE A 120 -23.69 19.56 31.01
C PHE A 120 -23.89 18.31 31.85
N ILE A 121 -24.04 18.46 33.16
CA ILE A 121 -24.37 17.29 34.04
C ILE A 121 -25.83 17.29 34.51
N SER A 122 -26.60 18.30 34.08
CA SER A 122 -27.95 18.56 34.57
C SER A 122 -29.06 17.62 34.08
N GLY A 123 -28.89 16.98 32.92
CA GLY A 123 -29.91 16.06 32.38
C GLY A 123 -30.93 16.78 31.54
N GLU A 124 -30.69 18.07 31.33
CA GLU A 124 -31.67 18.93 30.72
C GLU A 124 -31.08 19.94 29.71
N GLY A 125 -31.91 20.29 28.71
CA GLY A 125 -31.56 21.30 27.71
C GLY A 125 -30.80 20.61 26.57
N GLU A 126 -30.16 21.45 25.76
CA GLU A 126 -29.24 21.00 24.70
C GLU A 126 -27.98 21.83 24.80
N PRO A 127 -27.26 21.78 25.93
CA PRO A 127 -26.10 22.65 26.02
C PRO A 127 -24.92 22.12 25.14
N LEU A 128 -24.23 23.04 24.50
CA LEU A 128 -23.19 22.80 23.54
C LEU A 128 -21.91 23.33 24.12
N ALA A 129 -20.78 22.67 23.87
CA ALA A 129 -19.47 23.23 24.16
C ALA A 129 -18.59 23.00 22.90
N SER A 130 -17.57 23.84 22.79
CA SER A 130 -16.71 23.86 21.66
C SER A 130 -15.34 24.25 22.17
N LEU A 131 -14.29 23.57 21.71
CA LEU A 131 -12.92 24.02 21.86
C LEU A 131 -12.46 24.77 20.60
N MET A 132 -12.32 26.08 20.71
CA MET A 132 -12.08 26.92 19.57
C MET A 132 -10.60 27.17 19.41
N HIS A 133 -9.99 26.36 18.55
CA HIS A 133 -8.56 26.35 18.37
C HIS A 133 -8.18 26.72 16.93
N SER A 134 -8.70 25.94 15.99
CA SER A 134 -8.43 26.10 14.53
C SER A 134 -8.72 27.51 13.96
N GLU A 135 -7.95 27.89 12.96
CA GLU A 135 -7.86 29.24 12.41
C GLU A 135 -7.83 29.18 10.89
N PRO A 136 -8.35 30.21 10.22
CA PRO A 136 -8.38 30.24 8.76
C PRO A 136 -7.01 30.05 8.10
N ASN A 137 -5.95 30.47 8.77
CA ASN A 137 -4.59 30.33 8.21
C ASN A 137 -3.90 28.99 8.52
N GLY A 138 -4.54 28.14 9.31
CA GLY A 138 -4.02 26.86 9.70
C GLY A 138 -3.39 26.90 11.05
N THR A 139 -3.14 25.73 11.65
CA THR A 139 -2.61 25.61 13.02
C THR A 139 -1.51 24.50 13.17
N ALA A 140 -1.21 23.80 12.09
CA ALA A 140 -0.16 22.83 12.12
C ALA A 140 1.11 23.41 12.77
N ASN A 141 1.34 24.69 12.53
CA ASN A 141 2.52 25.35 12.97
C ASN A 141 2.28 26.38 14.08
N TRP A 142 1.22 26.27 14.85
CA TRP A 142 0.95 27.30 15.86
C TRP A 142 2.03 27.47 16.95
N LEU A 143 2.83 26.43 17.20
CA LEU A 143 3.89 26.45 18.24
C LEU A 143 5.30 26.59 17.65
N GLN A 144 5.39 26.86 16.36
CA GLN A 144 6.66 27.13 15.71
C GLN A 144 7.24 28.42 16.22
N LYS A 145 8.43 28.29 16.82
CA LYS A 145 9.25 29.44 17.15
C LYS A 145 9.72 30.21 15.89
N GLY A 146 9.49 31.51 15.93
CA GLY A 146 9.82 32.38 14.83
C GLY A 146 8.76 32.47 13.74
N GLY A 147 7.66 31.73 13.90
CA GLY A 147 6.54 31.79 12.97
C GLY A 147 5.50 32.75 13.56
N PRO A 148 4.43 33.06 12.79
CA PRO A 148 3.40 34.01 13.16
C PRO A 148 2.53 33.61 14.34
N GLY A 149 2.37 32.31 14.57
CA GLY A 149 1.62 31.82 15.75
C GLY A 149 0.14 32.01 15.51
N LEU A 150 -0.71 31.70 16.49
CA LEU A 150 -2.15 31.98 16.40
C LEU A 150 -2.48 33.42 15.97
N GLN A 151 -3.56 33.58 15.22
CA GLN A 151 -4.02 34.89 14.77
C GLN A 151 -5.18 35.47 15.60
N THR A 152 -5.74 34.64 16.49
CA THR A 152 -6.57 35.07 17.58
C THR A 152 -5.62 35.41 18.72
N THR A 153 -5.51 36.68 19.03
CA THR A 153 -4.73 37.16 20.18
C THR A 153 -5.61 37.73 21.30
N ALA A 154 -5.04 37.78 22.50
CA ALA A 154 -5.65 38.32 23.68
C ALA A 154 -4.69 39.27 24.37
N ARG A 155 -5.24 40.29 24.99
CA ARG A 155 -4.47 41.24 25.77
C ARG A 155 -5.27 41.59 27.01
N LYS A 156 -4.55 41.93 28.08
CA LYS A 156 -5.21 42.31 29.31
C LYS A 156 -5.45 43.79 29.30
N VAL A 157 -6.72 44.16 29.51
CA VAL A 157 -7.07 45.57 29.69
C VAL A 157 -7.79 45.81 31.03
N GLY A 158 -7.05 46.38 31.99
CA GLY A 158 -7.57 46.48 33.34
C GLY A 158 -7.90 45.11 33.94
N ASN A 159 -9.17 44.86 34.19
CA ASN A 159 -9.62 43.62 34.84
C ASN A 159 -10.36 42.68 33.88
N GLU A 160 -10.13 42.87 32.59
CA GLU A 160 -10.65 41.90 31.63
C GLU A 160 -9.70 41.59 30.44
N TRP A 161 -10.05 40.59 29.63
CA TRP A 161 -9.25 40.22 28.45
C TRP A 161 -9.95 40.58 27.17
N VAL A 162 -9.18 41.07 26.19
CA VAL A 162 -9.70 41.49 24.89
C VAL A 162 -9.12 40.67 23.70
N ILE A 163 -9.95 39.69 23.33
CA ILE A 163 -9.78 38.86 22.14
C ILE A 163 -9.96 39.64 20.82
N SER A 164 -8.99 39.51 19.92
CA SER A 164 -9.14 39.97 18.54
C SER A 164 -8.67 38.85 17.58
N GLY A 165 -9.50 38.50 16.61
CA GLY A 165 -9.10 37.65 15.48
C GLY A 165 -10.11 36.58 15.15
N GLU A 166 -9.76 35.69 14.22
CA GLU A 166 -10.74 34.74 13.68
C GLU A 166 -10.42 33.29 13.99
N LYS A 167 -11.47 32.53 14.29
CA LYS A 167 -11.50 31.06 14.31
C LYS A 167 -12.26 30.45 13.14
N LEU A 168 -11.78 29.29 12.66
CA LEU A 168 -12.45 28.46 11.63
C LEU A 168 -12.49 26.98 12.02
N TRP A 169 -13.62 26.28 11.76
CA TRP A 169 -13.77 24.81 11.96
C TRP A 169 -14.29 24.36 13.32
N PRO A 170 -14.15 25.19 14.39
CA PRO A 170 -14.51 24.67 15.71
C PRO A 170 -15.93 24.21 15.83
N SER A 171 -16.08 22.90 15.90
CA SER A 171 -17.38 22.29 16.06
C SER A 171 -18.18 22.94 17.19
N ASN A 172 -19.36 23.48 16.83
CA ASN A 172 -20.45 23.80 17.74
C ASN A 172 -20.33 25.20 18.25
N SER A 173 -19.42 25.97 17.70
CA SER A 173 -18.94 27.15 18.42
C SER A 173 -19.93 28.33 18.43
N GLY A 174 -20.75 28.37 17.39
CA GLY A 174 -21.77 29.37 17.26
C GLY A 174 -23.01 29.00 18.04
N GLY A 175 -23.16 27.73 18.36
CA GLY A 175 -24.36 27.26 19.09
C GLY A 175 -25.48 26.81 18.16
N TRP A 176 -26.69 26.68 18.67
CA TRP A 176 -27.77 26.36 17.75
C TRP A 176 -28.20 27.53 16.85
N ASP A 177 -27.83 28.77 17.20
CA ASP A 177 -28.51 29.96 16.67
C ASP A 177 -27.55 31.14 16.45
N TYR A 178 -26.25 30.83 16.54
CA TYR A 178 -25.16 31.75 16.28
C TYR A 178 -24.95 32.85 17.33
N LYS A 179 -25.53 32.64 18.51
CA LYS A 179 -25.37 33.55 19.69
C LYS A 179 -24.36 32.93 20.71
N GLY A 180 -23.80 31.78 20.31
CA GLY A 180 -22.67 31.13 20.97
C GLY A 180 -22.99 29.76 21.52
N ALA A 181 -21.93 29.00 21.79
CA ALA A 181 -22.06 27.69 22.46
C ALA A 181 -22.27 28.00 23.93
N ASP A 182 -22.98 27.14 24.63
CA ASP A 182 -23.13 27.29 26.05
C ASP A 182 -21.78 27.42 26.82
N LEU A 183 -20.71 26.77 26.34
CA LEU A 183 -19.35 26.99 26.85
C LEU A 183 -18.39 26.86 25.70
N ALA A 184 -17.57 27.89 25.47
CA ALA A 184 -16.46 27.83 24.52
C ALA A 184 -15.15 28.10 25.24
N CYS A 185 -14.20 27.19 25.13
CA CYS A 185 -12.81 27.48 25.49
C CYS A 185 -12.11 27.99 24.27
N VAL A 186 -11.80 29.29 24.25
CA VAL A 186 -11.12 29.95 23.12
C VAL A 186 -9.58 29.96 23.36
N VAL A 187 -8.82 29.39 22.43
CA VAL A 187 -7.37 29.32 22.57
C VAL A 187 -6.79 30.55 21.87
N CYS A 188 -5.98 31.34 22.58
CA CYS A 188 -5.43 32.58 22.03
C CYS A 188 -3.97 32.68 22.31
N ARG A 189 -3.28 33.48 21.51
CA ARG A 189 -1.89 33.78 21.73
C ARG A 189 -1.91 35.13 22.41
N VAL A 190 -1.28 35.24 23.59
CA VAL A 190 -1.12 36.56 24.23
C VAL A 190 -0.24 37.50 23.40
N SER A 191 -0.82 38.64 23.00
CA SER A 191 -0.08 39.77 22.35
C SER A 191 -0.61 41.12 22.80
N ASP A 192 0.26 41.98 23.34
CA ASP A 192 -0.09 43.38 23.68
C ASP A 192 -0.48 44.23 22.49
N ASP A 193 0.34 44.29 21.46
CA ASP A 193 -0.03 44.96 20.21
C ASP A 193 -0.24 43.92 19.12
N PRO A 194 -1.51 43.46 18.94
CA PRO A 194 -1.83 42.41 17.99
C PRO A 194 -1.56 42.73 16.51
N SER A 195 -1.14 43.96 16.19
CA SER A 195 -0.73 44.32 14.84
C SER A 195 0.81 44.19 14.63
N LYS A 196 1.51 43.80 15.70
CA LYS A 196 2.94 43.43 15.66
C LYS A 196 3.07 41.91 15.64
N PRO A 197 4.07 41.39 14.89
CA PRO A 197 4.33 39.96 14.80
C PRO A 197 4.71 39.30 16.13
N GLN A 198 4.45 38.01 16.27
CA GLN A 198 4.98 37.27 17.39
C GLN A 198 6.48 37.47 17.40
N ASP A 199 7.00 37.75 18.58
CA ASP A 199 8.43 37.87 18.82
C ASP A 199 9.15 36.53 18.47
N PRO A 200 10.12 36.55 17.54
CA PRO A 200 10.85 35.32 17.16
C PRO A 200 11.65 34.67 18.29
N ASN A 201 11.65 35.31 19.44
CA ASN A 201 12.59 35.02 20.51
C ASN A 201 11.95 34.41 21.74
N VAL A 202 10.63 34.32 21.73
CA VAL A 202 9.88 33.67 22.79
C VAL A 202 9.35 32.30 22.28
N ASP A 203 9.49 31.27 23.11
CA ASP A 203 8.77 30.04 22.88
C ASP A 203 7.27 30.37 22.81
N PRO A 204 6.64 30.12 21.64
CA PRO A 204 5.20 30.24 21.48
C PRO A 204 4.38 29.54 22.53
N ALA A 205 4.84 28.42 23.07
CA ALA A 205 4.04 27.75 24.09
C ALA A 205 3.88 28.58 25.36
N THR A 206 4.75 29.58 25.57
CA THR A 206 4.70 30.39 26.80
C THR A 206 3.66 31.51 26.75
N GLN A 207 2.96 31.67 25.61
CA GLN A 207 2.08 32.83 25.34
C GLN A 207 0.67 32.40 25.11
N ILE A 208 0.41 31.13 25.34
CA ILE A 208 -0.87 30.57 25.08
C ILE A 208 -1.80 30.93 26.24
N ALA A 209 -2.99 31.47 25.92
CA ALA A 209 -4.06 31.62 26.94
C ALA A 209 -5.36 30.89 26.54
N VAL A 210 -6.12 30.40 27.51
CA VAL A 210 -7.46 29.87 27.24
C VAL A 210 -8.49 30.73 27.98
N LEU A 211 -9.50 31.16 27.24
CA LEU A 211 -10.54 31.99 27.77
C LEU A 211 -11.87 31.32 27.52
N LEU A 212 -12.63 31.16 28.60
CA LEU A 212 -13.97 30.65 28.54
C LEU A 212 -14.87 31.82 28.12
N VAL A 213 -15.70 31.59 27.10
CA VAL A 213 -16.59 32.59 26.48
C VAL A 213 -17.95 31.93 26.48
N THR A 214 -18.93 32.51 27.20
CA THR A 214 -20.33 31.94 27.20
C THR A 214 -21.32 32.70 26.30
N ARG A 215 -22.55 32.18 26.23
CA ARG A 215 -23.66 32.90 25.57
C ARG A 215 -23.78 34.28 26.19
N GLU A 216 -23.59 34.31 27.51
CA GLU A 216 -23.56 35.55 28.28
C GLU A 216 -22.46 36.53 27.91
N THR A 217 -21.21 36.06 27.82
CA THR A 217 -20.07 36.96 27.50
C THR A 217 -20.32 37.71 26.20
N ILE A 218 -20.91 37.00 25.23
CA ILE A 218 -21.28 37.50 23.90
C ILE A 218 -22.46 38.48 24.01
N ALA A 219 -23.55 38.05 24.68
CA ALA A 219 -24.63 38.95 25.08
C ALA A 219 -24.11 40.20 25.81
N ASN A 220 -23.02 40.12 26.58
CA ASN A 220 -22.46 41.35 27.19
C ASN A 220 -21.50 42.16 26.31
N ASN A 221 -21.47 41.87 25.01
CA ASN A 221 -20.59 42.61 24.10
C ASN A 221 -21.42 43.23 23.00
N LYS A 222 -20.84 44.19 22.28
CA LYS A 222 -21.45 44.80 21.09
C LYS A 222 -21.81 43.70 20.10
N LYS A 223 -22.80 43.97 19.24
CA LYS A 223 -23.20 42.96 18.28
C LYS A 223 -22.06 42.63 17.30
N ASP A 224 -21.27 43.62 16.92
CA ASP A 224 -20.25 43.35 15.90
C ASP A 224 -18.86 42.96 16.45
N ALA A 225 -18.86 42.48 17.71
CA ALA A 225 -17.67 42.10 18.45
C ALA A 225 -17.51 40.58 18.37
N TYR A 226 -18.53 39.96 17.80
CA TYR A 226 -18.62 38.53 17.58
C TYR A 226 -19.54 38.34 16.36
N GLN A 227 -18.88 38.07 15.24
CA GLN A 227 -19.55 37.91 13.97
C GLN A 227 -19.25 36.52 13.40
N ILE A 228 -20.30 35.74 13.10
CA ILE A 228 -20.15 34.54 12.29
C ILE A 228 -20.07 35.00 10.84
N LEU A 229 -18.91 34.83 10.22
CA LEU A 229 -18.72 35.19 8.80
C LEU A 229 -19.07 34.08 7.80
N GLY A 230 -19.42 32.88 8.26
CA GLY A 230 -19.54 31.79 7.34
C GLY A 230 -19.76 30.48 8.02
N GLU A 231 -20.24 29.51 7.23
CA GLU A 231 -20.38 28.14 7.67
C GLU A 231 -19.97 27.21 6.52
N PRO A 232 -18.75 26.62 6.60
CA PRO A 232 -18.24 25.71 5.54
C PRO A 232 -19.26 24.63 5.11
N GLU A 233 -19.44 24.44 3.81
CA GLU A 233 -20.23 23.30 3.33
C GLU A 233 -19.21 22.17 3.20
N LEU A 234 -19.40 21.11 3.97
CA LEU A 234 -18.40 20.05 4.08
C LEU A 234 -18.83 18.93 3.18
N ALA A 235 -17.87 18.10 2.74
CA ALA A 235 -18.15 16.86 2.04
C ALA A 235 -19.07 15.88 2.78
N GLY A 236 -18.72 15.54 4.02
CA GLY A 236 -19.49 14.58 4.88
C GLY A 236 -19.74 15.24 6.21
N HIS A 237 -20.37 14.53 7.14
CA HIS A 237 -20.79 15.11 8.42
C HIS A 237 -21.50 16.45 8.15
N ILE A 238 -22.53 16.40 7.31
CA ILE A 238 -23.14 17.60 6.67
C ILE A 238 -24.08 18.27 7.63
N THR A 239 -24.28 17.60 8.76
CA THR A 239 -25.10 18.15 9.85
C THR A 239 -24.31 18.78 11.06
N THR A 240 -22.98 18.89 10.96
CA THR A 240 -22.19 19.54 11.98
C THR A 240 -22.16 21.02 11.68
N SER A 241 -21.82 21.81 12.71
CA SER A 241 -21.55 23.21 12.52
C SER A 241 -20.18 23.54 13.10
N GLY A 242 -19.42 24.37 12.39
CA GLY A 242 -18.07 24.74 12.72
C GLY A 242 -17.81 26.02 11.96
N PRO A 243 -18.42 27.14 12.42
CA PRO A 243 -18.35 28.32 11.60
C PRO A 243 -17.00 29.01 11.55
N HIS A 244 -16.97 30.07 10.76
CA HIS A 244 -15.93 31.03 10.73
C HIS A 244 -16.45 32.25 11.59
N THR A 245 -15.72 32.56 12.68
CA THR A 245 -16.10 33.51 13.71
C THR A 245 -15.01 34.58 13.75
N ARG A 246 -15.39 35.87 13.69
CA ARG A 246 -14.45 36.96 13.90
C ARG A 246 -14.70 37.60 15.27
N PHE A 247 -13.68 37.61 16.14
CA PHE A 247 -13.72 38.31 17.41
C PHE A 247 -13.14 39.68 17.11
N THR A 248 -13.89 40.73 17.43
CA THR A 248 -13.36 42.07 17.25
C THR A 248 -13.52 42.86 18.53
N GLU A 249 -12.38 43.15 19.18
CA GLU A 249 -12.31 43.79 20.50
C GLU A 249 -13.33 43.15 21.47
N PHE A 250 -13.29 41.81 21.59
CA PHE A 250 -14.26 41.06 22.36
C PHE A 250 -13.78 40.90 23.83
N HIS A 251 -14.56 41.49 24.75
CA HIS A 251 -14.26 41.54 26.18
C HIS A 251 -14.64 40.27 26.97
N VAL A 252 -13.62 39.65 27.57
CA VAL A 252 -13.86 38.53 28.49
C VAL A 252 -13.40 38.94 29.92
N PRO A 253 -14.20 38.60 30.95
CA PRO A 253 -13.84 38.79 32.35
C PRO A 253 -12.60 37.97 32.74
N HIS A 254 -11.71 38.53 33.56
CA HIS A 254 -10.55 37.80 34.05
C HIS A 254 -10.90 36.47 34.74
N GLU A 255 -12.08 36.37 35.33
CA GLU A 255 -12.52 35.17 36.03
C GLU A 255 -12.89 34.08 35.02
N ASN A 256 -12.67 34.40 33.75
CA ASN A 256 -12.99 33.46 32.70
C ASN A 256 -11.70 32.81 32.16
N LEU A 257 -10.55 33.35 32.59
CA LEU A 257 -9.25 32.79 32.32
C LEU A 257 -9.16 31.44 33.01
N LEU A 258 -8.95 30.40 32.23
CA LEU A 258 -9.04 29.08 32.77
C LEU A 258 -7.77 28.79 33.55
N CYS A 259 -6.73 29.56 33.29
CA CYS A 259 -5.55 29.55 34.14
C CYS A 259 -4.57 30.63 33.70
N THR A 260 -3.43 30.68 34.37
CA THR A 260 -2.34 31.57 34.02
C THR A 260 -1.84 31.24 32.60
N PRO A 261 -1.78 32.25 31.71
CA PRO A 261 -1.25 32.14 30.34
C PRO A 261 0.14 31.55 30.33
N GLY A 262 0.45 30.75 29.29
CA GLY A 262 1.78 30.15 29.16
C GLY A 262 1.72 28.64 29.09
N LEU A 263 2.87 27.98 29.35
CA LEU A 263 2.99 26.53 29.33
C LEU A 263 1.92 25.65 30.00
N LYS A 264 1.28 26.09 31.08
CA LYS A 264 0.18 25.28 31.68
C LYS A 264 -1.05 25.24 30.78
N ALA A 265 -1.31 26.40 30.16
CA ALA A 265 -2.44 26.58 29.28
C ALA A 265 -2.17 25.74 28.03
N GLN A 266 -0.99 25.84 27.42
CA GLN A 266 -0.69 25.01 26.24
C GLN A 266 -0.82 23.53 26.58
N GLY A 267 -0.35 23.17 27.78
CA GLY A 267 -0.42 21.82 28.30
C GLY A 267 -1.82 21.30 28.42
N LEU A 268 -2.76 22.10 28.94
CA LEU A 268 -4.18 21.64 29.01
C LEU A 268 -4.81 21.35 27.66
N VAL A 269 -4.46 22.15 26.66
CA VAL A 269 -4.85 22.05 25.25
C VAL A 269 -4.26 20.85 24.54
N GLU A 270 -2.95 20.67 24.67
CA GLU A 270 -2.28 19.46 24.26
C GLU A 270 -2.88 18.16 24.83
N THR A 271 -3.17 18.15 26.11
CA THR A 271 -3.77 16.98 26.76
C THR A 271 -5.21 16.77 26.27
N ALA A 272 -5.91 17.86 26.00
CA ALA A 272 -7.25 17.77 25.47
C ALA A 272 -7.21 17.15 24.09
N PHE A 273 -6.35 17.65 23.21
CA PHE A 273 -6.25 17.08 21.87
C PHE A 273 -5.62 15.66 21.78
N ALA A 274 -4.75 15.28 22.70
CA ALA A 274 -4.27 13.88 22.81
C ALA A 274 -5.36 12.90 23.17
N MET A 275 -6.23 13.26 24.10
CA MET A 275 -7.33 12.41 24.49
C MET A 275 -8.30 12.21 23.32
N SER A 276 -8.74 13.31 22.73
CA SER A 276 -9.58 13.21 21.56
C SER A 276 -8.85 12.58 20.35
N ALA A 277 -7.52 12.73 20.22
CA ALA A 277 -6.77 11.95 19.21
C ALA A 277 -6.96 10.41 19.34
N ALA A 278 -6.96 9.88 20.56
CA ALA A 278 -7.29 8.45 20.83
C ALA A 278 -8.76 8.12 20.57
N LEU A 279 -9.68 9.00 20.96
CA LEU A 279 -11.11 8.68 20.93
C LEU A 279 -11.73 8.68 19.51
N VAL A 280 -11.16 9.53 18.67
CA VAL A 280 -11.54 9.75 17.29
C VAL A 280 -11.32 8.44 16.48
N GLY A 281 -10.49 7.53 16.98
CA GLY A 281 -10.37 6.23 16.41
C GLY A 281 -11.61 5.38 16.59
N ALA A 282 -12.43 5.68 17.61
CA ALA A 282 -13.68 4.93 17.84
C ALA A 282 -14.70 5.38 16.78
N MET A 283 -14.67 6.67 16.43
CA MET A 283 -15.42 7.26 15.32
C MET A 283 -15.04 6.63 14.02
N ALA A 284 -13.77 6.72 13.62
CA ALA A 284 -13.24 5.97 12.46
C ALA A 284 -13.73 4.50 12.33
N ILE A 285 -13.63 3.73 13.40
CA ILE A 285 -14.01 2.30 13.47
C ILE A 285 -15.53 2.07 13.31
N GLY A 286 -16.35 2.92 13.94
CA GLY A 286 -17.78 2.89 13.69
C GLY A 286 -18.10 3.09 12.20
N THR A 287 -17.66 4.19 11.61
CA THR A 287 -17.89 4.43 10.20
C THR A 287 -17.41 3.31 9.25
N ALA A 288 -16.18 2.81 9.44
CA ALA A 288 -15.65 1.64 8.69
C ALA A 288 -16.34 0.34 9.01
N ARG A 289 -16.82 0.16 10.25
CA ARG A 289 -17.58 -1.06 10.59
C ARG A 289 -18.90 -1.12 9.83
N ALA A 290 -19.55 0.03 9.72
CA ALA A 290 -20.77 0.19 8.96
C ALA A 290 -20.51 -0.23 7.53
N ALA A 291 -19.50 0.37 6.87
CA ALA A 291 -18.99 -0.12 5.57
C ALA A 291 -18.70 -1.60 5.50
N PHE A 292 -17.81 -2.10 6.36
CA PHE A 292 -17.47 -3.55 6.29
C PHE A 292 -18.69 -4.47 6.41
N GLU A 293 -19.66 -4.09 7.27
CA GLU A 293 -20.87 -4.90 7.59
C GLU A 293 -21.89 -4.85 6.48
N GLU A 294 -22.13 -3.67 5.91
CA GLU A 294 -23.01 -3.57 4.75
C GLU A 294 -22.40 -4.42 3.65
N ALA A 295 -21.15 -4.18 3.25
CA ALA A 295 -20.45 -5.12 2.33
C ALA A 295 -20.56 -6.59 2.68
N LEU A 296 -20.27 -6.97 3.92
CA LEU A 296 -20.27 -8.38 4.31
C LEU A 296 -21.64 -9.04 4.08
N VAL A 297 -22.70 -8.40 4.58
CA VAL A 297 -24.05 -8.89 4.41
C VAL A 297 -24.42 -9.02 2.91
N PHE A 298 -23.99 -8.05 2.13
CA PHE A 298 -24.22 -8.14 0.70
C PHE A 298 -23.47 -9.32 0.06
N ALA A 299 -22.20 -9.46 0.36
CA ALA A 299 -21.39 -10.54 -0.14
C ALA A 299 -21.96 -11.92 0.16
N LYS A 300 -22.77 -12.01 1.20
CA LYS A 300 -23.27 -13.30 1.65
C LYS A 300 -24.75 -13.56 1.21
N SER A 301 -25.44 -12.54 0.72
CA SER A 301 -26.78 -12.69 0.25
C SER A 301 -26.91 -12.45 -1.28
N ASP A 302 -25.75 -12.35 -1.96
CA ASP A 302 -25.73 -11.90 -3.36
C ASP A 302 -24.69 -12.53 -4.29
N THR A 303 -25.20 -13.04 -5.41
CA THR A 303 -24.46 -13.96 -6.26
C THR A 303 -24.08 -13.08 -7.46
N ARG A 304 -24.71 -11.92 -7.49
CA ARG A 304 -24.30 -10.99 -8.45
C ARG A 304 -24.35 -11.64 -9.87
N GLY A 305 -25.56 -12.10 -10.27
CA GLY A 305 -25.82 -12.87 -11.50
C GLY A 305 -25.15 -14.24 -11.66
N GLY A 306 -24.40 -14.71 -10.69
CA GLY A 306 -23.62 -15.96 -10.83
C GLY A 306 -24.28 -17.14 -10.12
N SER A 307 -23.54 -18.23 -9.97
CA SER A 307 -24.10 -19.39 -9.30
C SER A 307 -23.91 -19.34 -7.79
N LYS A 308 -22.85 -18.67 -7.31
CA LYS A 308 -22.53 -18.71 -5.86
C LYS A 308 -22.44 -17.32 -5.23
N HIS A 309 -22.62 -17.27 -3.90
CA HIS A 309 -22.57 -16.00 -3.20
C HIS A 309 -21.22 -15.35 -3.45
N ILE A 310 -21.26 -14.03 -3.63
CA ILE A 310 -20.09 -13.16 -3.95
C ILE A 310 -18.84 -13.34 -3.05
N ILE A 311 -19.04 -13.65 -1.78
CA ILE A 311 -18.03 -14.03 -0.78
C ILE A 311 -17.24 -15.34 -1.08
N GLU A 312 -17.76 -16.18 -1.97
CA GLU A 312 -17.02 -17.40 -2.29
C GLU A 312 -15.93 -17.12 -3.32
N HIS A 313 -15.86 -15.89 -3.86
CA HIS A 313 -14.72 -15.50 -4.70
C HIS A 313 -13.49 -14.98 -3.95
N GLN A 314 -12.33 -15.57 -4.19
CA GLN A 314 -11.10 -15.22 -3.46
C GLN A 314 -10.81 -13.73 -3.31
N SER A 315 -10.88 -12.96 -4.41
CA SER A 315 -10.68 -11.49 -4.44
C SER A 315 -11.72 -10.73 -3.64
N VAL A 316 -12.99 -11.15 -3.66
CA VAL A 316 -14.00 -10.57 -2.73
C VAL A 316 -13.64 -10.90 -1.24
N ALA A 317 -13.42 -12.16 -0.89
CA ALA A 317 -13.10 -12.45 0.49
C ALA A 317 -11.90 -11.62 0.94
N ASP A 318 -10.93 -11.42 0.05
CA ASP A 318 -9.66 -10.75 0.37
C ASP A 318 -9.85 -9.35 0.87
N LYS A 319 -10.71 -8.59 0.22
CA LYS A 319 -11.07 -7.22 0.64
C LYS A 319 -11.75 -7.20 2.00
N LEU A 320 -12.54 -8.24 2.29
CA LEU A 320 -13.39 -8.32 3.50
C LEU A 320 -12.48 -8.70 4.63
N ILE A 321 -11.58 -9.67 4.37
CA ILE A 321 -10.47 -9.97 5.25
C ILE A 321 -9.62 -8.73 5.54
N ASP A 322 -9.17 -8.01 4.52
CA ASP A 322 -8.39 -6.82 4.84
C ASP A 322 -9.16 -5.81 5.71
N CYS A 323 -10.46 -5.61 5.47
CA CYS A 323 -11.27 -4.68 6.29
C CYS A 323 -11.40 -5.14 7.73
N LYS A 324 -11.69 -6.42 7.91
CA LYS A 324 -11.83 -7.04 9.20
C LYS A 324 -10.58 -6.81 10.08
N ILE A 325 -9.41 -7.18 9.56
CA ILE A 325 -8.13 -6.93 10.15
C ILE A 325 -7.90 -5.44 10.46
N ARG A 326 -8.21 -4.54 9.53
CA ARG A 326 -8.06 -3.11 9.87
C ARG A 326 -8.96 -2.72 11.04
N LEU A 327 -10.17 -3.24 11.08
CA LEU A 327 -11.12 -2.94 12.14
C LEU A 327 -10.63 -3.50 13.44
N GLU A 328 -10.27 -4.76 13.44
CA GLU A 328 -9.73 -5.38 14.59
C GLU A 328 -8.47 -4.70 15.19
N THR A 329 -7.40 -4.54 14.42
CA THR A 329 -6.20 -3.85 14.89
C THR A 329 -6.52 -2.43 15.43
N SER A 330 -7.42 -1.70 14.76
CA SER A 330 -7.77 -0.34 15.16
C SER A 330 -8.45 -0.32 16.52
N ARG A 331 -9.36 -1.26 16.78
CA ARG A 331 -10.01 -1.29 18.10
C ARG A 331 -9.13 -1.63 19.31
N LEU A 332 -8.36 -2.67 19.21
CA LEU A 332 -7.19 -2.95 20.05
C LEU A 332 -6.31 -1.71 20.34
N LEU A 333 -5.92 -0.99 19.31
CA LEU A 333 -5.11 0.17 19.50
C LEU A 333 -5.83 1.28 20.28
N VAL A 334 -7.07 1.59 19.89
CA VAL A 334 -7.82 2.60 20.62
C VAL A 334 -7.98 2.20 22.09
N TRP A 335 -8.29 0.94 22.39
CA TRP A 335 -8.41 0.51 23.79
C TRP A 335 -7.08 0.58 24.51
N LYS A 336 -5.99 0.26 23.82
CA LYS A 336 -4.65 0.32 24.39
C LYS A 336 -4.26 1.75 24.78
N ALA A 337 -4.65 2.69 23.95
CA ALA A 337 -4.29 4.08 24.03
C ALA A 337 -5.07 4.84 25.10
N VAL A 338 -6.36 4.53 25.27
CA VAL A 338 -7.18 5.20 26.28
C VAL A 338 -6.84 4.67 27.65
N THR A 339 -6.54 3.39 27.71
CA THR A 339 -6.02 2.74 28.87
C THR A 339 -4.62 3.28 29.29
N THR A 340 -3.78 3.61 28.31
CA THR A 340 -2.52 4.32 28.53
C THR A 340 -2.71 5.71 29.14
N LEU A 341 -3.73 6.44 28.72
CA LEU A 341 -3.91 7.84 29.05
C LEU A 341 -4.31 7.93 30.52
N GLU A 342 -4.93 6.83 30.97
CA GLU A 342 -5.55 6.62 32.26
C GLU A 342 -4.51 6.06 33.26
N ASP A 343 -3.35 5.61 32.77
CA ASP A 343 -2.32 5.04 33.63
C ASP A 343 -1.46 6.15 34.27
N GLU A 344 -1.51 6.20 35.59
CA GLU A 344 -0.91 7.29 36.36
C GLU A 344 0.58 7.15 36.47
N ALA A 345 1.01 5.91 36.50
CA ALA A 345 2.40 5.48 36.54
C ALA A 345 3.23 5.83 35.31
N LEU A 346 2.62 6.40 34.26
CA LEU A 346 3.30 6.63 32.98
C LEU A 346 3.56 8.10 32.67
N GLU A 347 4.74 8.41 32.16
CA GLU A 347 5.07 9.75 31.67
C GLU A 347 4.18 10.18 30.49
N TRP A 348 3.90 11.49 30.44
CA TRP A 348 3.06 12.07 29.46
C TRP A 348 3.57 11.76 28.03
N LYS A 349 4.86 11.99 27.78
CA LYS A 349 5.43 11.61 26.50
C LYS A 349 5.05 10.18 26.05
N VAL A 350 4.88 9.25 26.98
CA VAL A 350 4.47 7.88 26.64
C VAL A 350 2.99 7.79 26.19
N LYS A 351 2.16 8.54 26.90
CA LYS A 351 0.77 8.77 26.57
C LYS A 351 0.61 9.58 25.28
N LEU A 352 1.24 10.73 25.17
CA LEU A 352 1.23 11.39 23.89
C LEU A 352 1.57 10.48 22.68
N GLU A 353 2.66 9.72 22.76
CA GLU A 353 3.10 8.95 21.62
C GLU A 353 2.07 7.90 21.28
N MET A 354 1.53 7.20 22.27
CA MET A 354 0.49 6.19 22.02
C MET A 354 -0.76 6.78 21.39
N ALA A 355 -1.21 7.95 21.85
CA ALA A 355 -2.40 8.61 21.31
C ALA A 355 -2.24 9.09 19.84
N MET A 356 -1.03 9.53 19.44
CA MET A 356 -0.72 9.96 18.08
C MET A 356 -0.68 8.75 17.14
N GLN A 357 -0.01 7.68 17.53
CA GLN A 357 -0.02 6.43 16.80
C GLN A 357 -1.44 6.01 16.45
N THR A 358 -2.32 6.19 17.44
CA THR A 358 -3.68 5.67 17.39
C THR A 358 -4.45 6.45 16.36
N LYS A 359 -4.26 7.75 16.39
CA LYS A 359 -5.03 8.62 15.56
C LYS A 359 -4.55 8.36 14.15
N ILE A 360 -3.22 8.35 13.93
CA ILE A 360 -2.69 8.15 12.60
C ILE A 360 -3.18 6.80 12.02
N TYR A 361 -2.97 5.71 12.75
CA TYR A 361 -3.31 4.42 12.19
C TYR A 361 -4.76 4.29 11.87
N THR A 362 -5.61 4.43 12.90
CA THR A 362 -7.02 4.10 12.80
C THR A 362 -7.73 4.93 11.76
N THR A 363 -7.33 6.20 11.66
CA THR A 363 -7.93 7.12 10.71
C THR A 363 -7.53 6.85 9.31
N ASP A 364 -6.26 6.53 9.10
CA ASP A 364 -5.78 6.21 7.73
C ASP A 364 -6.41 4.95 7.14
N VAL A 365 -6.57 3.98 7.98
CA VAL A 365 -6.91 2.62 7.63
C VAL A 365 -8.47 2.49 7.48
N ALA A 366 -9.23 3.36 8.15
CA ALA A 366 -10.67 3.47 7.98
C ALA A 366 -11.08 3.83 6.54
N VAL A 367 -10.36 4.78 5.94
CA VAL A 367 -10.48 5.16 4.54
C VAL A 367 -10.31 3.98 3.61
N GLU A 368 -9.20 3.24 3.80
CA GLU A 368 -8.88 2.03 3.07
C GLU A 368 -10.02 1.07 3.20
N CYS A 369 -10.64 1.03 4.37
CA CYS A 369 -11.63 0.03 4.66
C CYS A 369 -12.95 0.21 3.90
N VAL A 370 -13.46 1.46 3.83
CA VAL A 370 -14.71 1.81 3.15
C VAL A 370 -14.53 1.62 1.64
N ILE A 371 -13.46 2.20 1.09
CA ILE A 371 -13.05 2.00 -0.30
C ILE A 371 -12.96 0.49 -0.71
N ASP A 372 -12.38 -0.38 0.12
CA ASP A 372 -12.25 -1.80 -0.20
C ASP A 372 -13.59 -2.55 -0.16
N ALA A 373 -14.42 -2.23 0.84
CA ALA A 373 -15.83 -2.60 0.94
C ALA A 373 -16.69 -2.18 -0.32
N MET A 374 -16.63 -0.90 -0.74
CA MET A 374 -17.25 -0.39 -1.96
C MET A 374 -16.81 -1.21 -3.15
N LYS A 375 -15.51 -1.41 -3.28
CA LYS A 375 -14.97 -2.23 -4.37
C LYS A 375 -15.55 -3.66 -4.45
N ALA A 376 -15.64 -4.34 -3.32
CA ALA A 376 -16.08 -5.72 -3.30
C ALA A 376 -17.64 -5.83 -3.63
N VAL A 377 -18.41 -4.84 -3.19
CA VAL A 377 -19.82 -4.73 -3.47
C VAL A 377 -20.05 -4.36 -4.95
N GLY A 378 -19.12 -3.55 -5.52
CA GLY A 378 -19.10 -3.23 -6.94
C GLY A 378 -19.96 -2.04 -7.28
N MET A 379 -20.51 -1.99 -8.49
CA MET A 379 -21.23 -0.80 -8.99
C MET A 379 -22.34 -0.24 -8.04
N LYS A 380 -23.04 -1.13 -7.34
CA LYS A 380 -24.17 -0.76 -6.44
C LYS A 380 -23.79 0.10 -5.25
N SER A 381 -22.52 0.01 -4.84
CA SER A 381 -22.04 0.73 -3.67
C SER A 381 -22.04 2.18 -4.01
N TYR A 382 -22.22 2.55 -5.28
CA TYR A 382 -22.02 3.96 -5.78
C TYR A 382 -23.26 4.81 -5.86
N ALA A 383 -24.42 4.19 -5.60
CA ALA A 383 -25.75 4.89 -5.58
C ALA A 383 -26.23 5.08 -4.15
N LYS A 384 -27.00 6.16 -3.92
CA LYS A 384 -27.40 6.57 -2.59
C LYS A 384 -28.57 5.85 -1.92
N ASP A 385 -28.94 4.66 -2.41
CA ASP A 385 -29.78 3.70 -1.68
C ASP A 385 -28.93 2.60 -1.00
N MET A 386 -27.60 2.72 -1.10
CA MET A 386 -26.70 2.10 -0.14
C MET A 386 -26.05 3.26 0.70
N SER A 387 -25.30 2.87 1.74
CA SER A 387 -24.77 3.81 2.76
C SER A 387 -23.44 4.35 2.38
N PHE A 388 -22.74 3.59 1.53
CA PHE A 388 -21.38 3.90 1.08
C PHE A 388 -21.11 5.35 0.60
N PRO A 389 -21.92 5.88 -0.34
CA PRO A 389 -21.57 7.25 -0.68
C PRO A 389 -21.56 8.23 0.55
N ARG A 390 -22.45 8.01 1.52
CA ARG A 390 -22.39 8.76 2.80
C ARG A 390 -21.12 8.33 3.56
N LEU A 391 -20.87 7.02 3.64
CA LEU A 391 -19.74 6.50 4.45
C LEU A 391 -18.37 7.06 4.00
N LEU A 392 -18.22 7.25 2.68
CA LEU A 392 -16.97 7.66 2.02
C LEU A 392 -16.59 9.08 2.31
N ASN A 393 -17.60 9.94 2.27
CA ASN A 393 -17.42 11.37 2.50
C ASN A 393 -17.18 11.64 3.99
N GLU A 394 -17.80 10.83 4.85
CA GLU A 394 -17.67 10.93 6.28
C GLU A 394 -16.31 10.38 6.75
N VAL A 395 -15.83 9.30 6.16
CA VAL A 395 -14.54 8.71 6.58
C VAL A 395 -13.32 9.59 6.22
N MET A 396 -13.36 10.28 5.07
CA MET A 396 -12.32 11.22 4.68
C MET A 396 -12.15 12.38 5.65
N CYS A 397 -13.07 12.57 6.58
CA CYS A 397 -12.91 13.61 7.56
C CYS A 397 -11.75 13.22 8.58
N TYR A 398 -11.70 11.95 8.95
CA TYR A 398 -10.89 11.48 10.07
C TYR A 398 -9.36 11.71 9.99
N PRO A 399 -8.71 11.34 8.87
CA PRO A 399 -7.28 11.69 8.72
C PRO A 399 -6.98 13.20 8.71
N LEU A 400 -8.00 13.97 8.37
CA LEU A 400 -7.90 15.41 8.13
C LEU A 400 -8.14 16.18 9.39
N PHE A 401 -9.13 15.73 10.19
CA PHE A 401 -9.61 16.51 11.31
C PHE A 401 -8.96 16.10 12.59
N GLU A 402 -9.15 16.86 13.68
CA GLU A 402 -8.74 16.38 15.01
C GLU A 402 -7.18 16.36 15.07
N GLY A 403 -6.62 17.39 14.43
CA GLY A 403 -5.23 17.45 14.06
C GLY A 403 -4.91 16.48 12.95
N GLY A 404 -4.56 17.00 11.79
CA GLY A 404 -4.34 16.18 10.61
C GLY A 404 -3.07 15.39 10.76
N ASN A 405 -3.00 14.25 10.11
CA ASN A 405 -1.95 13.32 10.34
C ASN A 405 -0.63 13.82 9.82
N ILE A 406 -0.67 14.51 8.68
CA ILE A 406 0.56 14.84 7.93
C ILE A 406 1.27 15.96 8.66
N GLY A 407 0.50 16.99 8.97
CA GLY A 407 0.97 18.22 9.57
C GLY A 407 1.03 18.18 11.06
N LEU A 408 0.14 17.46 11.71
CA LEU A 408 0.11 17.64 13.15
C LEU A 408 0.60 16.42 13.86
N ARG A 409 -0.15 15.32 13.79
CA ARG A 409 0.11 14.10 14.58
C ARG A 409 1.44 13.37 14.22
N ARG A 410 1.89 13.41 12.96
CA ARG A 410 3.16 12.76 12.61
C ARG A 410 4.34 13.58 13.19
N ARG A 411 4.15 14.88 13.32
CA ARG A 411 5.12 15.78 13.88
C ARG A 411 5.17 15.72 15.44
N GLN A 412 4.00 15.63 16.07
CA GLN A 412 3.95 15.46 17.50
C GLN A 412 4.64 14.18 17.87
N MET A 413 4.34 13.07 17.18
CA MET A 413 5.01 11.80 17.37
C MET A 413 6.53 11.82 17.11
N GLN A 414 6.94 12.41 15.98
CA GLN A 414 8.34 12.61 15.65
C GLN A 414 9.08 13.47 16.70
N ARG A 415 8.45 14.42 17.37
CA ARG A 415 9.19 15.17 18.35
C ARG A 415 9.54 14.22 19.52
N VAL A 416 8.62 13.35 19.90
CA VAL A 416 8.84 12.47 20.98
C VAL A 416 9.89 11.39 20.69
N MET A 417 9.89 10.87 19.47
CA MET A 417 10.80 9.82 19.06
C MET A 417 12.21 10.34 19.04
N ALA A 418 12.34 11.61 18.71
CA ALA A 418 13.63 12.27 18.64
C ALA A 418 14.31 12.59 20.00
N LEU A 419 13.52 12.62 21.08
CA LEU A 419 13.99 12.92 22.45
C LEU A 419 15.01 11.89 22.88
N GLU A 420 16.06 12.36 23.56
CA GLU A 420 17.11 11.49 24.12
C GLU A 420 16.52 10.37 25.00
N ASP A 421 15.51 10.72 25.79
CA ASP A 421 14.95 9.75 26.72
C ASP A 421 13.79 8.88 26.21
N TYR A 422 13.72 8.65 24.89
CA TYR A 422 12.56 7.98 24.30
C TYR A 422 12.63 6.49 24.51
N GLU A 423 11.57 5.97 25.13
CA GLU A 423 11.41 4.53 25.42
C GLU A 423 10.27 4.00 24.52
N PRO A 424 10.62 3.44 23.35
CA PRO A 424 9.58 3.00 22.47
C PRO A 424 8.43 2.16 23.13
N TRP A 425 8.77 1.31 24.10
CA TRP A 425 7.91 0.21 24.51
C TRP A 425 7.41 0.40 25.88
N ALA A 426 7.47 1.65 26.38
CA ALA A 426 7.29 1.91 27.80
C ALA A 426 5.83 1.70 28.23
N ALA A 427 4.88 1.60 27.28
CA ALA A 427 3.46 1.53 27.60
C ALA A 427 3.07 0.09 27.65
N THR A 428 4.02 -0.74 27.28
CA THR A 428 3.84 -2.16 27.17
C THR A 428 4.62 -2.91 28.26
N TYR A 429 5.87 -2.50 28.47
CA TYR A 429 6.84 -3.29 29.18
C TYR A 429 7.34 -2.52 30.42
N GLY A 430 6.89 -1.26 30.53
CA GLY A 430 7.24 -0.35 31.61
C GLY A 430 8.56 0.34 31.36
N SER A 431 8.84 1.36 32.15
CA SER A 431 10.18 1.97 32.24
C SER A 431 11.21 1.12 32.95
N VAL B 2 10.39 4.00 -31.17
CA VAL B 2 9.82 4.55 -29.88
C VAL B 2 10.11 6.02 -29.74
N ASP B 3 9.05 6.77 -29.43
CA ASP B 3 9.00 8.20 -29.63
C ASP B 3 7.76 8.70 -28.87
N PHE B 4 7.90 9.74 -28.04
CA PHE B 4 6.72 10.27 -27.32
C PHE B 4 6.28 11.69 -27.73
N LYS B 5 6.83 12.18 -28.83
CA LYS B 5 6.52 13.53 -29.32
C LYS B 5 5.12 13.61 -29.91
N LEU B 6 4.44 14.72 -29.60
CA LEU B 6 3.09 15.03 -30.09
C LEU B 6 3.16 15.85 -31.39
N SER B 7 2.41 15.39 -32.41
CA SER B 7 2.27 16.01 -33.72
C SER B 7 1.48 17.30 -33.56
N PRO B 8 1.50 18.22 -34.56
CA PRO B 8 0.64 19.43 -34.39
C PRO B 8 -0.90 19.19 -34.28
N SER B 9 -1.39 18.12 -34.90
CA SER B 9 -2.81 17.79 -34.79
C SER B 9 -3.18 17.33 -33.36
N GLN B 10 -2.25 16.62 -32.72
CA GLN B 10 -2.35 16.21 -31.31
C GLN B 10 -2.33 17.44 -30.41
N LEU B 11 -1.48 18.41 -30.70
CA LEU B 11 -1.46 19.64 -29.89
C LEU B 11 -2.67 20.56 -30.13
N GLU B 12 -3.17 20.61 -31.34
CA GLU B 12 -4.43 21.34 -31.59
C GLU B 12 -5.68 20.71 -30.92
N ALA B 13 -5.77 19.38 -30.92
CA ALA B 13 -6.84 18.66 -30.24
C ALA B 13 -6.91 19.04 -28.79
N ARG B 14 -5.73 19.11 -28.18
CA ARG B 14 -5.57 19.49 -26.81
C ARG B 14 -5.89 20.98 -26.58
N ARG B 15 -5.39 21.88 -27.44
CA ARG B 15 -5.75 23.30 -27.33
C ARG B 15 -7.24 23.46 -27.48
N HIS B 16 -7.78 22.81 -28.52
CA HIS B 16 -9.20 22.77 -28.73
C HIS B 16 -10.01 22.28 -27.48
N ALA B 17 -9.76 21.05 -26.98
CA ALA B 17 -10.47 20.47 -25.82
C ALA B 17 -10.32 21.33 -24.57
N GLN B 18 -9.17 21.97 -24.46
CA GLN B 18 -8.83 22.93 -23.41
C GLN B 18 -9.72 24.14 -23.51
N ALA B 19 -9.91 24.63 -24.73
CA ALA B 19 -10.65 25.90 -24.93
C ALA B 19 -12.14 25.72 -24.68
N PHE B 20 -12.64 24.56 -25.08
CA PHE B 20 -14.02 24.18 -24.85
C PHE B 20 -14.32 23.98 -23.36
N ALA B 21 -13.43 23.28 -22.66
CA ALA B 21 -13.58 23.08 -21.22
C ALA B 21 -13.58 24.41 -20.46
N ASN B 22 -12.73 25.38 -20.80
CA ASN B 22 -12.72 26.63 -20.03
C ASN B 22 -13.84 27.61 -20.37
N THR B 23 -14.15 27.75 -21.67
CA THR B 23 -15.17 28.69 -22.12
C THR B 23 -16.60 28.17 -21.94
N VAL B 24 -16.82 26.86 -22.08
CA VAL B 24 -18.18 26.32 -22.07
C VAL B 24 -18.42 25.50 -20.80
N LEU B 25 -17.66 24.40 -20.66
CA LEU B 25 -17.73 23.61 -19.42
C LEU B 25 -17.71 24.39 -18.06
N THR B 26 -16.85 25.39 -17.91
CA THR B 26 -16.85 26.14 -16.65
C THR B 26 -18.23 26.70 -16.23
N LYS B 27 -19.12 26.98 -17.21
CA LYS B 27 -20.47 27.57 -16.92
C LYS B 27 -21.58 26.56 -16.61
N ALA B 28 -21.33 25.27 -16.89
CA ALA B 28 -22.32 24.20 -16.67
C ALA B 28 -22.85 24.20 -15.23
N SER B 29 -21.97 24.38 -14.25
CA SER B 29 -22.31 24.16 -12.85
C SER B 29 -23.33 25.14 -12.26
N ALA B 30 -23.31 26.39 -12.72
CA ALA B 30 -24.30 27.39 -12.28
C ALA B 30 -25.73 26.95 -12.67
N GLU B 31 -25.86 26.22 -13.79
CA GLU B 31 -27.16 25.68 -14.21
C GLU B 31 -27.62 24.43 -13.47
N TYR B 32 -26.76 23.41 -13.36
CA TYR B 32 -27.14 22.11 -12.75
C TYR B 32 -27.22 22.12 -11.22
N SER B 33 -26.41 22.96 -10.58
CA SER B 33 -26.29 22.83 -9.14
C SER B 33 -27.56 23.27 -8.44
N THR B 34 -28.38 24.07 -9.13
CA THR B 34 -29.72 24.41 -8.62
C THR B 34 -30.77 23.35 -8.92
N GLN B 35 -30.44 22.37 -9.75
CA GLN B 35 -31.44 21.35 -10.13
C GLN B 35 -31.71 20.38 -9.00
N LYS B 36 -32.85 19.69 -9.06
CA LYS B 36 -33.40 18.94 -7.90
C LYS B 36 -32.95 17.48 -7.69
N ASP B 37 -32.80 16.73 -8.78
CA ASP B 37 -32.51 15.30 -8.70
C ASP B 37 -31.70 14.94 -9.93
N GLN B 38 -31.38 13.67 -10.11
CA GLN B 38 -30.37 13.31 -11.10
C GLN B 38 -30.64 13.85 -12.53
N LEU B 39 -31.80 13.46 -13.07
CA LEU B 39 -32.37 13.91 -14.35
C LEU B 39 -32.48 15.44 -14.48
N SER B 40 -33.21 16.14 -13.63
CA SER B 40 -33.11 17.61 -13.70
C SER B 40 -31.66 18.08 -14.02
N ARG B 41 -30.67 17.53 -13.30
CA ARG B 41 -29.26 17.94 -13.45
C ARG B 41 -28.73 17.50 -14.81
N PHE B 42 -29.05 16.29 -15.24
CA PHE B 42 -28.65 15.80 -16.57
C PHE B 42 -29.25 16.65 -17.69
N GLN B 43 -30.54 16.99 -17.53
CA GLN B 43 -31.23 17.89 -18.45
C GLN B 43 -30.68 19.31 -18.47
N ALA B 44 -30.26 19.81 -17.31
CA ALA B 44 -29.68 21.16 -17.22
C ALA B 44 -28.36 21.22 -17.98
N THR B 45 -28.00 20.06 -18.54
CA THR B 45 -26.72 19.79 -19.17
C THR B 45 -26.76 19.84 -20.69
N ARG B 46 -27.98 19.84 -21.22
CA ARG B 46 -28.27 19.81 -22.66
C ARG B 46 -27.62 20.94 -23.48
N PRO B 47 -27.67 22.20 -22.99
CA PRO B 47 -27.01 23.31 -23.70
C PRO B 47 -25.53 23.13 -23.97
N PHE B 48 -24.85 22.46 -23.03
CA PHE B 48 -23.40 22.23 -23.07
C PHE B 48 -23.09 21.06 -23.99
N TYR B 49 -23.93 20.04 -23.99
CA TYR B 49 -23.73 18.97 -24.95
C TYR B 49 -24.04 19.47 -26.36
N ARG B 50 -25.03 20.37 -26.49
CA ARG B 50 -25.35 21.03 -27.75
C ARG B 50 -24.10 21.75 -28.27
N GLU B 51 -23.43 22.53 -27.42
CA GLU B 51 -22.10 23.11 -27.74
C GLU B 51 -21.02 22.09 -28.13
N ALA B 52 -20.93 21.02 -27.35
CA ALA B 52 -20.03 19.94 -27.67
C ALA B 52 -20.16 19.48 -29.13
N VAL B 53 -21.39 19.41 -29.65
CA VAL B 53 -21.67 19.04 -31.07
C VAL B 53 -21.33 20.25 -31.96
N ARG B 54 -21.91 21.41 -31.66
CA ARG B 54 -21.46 22.67 -32.24
C ARG B 54 -19.88 22.83 -32.29
N HIS B 55 -19.14 22.37 -31.26
CA HIS B 55 -17.66 22.30 -31.39
C HIS B 55 -17.09 21.04 -32.10
N GLY B 56 -17.96 20.15 -32.58
CA GLY B 56 -17.49 19.00 -33.40
C GLY B 56 -16.97 17.77 -32.66
N LEU B 57 -17.28 17.70 -31.36
CA LEU B 57 -16.72 16.72 -30.38
C LEU B 57 -17.38 15.35 -30.39
N ILE B 58 -18.68 15.33 -30.73
CA ILE B 58 -19.43 14.10 -31.07
C ILE B 58 -19.06 13.43 -32.42
N LYS B 59 -18.87 14.26 -33.46
CA LYS B 59 -18.34 13.81 -34.77
C LYS B 59 -16.95 13.19 -34.57
N ALA B 60 -16.16 13.76 -33.66
CA ALA B 60 -14.83 13.23 -33.37
C ALA B 60 -14.84 11.89 -32.66
N GLN B 61 -16.01 11.37 -32.28
CA GLN B 61 -16.15 9.98 -31.73
C GLN B 61 -16.18 8.85 -32.81
N VAL B 62 -16.23 9.24 -34.07
CA VAL B 62 -16.51 8.29 -35.18
C VAL B 62 -15.27 8.34 -36.07
N PRO B 63 -14.77 7.18 -36.47
CA PRO B 63 -13.59 7.19 -37.34
C PRO B 63 -13.83 7.87 -38.74
N ILE B 64 -12.76 8.39 -39.32
CA ILE B 64 -12.85 9.10 -40.61
C ILE B 64 -13.44 8.22 -41.80
N PRO B 65 -13.00 6.92 -41.94
CA PRO B 65 -13.62 5.98 -42.88
C PRO B 65 -15.14 5.84 -42.83
N LEU B 66 -15.73 6.24 -41.73
CA LEU B 66 -17.13 6.07 -41.46
C LEU B 66 -17.82 7.41 -41.36
N GLY B 67 -17.14 8.47 -41.80
CA GLY B 67 -17.79 9.81 -41.78
C GLY B 67 -17.38 10.79 -40.68
N GLY B 68 -16.71 10.30 -39.63
CA GLY B 68 -16.39 11.21 -38.51
C GLY B 68 -15.01 11.84 -38.60
N THR B 69 -14.63 12.53 -37.54
CA THR B 69 -13.37 13.27 -37.55
C THR B 69 -12.30 12.73 -36.60
N MET B 70 -12.46 11.47 -36.18
CA MET B 70 -11.54 10.87 -35.21
C MET B 70 -10.19 10.57 -35.88
N GLU B 71 -9.14 11.22 -35.35
CA GLU B 71 -7.80 11.15 -35.89
C GLU B 71 -7.05 9.96 -35.32
N SER B 72 -7.15 9.74 -34.00
CA SER B 72 -6.65 8.48 -33.35
C SER B 72 -7.14 8.36 -31.94
N LEU B 73 -6.88 7.23 -31.33
CA LEU B 73 -7.17 7.05 -29.89
C LEU B 73 -6.27 7.86 -28.94
N VAL B 74 -5.03 8.16 -29.34
CA VAL B 74 -4.19 9.10 -28.57
C VAL B 74 -4.81 10.49 -28.58
N HIS B 75 -5.34 10.91 -29.74
CA HIS B 75 -5.99 12.25 -29.80
C HIS B 75 -7.14 12.21 -28.84
N GLU B 76 -7.84 11.08 -28.84
CA GLU B 76 -9.05 10.94 -28.02
C GLU B 76 -8.73 10.93 -26.49
N SER B 77 -7.60 10.29 -26.16
CA SER B 77 -7.01 10.21 -24.81
C SER B 77 -6.56 11.56 -24.27
N ILE B 78 -6.10 12.44 -25.14
CA ILE B 78 -5.63 13.76 -24.78
C ILE B 78 -6.79 14.72 -24.54
N ILE B 79 -7.81 14.63 -25.38
CA ILE B 79 -9.09 15.35 -25.25
C ILE B 79 -9.81 14.95 -24.00
N LEU B 80 -9.99 13.66 -23.75
CA LEU B 80 -10.74 13.29 -22.51
C LEU B 80 -10.02 13.77 -21.24
N GLU B 81 -8.69 13.58 -21.22
CA GLU B 81 -7.94 14.04 -20.07
C GLU B 81 -8.17 15.53 -19.77
N GLU B 82 -8.15 16.39 -20.79
CA GLU B 82 -8.41 17.88 -20.65
C GLU B 82 -9.84 18.22 -20.25
N LEU B 83 -10.78 17.46 -20.77
CA LEU B 83 -12.18 17.65 -20.45
C LEU B 83 -12.44 17.29 -19.00
N PHE B 84 -12.10 16.07 -18.65
CA PHE B 84 -12.24 15.61 -17.28
C PHE B 84 -11.49 16.41 -16.22
N ALA B 85 -10.35 16.98 -16.64
CA ALA B 85 -9.53 17.86 -15.81
C ALA B 85 -10.23 19.09 -15.33
N VAL B 86 -11.34 19.46 -15.99
CA VAL B 86 -12.10 20.71 -15.71
C VAL B 86 -13.52 20.39 -15.23
N GLU B 87 -14.24 19.53 -15.95
CA GLU B 87 -15.66 19.30 -15.62
C GLU B 87 -16.15 18.00 -16.23
N PRO B 88 -16.41 17.01 -15.41
CA PRO B 88 -16.96 15.78 -16.05
C PRO B 88 -18.49 15.82 -16.44
N ALA B 89 -19.22 16.89 -16.08
CA ALA B 89 -20.55 17.08 -16.65
C ALA B 89 -20.41 17.28 -18.16
N THR B 90 -21.28 16.59 -18.92
CA THR B 90 -21.32 16.59 -20.38
C THR B 90 -20.18 15.78 -20.92
N SER B 91 -18.95 16.02 -20.44
CA SER B 91 -17.79 15.27 -20.91
C SER B 91 -18.07 13.78 -20.84
N ILE B 92 -18.88 13.38 -19.87
CA ILE B 92 -19.21 11.98 -19.55
C ILE B 92 -20.25 11.49 -20.58
N THR B 93 -21.03 12.44 -21.08
CA THR B 93 -22.09 12.13 -22.03
C THR B 93 -21.44 11.84 -23.39
N ILE B 94 -20.36 12.54 -23.69
CA ILE B 94 -19.66 12.31 -24.97
C ILE B 94 -19.14 10.88 -25.00
N VAL B 95 -18.63 10.43 -23.86
CA VAL B 95 -17.96 9.15 -23.77
C VAL B 95 -18.98 8.01 -23.76
N ALA B 96 -20.09 8.21 -23.03
CA ALA B 96 -21.21 7.23 -23.07
C ALA B 96 -21.66 7.03 -24.52
N THR B 97 -22.05 8.15 -25.15
CA THR B 97 -22.28 8.20 -26.60
C THR B 97 -21.16 7.52 -27.42
N ALA B 98 -19.88 7.80 -27.23
CA ALA B 98 -18.88 7.09 -28.07
C ALA B 98 -18.87 5.58 -27.81
N LEU B 99 -19.27 5.20 -26.61
CA LEU B 99 -19.30 3.79 -26.27
C LEU B 99 -20.52 3.12 -26.95
N GLY B 100 -21.64 3.82 -26.90
CA GLY B 100 -22.88 3.49 -27.64
C GLY B 100 -22.68 3.20 -29.14
N LEU B 101 -21.96 4.11 -29.81
CA LEU B 101 -21.54 3.96 -31.21
C LEU B 101 -20.57 2.83 -31.46
N MET B 102 -19.84 2.39 -30.44
CA MET B 102 -18.78 1.39 -30.71
C MET B 102 -19.27 0.18 -31.46
N PRO B 103 -20.30 -0.52 -30.97
CA PRO B 103 -20.44 -1.86 -31.61
C PRO B 103 -20.85 -1.76 -33.11
N VAL B 104 -21.47 -0.65 -33.48
CA VAL B 104 -21.66 -0.32 -34.89
C VAL B 104 -20.30 -0.02 -35.59
N ILE B 105 -19.64 1.07 -35.15
CA ILE B 105 -18.27 1.42 -35.54
C ILE B 105 -17.49 0.17 -35.82
N LEU B 106 -17.78 -0.87 -35.08
CA LEU B 106 -16.99 -2.10 -35.13
C LEU B 106 -17.56 -3.26 -36.00
N CYS B 107 -18.81 -3.15 -36.50
CA CYS B 107 -19.43 -4.28 -37.26
C CYS B 107 -18.92 -4.53 -38.71
N ASP B 108 -19.50 -5.56 -39.31
CA ASP B 108 -19.27 -5.93 -40.71
C ASP B 108 -20.20 -5.20 -41.71
N SER B 109 -21.13 -4.39 -41.22
CA SER B 109 -22.17 -3.89 -42.10
C SER B 109 -22.10 -2.42 -42.38
N PRO B 110 -21.52 -2.05 -43.56
CA PRO B 110 -21.56 -0.65 -44.03
C PRO B 110 -22.93 0.02 -44.07
N SER B 111 -23.99 -0.76 -44.28
CA SER B 111 -25.35 -0.21 -44.34
C SER B 111 -25.92 0.11 -42.96
N LEU B 112 -25.64 -0.75 -42.00
CA LEU B 112 -25.98 -0.44 -40.59
C LEU B 112 -25.16 0.80 -40.20
N GLN B 113 -23.84 0.77 -40.43
CA GLN B 113 -22.94 1.92 -40.14
C GLN B 113 -23.52 3.20 -40.70
N GLU B 114 -23.79 3.20 -42.00
CA GLU B 114 -24.44 4.32 -42.70
C GLU B 114 -25.79 4.68 -42.10
N LYS B 115 -26.65 3.69 -41.84
CA LYS B 115 -27.99 3.99 -41.29
C LYS B 115 -27.93 4.67 -39.89
N PHE B 116 -27.18 4.05 -38.97
CA PHE B 116 -27.19 4.45 -37.57
C PHE B 116 -26.23 5.57 -37.19
N LEU B 117 -25.10 5.67 -37.90
CA LEU B 117 -24.13 6.73 -37.54
C LEU B 117 -24.56 8.14 -37.95
N LYS B 118 -25.66 8.22 -38.71
CA LYS B 118 -26.04 9.44 -39.40
C LYS B 118 -26.22 10.68 -38.52
N PRO B 119 -26.96 10.57 -37.41
CA PRO B 119 -27.12 11.81 -36.64
C PRO B 119 -25.86 12.34 -35.90
N PHE B 120 -24.83 11.50 -35.75
CA PHE B 120 -23.72 11.81 -34.83
C PHE B 120 -22.64 12.54 -35.58
N ILE B 121 -22.40 12.03 -36.80
CA ILE B 121 -21.54 12.68 -37.81
C ILE B 121 -22.08 13.92 -38.54
N SER B 122 -23.22 14.45 -38.07
CA SER B 122 -23.92 15.49 -38.81
C SER B 122 -23.52 16.89 -38.37
N GLY B 123 -23.37 17.10 -37.07
CA GLY B 123 -22.85 18.37 -36.53
C GLY B 123 -23.99 19.20 -35.95
N GLU B 124 -25.16 18.56 -35.84
CA GLU B 124 -26.33 19.27 -35.30
C GLU B 124 -27.14 18.44 -34.33
N GLY B 125 -27.98 19.14 -33.57
CA GLY B 125 -28.79 18.51 -32.54
C GLY B 125 -28.04 18.07 -31.28
N GLU B 126 -28.68 17.16 -30.54
CA GLU B 126 -28.15 16.60 -29.31
C GLU B 126 -28.28 15.07 -29.33
N PRO B 127 -27.65 14.38 -30.33
CA PRO B 127 -27.83 12.91 -30.46
C PRO B 127 -27.00 12.10 -29.43
N LEU B 128 -27.55 10.99 -28.95
CA LEU B 128 -27.09 10.24 -27.75
C LEU B 128 -27.12 8.80 -28.07
N ALA B 129 -26.01 8.12 -27.78
CA ALA B 129 -25.94 6.68 -27.93
C ALA B 129 -25.81 6.00 -26.56
N SER B 130 -25.93 4.68 -26.53
CA SER B 130 -25.93 3.96 -25.27
C SER B 130 -25.61 2.50 -25.53
N LEU B 131 -24.57 1.95 -24.93
CA LEU B 131 -24.44 0.52 -25.00
C LEU B 131 -25.10 0.03 -23.70
N MET B 132 -26.33 -0.47 -23.82
CA MET B 132 -27.08 -1.06 -22.73
C MET B 132 -26.71 -2.54 -22.49
N HIS B 133 -25.73 -2.78 -21.60
CA HIS B 133 -25.30 -4.12 -21.17
C HIS B 133 -25.73 -4.45 -19.74
N SER B 134 -25.63 -3.47 -18.82
CA SER B 134 -25.71 -3.71 -17.37
C SER B 134 -27.11 -3.94 -16.81
N GLU B 135 -27.23 -4.82 -15.80
CA GLU B 135 -28.52 -5.14 -15.18
C GLU B 135 -28.66 -5.01 -13.63
N PRO B 136 -29.92 -5.03 -13.10
CA PRO B 136 -30.11 -4.88 -11.64
C PRO B 136 -29.37 -5.95 -10.80
N ASN B 137 -29.24 -7.14 -11.39
CA ASN B 137 -28.64 -8.32 -10.78
C ASN B 137 -27.14 -8.47 -11.09
N GLY B 138 -26.62 -7.52 -11.87
CA GLY B 138 -25.19 -7.40 -12.08
C GLY B 138 -24.75 -8.26 -13.23
N THR B 139 -23.45 -8.13 -13.62
CA THR B 139 -22.96 -8.71 -14.86
C THR B 139 -21.56 -9.35 -14.83
N ALA B 140 -20.88 -9.37 -13.67
CA ALA B 140 -19.51 -9.89 -13.65
C ALA B 140 -19.49 -11.32 -14.12
N ASN B 141 -20.61 -11.99 -13.95
CA ASN B 141 -20.67 -13.43 -14.36
C ASN B 141 -21.50 -13.82 -15.58
N TRP B 142 -22.00 -12.80 -16.30
CA TRP B 142 -22.77 -12.98 -17.53
C TRP B 142 -22.34 -14.05 -18.54
N LEU B 143 -21.07 -14.46 -18.54
CA LEU B 143 -20.56 -15.46 -19.49
C LEU B 143 -20.23 -16.75 -18.81
N GLN B 144 -20.58 -16.88 -17.53
CA GLN B 144 -20.30 -18.12 -16.80
C GLN B 144 -21.12 -19.36 -17.31
N LYS B 145 -20.44 -20.41 -17.72
CA LYS B 145 -21.19 -21.61 -17.99
C LYS B 145 -21.83 -22.17 -16.74
N GLY B 146 -23.14 -22.36 -16.80
CA GLY B 146 -23.84 -23.01 -15.72
C GLY B 146 -24.76 -22.06 -14.98
N GLY B 147 -24.69 -20.75 -15.28
CA GLY B 147 -25.29 -19.68 -14.47
C GLY B 147 -26.49 -19.02 -15.12
N PRO B 148 -27.18 -18.17 -14.36
CA PRO B 148 -28.38 -17.46 -14.82
C PRO B 148 -28.28 -16.70 -16.18
N GLY B 149 -27.03 -16.41 -16.61
CA GLY B 149 -26.68 -15.53 -17.74
C GLY B 149 -27.44 -14.25 -17.68
N LEU B 150 -27.43 -13.43 -18.74
CA LEU B 150 -28.16 -12.18 -18.70
C LEU B 150 -29.65 -12.37 -18.50
N GLN B 151 -30.30 -11.37 -17.92
CA GLN B 151 -31.72 -11.40 -17.60
C GLN B 151 -32.53 -10.48 -18.49
N THR B 152 -31.84 -9.83 -19.46
CA THR B 152 -32.51 -9.18 -20.54
C THR B 152 -32.45 -10.16 -21.69
N THR B 153 -33.64 -10.71 -22.05
CA THR B 153 -33.72 -11.77 -23.09
C THR B 153 -34.39 -11.33 -24.40
N ALA B 154 -33.98 -11.98 -25.49
CA ALA B 154 -34.67 -11.78 -26.76
C ALA B 154 -35.06 -13.14 -27.43
N ARG B 155 -36.29 -13.18 -27.98
CA ARG B 155 -36.83 -14.31 -28.82
C ARG B 155 -37.24 -13.73 -30.18
N LYS B 156 -37.11 -14.52 -31.22
CA LYS B 156 -37.57 -14.08 -32.53
C LYS B 156 -39.05 -14.48 -32.78
N VAL B 157 -39.93 -13.49 -32.96
CA VAL B 157 -41.37 -13.69 -33.25
C VAL B 157 -41.76 -13.08 -34.63
N GLY B 158 -41.59 -13.93 -35.65
CA GLY B 158 -41.83 -13.60 -37.03
C GLY B 158 -40.55 -13.05 -37.63
N ASN B 159 -40.63 -11.75 -37.94
CA ASN B 159 -39.58 -10.95 -38.60
C ASN B 159 -39.24 -9.75 -37.72
N GLU B 160 -39.44 -9.94 -36.40
CA GLU B 160 -39.08 -9.00 -35.36
C GLU B 160 -38.38 -9.78 -34.26
N TRP B 161 -37.94 -9.07 -33.22
CA TRP B 161 -37.40 -9.70 -32.01
C TRP B 161 -38.16 -9.10 -30.87
N VAL B 162 -38.46 -9.91 -29.88
CA VAL B 162 -39.11 -9.41 -28.67
C VAL B 162 -38.09 -9.50 -27.52
N ILE B 163 -37.96 -8.35 -26.86
CA ILE B 163 -37.11 -8.17 -25.71
C ILE B 163 -37.95 -8.18 -24.42
N SER B 164 -37.55 -9.05 -23.48
CA SER B 164 -38.12 -9.02 -22.12
C SER B 164 -36.92 -8.91 -21.15
N GLY B 165 -37.04 -8.09 -20.11
CA GLY B 165 -35.91 -7.95 -19.17
C GLY B 165 -35.60 -6.53 -18.73
N GLU B 166 -34.83 -6.40 -17.64
CA GLU B 166 -34.53 -5.06 -17.05
C GLU B 166 -33.06 -4.71 -17.32
N LYS B 167 -32.75 -3.40 -17.36
CA LYS B 167 -31.36 -2.91 -17.47
C LYS B 167 -31.20 -1.79 -16.44
N LEU B 168 -29.96 -1.61 -15.95
CA LEU B 168 -29.64 -0.57 -14.98
C LEU B 168 -28.19 -0.05 -15.24
N TRP B 169 -27.97 1.25 -15.05
CA TRP B 169 -26.66 1.91 -15.22
C TRP B 169 -26.24 2.42 -16.60
N PRO B 170 -26.75 1.84 -17.72
CA PRO B 170 -26.14 2.28 -19.00
C PRO B 170 -26.42 3.72 -19.20
N SER B 171 -25.36 4.51 -19.32
CA SER B 171 -25.49 5.97 -19.38
C SER B 171 -26.16 6.32 -20.66
N ASN B 172 -27.00 7.35 -20.56
CA ASN B 172 -27.67 8.03 -21.68
C ASN B 172 -28.89 7.31 -22.19
N SER B 173 -29.26 6.19 -21.56
CA SER B 173 -30.05 5.12 -22.21
C SER B 173 -31.52 5.52 -22.55
N GLY B 174 -32.07 6.46 -21.79
CA GLY B 174 -33.38 6.98 -22.09
C GLY B 174 -33.41 8.41 -22.60
N GLY B 175 -32.35 8.85 -23.26
CA GLY B 175 -32.27 10.20 -23.85
C GLY B 175 -32.50 11.30 -22.85
N TRP B 176 -32.68 12.52 -23.34
CA TRP B 176 -32.97 13.69 -22.50
C TRP B 176 -34.37 13.67 -21.89
N ASP B 177 -35.25 12.82 -22.42
CA ASP B 177 -36.72 12.94 -22.13
C ASP B 177 -37.42 11.67 -21.68
N TYR B 178 -36.66 10.57 -21.63
CA TYR B 178 -37.15 9.23 -21.27
C TYR B 178 -37.92 8.57 -22.40
N LYS B 179 -37.97 9.27 -23.56
CA LYS B 179 -38.43 8.66 -24.84
C LYS B 179 -37.34 7.79 -25.53
N GLY B 180 -36.15 7.72 -24.93
CA GLY B 180 -35.09 6.88 -25.48
C GLY B 180 -33.98 7.69 -26.12
N ALA B 181 -32.89 7.00 -26.45
CA ALA B 181 -31.69 7.65 -26.95
C ALA B 181 -31.58 7.41 -28.47
N ASP B 182 -31.12 8.42 -29.17
CA ASP B 182 -31.01 8.34 -30.61
C ASP B 182 -30.53 6.99 -31.13
N LEU B 183 -29.53 6.37 -30.48
CA LEU B 183 -29.11 4.98 -30.74
C LEU B 183 -28.75 4.25 -29.41
N ALA B 184 -29.00 2.93 -29.32
CA ALA B 184 -28.74 2.15 -28.11
C ALA B 184 -28.57 0.75 -28.55
N CYS B 185 -27.44 0.13 -28.22
CA CYS B 185 -27.20 -1.24 -28.60
C CYS B 185 -27.60 -2.08 -27.41
N VAL B 186 -28.84 -2.62 -27.40
CA VAL B 186 -29.30 -3.49 -26.32
C VAL B 186 -28.70 -4.89 -26.40
N VAL B 187 -27.86 -5.24 -25.43
CA VAL B 187 -27.22 -6.58 -25.39
C VAL B 187 -28.17 -7.54 -24.69
N CYS B 188 -28.49 -8.64 -25.39
CA CYS B 188 -29.44 -9.68 -24.87
C CYS B 188 -28.89 -11.07 -24.94
N ARG B 189 -29.51 -11.92 -24.12
CA ARG B 189 -29.35 -13.36 -24.21
C ARG B 189 -30.58 -13.88 -25.01
N VAL B 190 -30.33 -14.76 -25.95
CA VAL B 190 -31.39 -15.34 -26.78
C VAL B 190 -32.03 -16.41 -25.92
N SER B 191 -33.33 -16.22 -25.61
CA SER B 191 -34.14 -17.27 -24.97
C SER B 191 -35.51 -17.35 -25.67
N ASP B 192 -35.79 -18.47 -26.34
CA ASP B 192 -37.15 -18.73 -26.87
C ASP B 192 -38.24 -18.58 -25.81
N ASP B 193 -37.98 -19.19 -24.65
CA ASP B 193 -38.79 -19.05 -23.46
C ASP B 193 -38.02 -18.26 -22.35
N PRO B 194 -38.40 -16.99 -22.11
CA PRO B 194 -37.84 -16.27 -20.95
C PRO B 194 -38.21 -16.83 -19.56
N SER B 195 -39.02 -17.88 -19.53
CA SER B 195 -39.43 -18.51 -18.27
C SER B 195 -38.49 -19.69 -17.99
N LYS B 196 -37.77 -20.13 -19.02
CA LYS B 196 -36.77 -21.17 -18.86
C LYS B 196 -35.47 -20.55 -18.28
N PRO B 197 -34.86 -21.21 -17.26
CA PRO B 197 -33.48 -20.88 -16.84
C PRO B 197 -32.60 -21.03 -18.08
N GLN B 198 -31.44 -20.39 -18.13
CA GLN B 198 -30.49 -20.68 -19.20
C GLN B 198 -30.12 -22.19 -19.20
N ASP B 199 -29.88 -22.77 -20.39
CA ASP B 199 -29.41 -24.15 -20.49
C ASP B 199 -27.97 -24.29 -20.00
N PRO B 200 -27.74 -25.03 -18.88
CA PRO B 200 -26.40 -25.17 -18.25
C PRO B 200 -25.35 -25.87 -19.13
N ASN B 201 -25.73 -26.14 -20.38
CA ASN B 201 -24.96 -27.02 -21.25
C ASN B 201 -24.52 -26.26 -22.49
N VAL B 202 -25.13 -25.08 -22.62
CA VAL B 202 -24.79 -24.15 -23.65
C VAL B 202 -23.78 -23.13 -23.09
N ASP B 203 -22.65 -22.98 -23.77
CA ASP B 203 -21.84 -21.75 -23.72
C ASP B 203 -22.69 -20.49 -23.76
N PRO B 204 -22.61 -19.67 -22.70
CA PRO B 204 -23.38 -18.40 -22.69
C PRO B 204 -22.99 -17.42 -23.81
N ALA B 205 -21.72 -17.48 -24.24
CA ALA B 205 -21.22 -16.54 -25.27
C ALA B 205 -21.93 -16.77 -26.65
N THR B 206 -22.20 -18.04 -26.99
CA THR B 206 -22.98 -18.39 -28.19
C THR B 206 -24.42 -17.86 -28.19
N GLN B 207 -24.94 -17.36 -27.09
CA GLN B 207 -26.34 -16.96 -27.14
C GLN B 207 -26.50 -15.43 -27.16
N ILE B 208 -25.42 -14.69 -27.47
CA ILE B 208 -25.51 -13.23 -27.29
C ILE B 208 -26.09 -12.66 -28.52
N ALA B 209 -26.92 -11.65 -28.36
CA ALA B 209 -27.41 -10.89 -29.47
C ALA B 209 -27.41 -9.41 -29.04
N VAL B 210 -27.16 -8.51 -29.99
CA VAL B 210 -27.24 -7.07 -29.78
C VAL B 210 -28.26 -6.53 -30.80
N LEU B 211 -29.14 -5.68 -30.32
CA LEU B 211 -30.29 -5.24 -31.04
C LEU B 211 -30.35 -3.72 -30.88
N LEU B 212 -30.23 -3.01 -32.00
CA LEU B 212 -30.26 -1.55 -31.98
C LEU B 212 -31.68 -1.11 -31.72
N VAL B 213 -31.85 0.01 -31.03
CA VAL B 213 -33.13 0.45 -30.59
C VAL B 213 -33.00 1.98 -30.55
N THR B 214 -33.94 2.64 -31.24
CA THR B 214 -33.84 4.04 -31.49
C THR B 214 -35.14 4.59 -31.02
N ARG B 215 -35.19 5.90 -30.80
CA ARG B 215 -36.41 6.64 -30.49
C ARG B 215 -37.67 6.27 -31.32
N GLU B 216 -37.45 5.91 -32.59
CA GLU B 216 -38.45 5.33 -33.50
C GLU B 216 -38.96 3.95 -32.93
N THR B 217 -38.08 2.95 -32.82
CA THR B 217 -38.44 1.64 -32.19
C THR B 217 -39.28 1.74 -30.92
N ILE B 218 -38.76 2.44 -29.95
CA ILE B 218 -39.51 2.78 -28.74
C ILE B 218 -40.94 3.31 -29.05
N ALA B 219 -41.07 4.22 -30.04
CA ALA B 219 -42.34 4.90 -30.38
C ALA B 219 -43.38 3.99 -31.14
N ASN B 220 -42.86 3.10 -32.01
CA ASN B 220 -43.62 2.11 -32.74
C ASN B 220 -43.97 0.94 -31.80
N ASN B 221 -44.26 1.26 -30.54
CA ASN B 221 -44.39 0.22 -29.44
C ASN B 221 -45.28 0.70 -28.32
N LYS B 222 -45.96 -0.23 -27.60
CA LYS B 222 -46.84 0.17 -26.47
C LYS B 222 -46.18 1.08 -25.41
N LYS B 223 -46.92 2.09 -24.98
CA LYS B 223 -46.46 3.10 -24.03
C LYS B 223 -45.84 2.46 -22.83
N ASP B 224 -46.14 1.17 -22.62
CA ASP B 224 -45.61 0.49 -21.44
C ASP B 224 -44.73 -0.71 -21.74
N ALA B 225 -44.24 -0.83 -22.97
CA ALA B 225 -43.31 -1.93 -23.35
C ALA B 225 -41.89 -1.50 -22.99
N TYR B 226 -41.80 -0.21 -22.66
CA TYR B 226 -40.57 0.47 -22.33
C TYR B 226 -40.92 1.49 -21.26
N GLN B 227 -40.54 1.14 -20.02
CA GLN B 227 -40.66 2.14 -18.96
C GLN B 227 -39.38 2.38 -18.12
N ILE B 228 -39.25 3.61 -17.69
CA ILE B 228 -38.17 4.03 -16.83
C ILE B 228 -38.68 3.91 -15.41
N LEU B 229 -38.27 2.81 -14.76
CA LEU B 229 -38.53 2.55 -13.33
C LEU B 229 -37.84 3.48 -12.39
N GLY B 230 -36.71 4.08 -12.80
CA GLY B 230 -35.95 5.00 -11.94
C GLY B 230 -34.57 5.42 -12.40
N GLU B 231 -33.96 6.26 -11.59
CA GLU B 231 -32.66 6.83 -11.95
C GLU B 231 -31.84 6.91 -10.65
N PRO B 232 -30.82 6.03 -10.47
CA PRO B 232 -29.90 6.06 -9.32
C PRO B 232 -29.42 7.45 -8.95
N GLU B 233 -29.45 7.80 -7.66
CA GLU B 233 -28.76 9.05 -7.24
C GLU B 233 -27.32 8.63 -6.98
N LEU B 234 -26.35 9.20 -7.71
CA LEU B 234 -24.97 8.67 -7.68
C LEU B 234 -24.14 9.49 -6.71
N ALA B 235 -23.17 8.86 -6.04
CA ALA B 235 -22.17 9.61 -5.20
C ALA B 235 -21.55 10.81 -5.94
N GLY B 236 -20.89 10.59 -7.08
CA GLY B 236 -20.48 11.71 -7.93
C GLY B 236 -20.93 11.51 -9.38
N HIS B 237 -20.44 12.36 -10.27
CA HIS B 237 -20.97 12.37 -11.63
C HIS B 237 -22.47 12.49 -11.50
N ILE B 238 -22.92 13.61 -10.95
CA ILE B 238 -24.30 13.74 -10.50
C ILE B 238 -25.28 14.27 -11.59
N THR B 239 -24.72 14.61 -12.74
CA THR B 239 -25.43 15.11 -13.93
C THR B 239 -25.50 14.04 -15.06
N THR B 240 -25.25 12.76 -14.77
CA THR B 240 -25.33 11.72 -15.76
C THR B 240 -26.67 11.03 -15.58
N SER B 241 -27.06 10.21 -16.57
CA SER B 241 -28.31 9.46 -16.51
C SER B 241 -27.99 8.06 -16.95
N GLY B 242 -28.17 7.07 -16.07
CA GLY B 242 -28.09 5.67 -16.44
C GLY B 242 -29.20 4.95 -15.68
N PRO B 243 -30.49 5.17 -16.12
CA PRO B 243 -31.71 4.79 -15.46
C PRO B 243 -31.91 3.30 -15.43
N HIS B 244 -32.85 2.91 -14.57
CA HIS B 244 -33.47 1.58 -14.54
C HIS B 244 -34.63 1.42 -15.58
N THR B 245 -34.49 0.45 -16.46
CA THR B 245 -35.29 0.43 -17.68
C THR B 245 -35.97 -0.93 -17.78
N ARG B 246 -37.32 -0.95 -17.76
CA ARG B 246 -38.01 -2.25 -17.97
C ARG B 246 -38.49 -2.46 -19.42
N PHE B 247 -37.98 -3.54 -20.04
CA PHE B 247 -38.49 -4.04 -21.35
C PHE B 247 -39.58 -5.10 -21.23
N THR B 248 -40.81 -4.72 -21.59
CA THR B 248 -41.98 -5.65 -21.54
C THR B 248 -42.62 -5.91 -22.94
N GLU B 249 -42.27 -7.03 -23.56
CA GLU B 249 -42.86 -7.34 -24.86
C GLU B 249 -42.53 -6.20 -25.85
N PHE B 250 -41.23 -5.98 -26.04
CA PHE B 250 -40.73 -4.85 -26.80
C PHE B 250 -40.36 -5.36 -28.17
N HIS B 251 -41.02 -4.78 -29.21
CA HIS B 251 -40.79 -5.26 -30.55
C HIS B 251 -39.74 -4.42 -31.22
N VAL B 252 -38.79 -5.11 -31.85
CA VAL B 252 -37.73 -4.51 -32.63
C VAL B 252 -37.55 -5.36 -33.94
N PRO B 253 -37.50 -4.71 -35.15
CA PRO B 253 -37.21 -5.38 -36.45
C PRO B 253 -35.92 -6.12 -36.60
N HIS B 254 -35.98 -7.37 -37.07
CA HIS B 254 -34.79 -8.13 -37.50
C HIS B 254 -33.72 -7.34 -38.33
N GLU B 255 -34.09 -6.19 -38.87
CA GLU B 255 -33.09 -5.44 -39.67
C GLU B 255 -32.08 -4.77 -38.70
N ASN B 256 -32.64 -4.33 -37.55
CA ASN B 256 -31.92 -3.79 -36.38
C ASN B 256 -30.98 -4.81 -35.62
N LEU B 257 -30.89 -6.06 -36.09
CA LEU B 257 -30.00 -7.03 -35.51
C LEU B 257 -28.56 -6.73 -35.98
N LEU B 258 -27.65 -6.51 -35.04
CA LEU B 258 -26.36 -5.94 -35.37
C LEU B 258 -25.49 -6.89 -36.15
N CYS B 259 -25.62 -8.18 -35.88
CA CYS B 259 -24.77 -9.19 -36.57
C CYS B 259 -25.38 -10.55 -36.25
N THR B 260 -24.78 -11.66 -36.67
CA THR B 260 -25.30 -12.98 -36.24
C THR B 260 -25.21 -13.05 -34.69
N PRO B 261 -26.29 -13.47 -33.97
CA PRO B 261 -26.09 -13.84 -32.56
C PRO B 261 -24.96 -14.83 -32.31
N GLY B 262 -24.43 -14.81 -31.08
CA GLY B 262 -23.38 -15.78 -30.73
C GLY B 262 -22.00 -15.15 -30.53
N LEU B 263 -20.98 -15.97 -30.74
CA LEU B 263 -19.57 -15.56 -30.67
C LEU B 263 -19.21 -14.24 -31.38
N LYS B 264 -19.87 -13.95 -32.49
CA LYS B 264 -19.63 -12.69 -33.20
C LYS B 264 -20.23 -11.49 -32.47
N ALA B 265 -21.44 -11.65 -31.92
CA ALA B 265 -22.05 -10.55 -31.16
C ALA B 265 -21.31 -10.27 -29.83
N GLN B 266 -20.84 -11.31 -29.14
CA GLN B 266 -20.05 -11.13 -27.93
C GLN B 266 -18.68 -10.48 -28.23
N GLY B 267 -18.08 -10.87 -29.35
CA GLY B 267 -16.83 -10.24 -29.86
C GLY B 267 -16.94 -8.73 -29.92
N LEU B 268 -18.07 -8.21 -30.39
CA LEU B 268 -18.25 -6.78 -30.55
C LEU B 268 -18.45 -6.09 -29.20
N VAL B 269 -19.11 -6.78 -28.27
CA VAL B 269 -19.32 -6.23 -26.95
C VAL B 269 -17.97 -6.26 -26.19
N GLU B 270 -17.30 -7.40 -26.16
CA GLU B 270 -15.92 -7.50 -25.75
C GLU B 270 -14.97 -6.41 -26.32
N THR B 271 -15.05 -6.11 -27.61
CA THR B 271 -14.06 -5.28 -28.24
C THR B 271 -14.46 -3.86 -27.88
N ALA B 272 -15.75 -3.56 -27.83
CA ALA B 272 -16.18 -2.23 -27.50
C ALA B 272 -15.68 -1.90 -26.10
N PHE B 273 -15.92 -2.85 -25.18
CA PHE B 273 -15.68 -2.66 -23.79
C PHE B 273 -14.20 -2.64 -23.45
N ALA B 274 -13.37 -3.34 -24.23
CA ALA B 274 -11.93 -3.29 -24.05
C ALA B 274 -11.33 -1.95 -24.53
N MET B 275 -12.04 -1.23 -25.40
CA MET B 275 -11.60 0.07 -25.90
C MET B 275 -11.90 1.08 -24.86
N SER B 276 -13.14 1.08 -24.39
CA SER B 276 -13.57 1.97 -23.29
C SER B 276 -12.77 1.72 -21.99
N ALA B 277 -12.46 0.48 -21.67
CA ALA B 277 -11.51 0.17 -20.61
C ALA B 277 -10.17 0.97 -20.72
N ALA B 278 -9.54 1.04 -21.90
CA ALA B 278 -8.35 1.88 -22.10
C ALA B 278 -8.63 3.37 -22.00
N LEU B 279 -9.65 3.84 -22.70
CA LEU B 279 -9.99 5.26 -22.64
C LEU B 279 -10.42 5.83 -21.28
N VAL B 280 -11.04 5.01 -20.48
CA VAL B 280 -11.45 5.42 -19.15
C VAL B 280 -10.30 5.91 -18.22
N GLY B 281 -9.09 5.38 -18.39
CA GLY B 281 -7.93 5.85 -17.69
C GLY B 281 -7.59 7.33 -17.91
N ALA B 282 -7.98 7.89 -19.06
CA ALA B 282 -7.92 9.32 -19.38
C ALA B 282 -8.87 10.17 -18.54
N MET B 283 -10.07 9.69 -18.31
CA MET B 283 -11.00 10.22 -17.32
C MET B 283 -10.47 10.20 -15.88
N ALA B 284 -9.94 9.08 -15.44
CA ALA B 284 -9.27 8.99 -14.13
C ALA B 284 -8.07 10.00 -14.06
N ILE B 285 -7.18 9.94 -15.04
CA ILE B 285 -6.06 10.87 -15.16
C ILE B 285 -6.53 12.30 -14.97
N GLY B 286 -7.56 12.76 -15.69
CA GLY B 286 -7.98 14.14 -15.65
C GLY B 286 -8.49 14.53 -14.29
N THR B 287 -9.37 13.71 -13.72
CA THR B 287 -9.85 13.90 -12.36
C THR B 287 -8.70 13.97 -11.30
N ALA B 288 -7.80 13.01 -11.30
CA ALA B 288 -6.76 12.94 -10.32
C ALA B 288 -5.77 14.06 -10.55
N ARG B 289 -5.72 14.53 -11.82
CA ARG B 289 -4.82 15.61 -12.27
C ARG B 289 -5.29 16.97 -11.78
N ALA B 290 -6.61 17.17 -11.74
CA ALA B 290 -7.20 18.36 -11.12
C ALA B 290 -7.00 18.30 -9.58
N ALA B 291 -7.05 17.09 -8.98
CA ALA B 291 -6.70 16.91 -7.56
C ALA B 291 -5.27 17.37 -7.26
N PHE B 292 -4.27 16.70 -7.83
CA PHE B 292 -2.90 17.04 -7.73
C PHE B 292 -2.56 18.51 -8.05
N GLU B 293 -3.20 19.12 -9.09
CA GLU B 293 -2.82 20.49 -9.50
C GLU B 293 -3.29 21.59 -8.57
N GLU B 294 -4.51 21.46 -8.05
CA GLU B 294 -5.03 22.31 -6.95
C GLU B 294 -4.18 22.17 -5.68
N ALA B 295 -3.82 20.92 -5.33
CA ALA B 295 -2.88 20.61 -4.21
C ALA B 295 -1.46 21.22 -4.40
N LEU B 296 -0.93 21.15 -5.61
CA LEU B 296 0.37 21.65 -5.92
C LEU B 296 0.39 23.18 -5.81
N VAL B 297 -0.60 23.84 -6.41
CA VAL B 297 -0.69 25.31 -6.38
C VAL B 297 -0.88 25.82 -4.96
N PHE B 298 -1.77 25.17 -4.21
CA PHE B 298 -1.90 25.44 -2.79
C PHE B 298 -0.58 25.27 -1.95
N ALA B 299 0.11 24.15 -2.16
CA ALA B 299 1.32 23.83 -1.41
C ALA B 299 2.44 24.80 -1.79
N LYS B 300 2.52 25.19 -3.05
CA LYS B 300 3.47 26.27 -3.46
C LYS B 300 3.08 27.72 -3.11
N SER B 301 1.95 27.96 -2.44
CA SER B 301 1.56 29.32 -2.14
C SER B 301 0.96 29.55 -0.78
N ASP B 302 0.68 28.49 -0.03
CA ASP B 302 0.16 28.64 1.35
C ASP B 302 1.15 28.08 2.40
N THR B 303 1.41 28.81 3.48
CA THR B 303 2.45 28.42 4.45
C THR B 303 1.81 27.76 5.64
N ARG B 304 0.49 27.82 5.63
CA ARG B 304 -0.35 27.18 6.64
C ARG B 304 -0.02 27.61 8.10
N GLY B 305 0.29 28.90 8.27
CA GLY B 305 0.68 29.51 9.54
C GLY B 305 2.16 29.44 9.94
N GLY B 306 3.06 29.03 9.06
CA GLY B 306 4.45 28.96 9.39
C GLY B 306 5.23 29.96 8.59
N SER B 307 6.48 29.63 8.36
CA SER B 307 7.46 30.52 7.81
C SER B 307 7.78 30.13 6.38
N LYS B 308 7.32 28.97 5.93
CA LYS B 308 7.60 28.52 4.54
C LYS B 308 6.38 27.82 3.94
N HIS B 309 6.29 27.87 2.60
CA HIS B 309 5.26 27.18 1.84
C HIS B 309 5.27 25.68 2.21
N ILE B 310 4.08 25.10 2.22
CA ILE B 310 3.86 23.71 2.59
C ILE B 310 4.68 22.70 1.73
N ILE B 311 5.05 23.08 0.52
CA ILE B 311 5.76 22.18 -0.39
C ILE B 311 7.17 21.82 0.10
N GLU B 312 7.64 22.65 1.03
CA GLU B 312 8.97 22.58 1.62
C GLU B 312 9.03 21.59 2.74
N HIS B 313 7.89 21.11 3.23
CA HIS B 313 7.84 19.96 4.16
C HIS B 313 7.94 18.62 3.43
N GLN B 314 9.03 17.88 3.68
CA GLN B 314 9.20 16.49 3.20
C GLN B 314 7.94 15.66 3.12
N SER B 315 7.08 15.66 4.12
CA SER B 315 5.89 14.81 4.06
C SER B 315 4.82 15.27 3.05
N VAL B 316 4.60 16.57 2.95
CA VAL B 316 3.84 17.25 1.88
C VAL B 316 4.36 16.94 0.48
N ALA B 317 5.60 17.32 0.17
CA ALA B 317 6.26 16.90 -1.10
C ALA B 317 6.15 15.41 -1.40
N ASP B 318 6.33 14.58 -0.41
CA ASP B 318 6.13 13.16 -0.59
C ASP B 318 4.76 12.72 -1.15
N LYS B 319 3.65 13.29 -0.65
CA LYS B 319 2.29 13.04 -1.16
C LYS B 319 2.22 13.53 -2.61
N LEU B 320 2.74 14.74 -2.88
CA LEU B 320 2.75 15.33 -4.25
C LEU B 320 3.57 14.52 -5.22
N ILE B 321 4.71 14.02 -4.78
CA ILE B 321 5.57 13.23 -5.64
C ILE B 321 4.84 11.98 -6.12
N ASP B 322 4.09 11.35 -5.21
CA ASP B 322 3.42 10.14 -5.47
C ASP B 322 2.24 10.31 -6.42
N CYS B 323 1.45 11.35 -6.23
CA CYS B 323 0.41 11.72 -7.18
C CYS B 323 1.05 11.90 -8.54
N LYS B 324 2.01 12.80 -8.65
CA LYS B 324 2.76 12.96 -9.92
C LYS B 324 3.18 11.62 -10.56
N ILE B 325 3.77 10.74 -9.78
CA ILE B 325 4.22 9.42 -10.28
C ILE B 325 3.07 8.59 -10.90
N ARG B 326 1.95 8.52 -10.20
CA ARG B 326 0.77 7.82 -10.62
C ARG B 326 0.14 8.44 -11.87
N LEU B 327 0.11 9.76 -11.94
CA LEU B 327 -0.41 10.41 -13.12
C LEU B 327 0.45 10.14 -14.36
N GLU B 328 1.75 10.17 -14.17
CA GLU B 328 2.69 9.99 -15.26
C GLU B 328 2.71 8.56 -15.78
N THR B 329 2.80 7.59 -14.87
CA THR B 329 2.78 6.20 -15.26
C THR B 329 1.42 5.82 -15.90
N SER B 330 0.33 6.34 -15.33
CA SER B 330 -1.01 6.16 -15.84
C SER B 330 -1.12 6.60 -17.32
N ARG B 331 -0.66 7.82 -17.61
CA ARG B 331 -0.81 8.40 -18.97
C ARG B 331 -0.10 7.58 -19.98
N LEU B 332 1.13 7.27 -19.63
CA LEU B 332 2.00 6.50 -20.46
C LEU B 332 1.27 5.19 -20.80
N LEU B 333 0.55 4.66 -19.83
CA LEU B 333 -0.04 3.34 -19.96
C LEU B 333 -1.28 3.40 -20.81
N VAL B 334 -2.00 4.53 -20.79
CA VAL B 334 -3.22 4.66 -21.56
C VAL B 334 -2.83 4.77 -23.06
N TRP B 335 -1.90 5.69 -23.36
CA TRP B 335 -1.28 5.80 -24.67
C TRP B 335 -0.67 4.49 -25.16
N LYS B 336 0.08 3.82 -24.33
CA LYS B 336 0.53 2.50 -24.70
C LYS B 336 -0.66 1.58 -25.06
N ALA B 337 -1.68 1.55 -24.19
CA ALA B 337 -2.89 0.75 -24.43
C ALA B 337 -3.62 1.07 -25.74
N VAL B 338 -3.82 2.37 -26.04
CA VAL B 338 -4.62 2.75 -27.20
C VAL B 338 -3.83 2.44 -28.46
N THR B 339 -2.58 2.85 -28.49
CA THR B 339 -1.71 2.50 -29.56
C THR B 339 -1.68 0.98 -29.81
N THR B 340 -1.86 0.17 -28.77
CA THR B 340 -1.79 -1.29 -28.95
C THR B 340 -3.10 -1.82 -29.55
N LEU B 341 -4.22 -1.23 -29.14
CA LEU B 341 -5.50 -1.53 -29.70
C LEU B 341 -5.43 -1.30 -31.19
N GLU B 342 -4.79 -0.20 -31.59
CA GLU B 342 -4.75 0.29 -32.95
C GLU B 342 -3.79 -0.47 -33.87
N ASP B 343 -3.01 -1.40 -33.33
CA ASP B 343 -1.94 -2.06 -34.06
C ASP B 343 -2.41 -3.39 -34.64
N GLU B 344 -2.50 -3.42 -35.98
CA GLU B 344 -3.13 -4.52 -36.70
C GLU B 344 -2.34 -5.80 -36.65
N ALA B 345 -1.02 -5.69 -36.43
CA ALA B 345 -0.13 -6.87 -36.26
C ALA B 345 -0.33 -7.75 -34.98
N LEU B 346 -0.94 -7.20 -33.93
CA LEU B 346 -1.11 -7.96 -32.68
C LEU B 346 -2.40 -8.78 -32.62
N GLU B 347 -2.29 -9.92 -31.95
CA GLU B 347 -3.47 -10.74 -31.64
C GLU B 347 -4.40 -10.04 -30.65
N TRP B 348 -5.66 -10.36 -30.73
CA TRP B 348 -6.62 -9.74 -29.86
C TRP B 348 -6.25 -9.89 -28.39
N LYS B 349 -5.83 -11.08 -27.96
CA LYS B 349 -5.67 -11.29 -26.53
C LYS B 349 -4.54 -10.44 -25.95
N VAL B 350 -3.68 -9.91 -26.82
CA VAL B 350 -2.51 -9.14 -26.39
C VAL B 350 -2.99 -7.72 -26.09
N LYS B 351 -3.82 -7.23 -27.00
CA LYS B 351 -4.54 -5.98 -26.92
C LYS B 351 -5.51 -5.98 -25.72
N LEU B 352 -6.16 -7.13 -25.46
CA LEU B 352 -7.12 -7.25 -24.35
C LEU B 352 -6.32 -7.22 -23.01
N GLU B 353 -5.29 -8.05 -22.86
CA GLU B 353 -4.42 -7.99 -21.65
C GLU B 353 -3.96 -6.53 -21.33
N MET B 354 -3.51 -5.78 -22.33
CA MET B 354 -3.04 -4.41 -22.17
C MET B 354 -4.12 -3.45 -21.73
N ALA B 355 -5.31 -3.57 -22.31
CA ALA B 355 -6.46 -2.82 -21.92
C ALA B 355 -6.92 -3.09 -20.45
N MET B 356 -6.94 -4.35 -20.01
CA MET B 356 -7.36 -4.68 -18.66
C MET B 356 -6.41 -4.06 -17.64
N GLN B 357 -5.10 -4.22 -17.86
CA GLN B 357 -4.05 -3.58 -17.09
C GLN B 357 -4.26 -2.13 -16.89
N THR B 358 -4.57 -1.47 -18.01
CA THR B 358 -4.70 -0.03 -18.03
C THR B 358 -5.94 0.36 -17.18
N LYS B 359 -7.07 -0.26 -17.45
CA LYS B 359 -8.26 0.05 -16.69
C LYS B 359 -7.97 -0.12 -15.18
N ILE B 360 -7.51 -1.31 -14.79
CA ILE B 360 -7.17 -1.64 -13.39
C ILE B 360 -6.18 -0.64 -12.74
N TYR B 361 -4.97 -0.49 -13.31
CA TYR B 361 -4.01 0.45 -12.79
C TYR B 361 -4.50 1.89 -12.63
N THR B 362 -4.99 2.49 -13.70
CA THR B 362 -5.29 3.90 -13.72
C THR B 362 -6.48 4.25 -12.79
N THR B 363 -7.38 3.31 -12.61
CA THR B 363 -8.59 3.68 -11.86
C THR B 363 -8.35 3.58 -10.36
N ASP B 364 -7.66 2.52 -10.00
CA ASP B 364 -7.16 2.27 -8.67
C ASP B 364 -6.22 3.36 -8.14
N VAL B 365 -5.36 3.86 -9.02
CA VAL B 365 -4.28 4.73 -8.62
C VAL B 365 -4.79 6.18 -8.53
N ALA B 366 -5.85 6.53 -9.30
CA ALA B 366 -6.48 7.88 -9.25
C ALA B 366 -7.20 8.17 -7.93
N VAL B 367 -7.81 7.14 -7.40
CA VAL B 367 -8.31 7.18 -6.04
C VAL B 367 -7.21 7.59 -5.02
N GLU B 368 -6.08 6.88 -5.03
CA GLU B 368 -4.90 7.13 -4.19
C GLU B 368 -4.37 8.55 -4.36
N CYS B 369 -4.47 9.03 -5.58
CA CYS B 369 -3.97 10.33 -5.95
C CYS B 369 -4.86 11.50 -5.48
N VAL B 370 -6.20 11.34 -5.50
CA VAL B 370 -7.06 12.39 -4.95
C VAL B 370 -6.92 12.43 -3.42
N ILE B 371 -6.85 11.27 -2.80
CA ILE B 371 -6.79 11.17 -1.34
C ILE B 371 -5.49 11.70 -0.76
N ASP B 372 -4.36 11.46 -1.45
CA ASP B 372 -3.09 12.05 -1.00
C ASP B 372 -3.08 13.57 -1.18
N ALA B 373 -3.67 14.05 -2.28
CA ALA B 373 -3.78 15.48 -2.59
C ALA B 373 -4.51 16.22 -1.45
N MET B 374 -5.62 15.62 -0.99
CA MET B 374 -6.49 16.10 0.11
C MET B 374 -5.75 16.17 1.46
N LYS B 375 -5.06 15.07 1.75
CA LYS B 375 -4.27 14.84 2.98
C LYS B 375 -3.15 15.85 3.20
N ALA B 376 -2.54 16.28 2.08
CA ALA B 376 -1.51 17.31 1.94
C ALA B 376 -1.99 18.75 2.04
N VAL B 377 -3.17 19.03 1.49
CA VAL B 377 -3.89 20.30 1.74
C VAL B 377 -4.40 20.32 3.19
N GLY B 378 -4.87 19.19 3.73
CA GLY B 378 -5.31 19.14 5.13
C GLY B 378 -6.79 19.48 5.22
N MET B 379 -7.22 20.09 6.34
CA MET B 379 -8.65 20.28 6.60
C MET B 379 -9.42 21.08 5.49
N LYS B 380 -8.77 22.05 4.86
CA LYS B 380 -9.36 22.87 3.80
C LYS B 380 -9.92 22.08 2.63
N SER B 381 -9.32 20.93 2.38
CA SER B 381 -9.66 20.13 1.22
C SER B 381 -11.07 19.56 1.37
N TYR B 382 -11.65 19.68 2.57
CA TYR B 382 -12.89 18.95 2.92
C TYR B 382 -14.13 19.86 2.88
N ALA B 383 -13.91 21.15 2.65
CA ALA B 383 -14.93 22.15 2.48
C ALA B 383 -15.16 22.40 0.95
N LYS B 384 -16.41 22.70 0.59
CA LYS B 384 -16.83 22.75 -0.82
C LYS B 384 -16.45 24.01 -1.54
N ASP B 385 -15.57 24.82 -0.97
CA ASP B 385 -15.00 25.94 -1.70
C ASP B 385 -13.69 25.54 -2.35
N MET B 386 -13.46 24.23 -2.41
CA MET B 386 -12.33 23.63 -3.09
C MET B 386 -12.98 22.51 -3.87
N SER B 387 -12.27 22.01 -4.87
CA SER B 387 -12.78 21.00 -5.77
C SER B 387 -12.85 19.65 -5.17
N PHE B 388 -12.14 19.46 -4.04
CA PHE B 388 -11.81 18.09 -3.60
C PHE B 388 -13.03 17.22 -3.24
N PRO B 389 -14.02 17.79 -2.51
CA PRO B 389 -15.21 16.94 -2.23
C PRO B 389 -15.86 16.37 -3.53
N ARG B 390 -15.99 17.23 -4.55
CA ARG B 390 -16.42 16.76 -5.86
C ARG B 390 -15.50 15.69 -6.49
N LEU B 391 -14.17 15.94 -6.48
CA LEU B 391 -13.19 15.01 -7.13
C LEU B 391 -13.22 13.61 -6.51
N LEU B 392 -13.38 13.61 -5.20
CA LEU B 392 -13.36 12.39 -4.40
C LEU B 392 -14.52 11.50 -4.77
N ASN B 393 -15.73 12.10 -4.80
CA ASN B 393 -16.93 11.36 -5.25
C ASN B 393 -16.82 10.90 -6.70
N GLU B 394 -16.41 11.81 -7.56
CA GLU B 394 -16.16 11.52 -8.97
C GLU B 394 -15.18 10.39 -9.22
N VAL B 395 -14.05 10.40 -8.51
CA VAL B 395 -12.91 9.48 -8.74
C VAL B 395 -13.23 8.01 -8.33
N MET B 396 -14.13 7.88 -7.35
CA MET B 396 -14.56 6.56 -6.89
C MET B 396 -15.41 5.78 -7.89
N CYS B 397 -15.94 6.48 -8.91
CA CYS B 397 -16.69 5.84 -9.98
C CYS B 397 -15.75 4.89 -10.75
N TYR B 398 -14.58 5.43 -11.09
CA TYR B 398 -13.65 4.75 -11.97
C TYR B 398 -13.21 3.29 -11.70
N PRO B 399 -12.83 2.90 -10.46
CA PRO B 399 -12.60 1.42 -10.33
C PRO B 399 -13.90 0.57 -10.43
N LEU B 400 -15.01 1.27 -10.24
CA LEU B 400 -16.30 0.62 -10.12
C LEU B 400 -16.93 0.38 -11.48
N PHE B 401 -16.99 1.43 -12.31
CA PHE B 401 -17.62 1.45 -13.63
C PHE B 401 -16.70 1.01 -14.74
N GLU B 402 -17.14 1.14 -16.01
CA GLU B 402 -16.67 0.35 -17.15
C GLU B 402 -16.16 -1.02 -16.82
N GLY B 403 -16.92 -1.73 -15.99
CA GLY B 403 -16.62 -3.12 -15.56
C GLY B 403 -15.61 -3.09 -14.42
N GLY B 404 -16.09 -3.34 -13.19
CA GLY B 404 -15.28 -3.17 -12.02
C GLY B 404 -14.02 -3.99 -12.08
N ASN B 405 -13.03 -3.62 -11.29
CA ASN B 405 -11.71 -4.27 -11.41
C ASN B 405 -11.77 -5.61 -10.80
N ILE B 406 -12.52 -5.74 -9.72
CA ILE B 406 -12.54 -6.96 -8.92
C ILE B 406 -13.27 -8.05 -9.70
N GLY B 407 -14.47 -7.73 -10.19
CA GLY B 407 -15.36 -8.68 -10.82
C GLY B 407 -14.97 -9.06 -12.24
N LEU B 408 -14.73 -8.03 -13.06
CA LEU B 408 -14.60 -8.20 -14.50
C LEU B 408 -13.17 -8.10 -14.98
N ARG B 409 -12.54 -6.93 -14.89
CA ARG B 409 -11.27 -6.70 -15.55
C ARG B 409 -10.18 -7.60 -15.00
N ARG B 410 -10.15 -7.83 -13.68
CA ARG B 410 -9.16 -8.79 -13.13
C ARG B 410 -9.38 -10.19 -13.68
N ARG B 411 -10.65 -10.57 -13.95
CA ARG B 411 -10.87 -11.96 -14.44
C ARG B 411 -10.51 -12.14 -15.91
N GLN B 412 -10.77 -11.08 -16.68
CA GLN B 412 -10.51 -11.09 -18.07
C GLN B 412 -8.98 -11.19 -18.23
N MET B 413 -8.22 -10.44 -17.44
CA MET B 413 -6.76 -10.60 -17.52
C MET B 413 -6.24 -11.92 -16.96
N GLN B 414 -6.80 -12.39 -15.85
CA GLN B 414 -6.53 -13.77 -15.39
C GLN B 414 -6.81 -14.83 -16.50
N ARG B 415 -7.95 -14.76 -17.20
CA ARG B 415 -8.22 -15.76 -18.25
C ARG B 415 -7.10 -15.80 -19.33
N VAL B 416 -6.75 -14.64 -19.88
CA VAL B 416 -5.66 -14.48 -20.83
C VAL B 416 -4.31 -14.99 -20.29
N MET B 417 -3.96 -14.65 -19.06
CA MET B 417 -2.64 -15.11 -18.58
C MET B 417 -2.57 -16.62 -18.46
N ALA B 418 -3.72 -17.22 -18.14
CA ALA B 418 -3.88 -18.68 -17.96
C ALA B 418 -3.66 -19.53 -19.22
N LEU B 419 -3.88 -18.93 -20.40
CA LEU B 419 -3.72 -19.57 -21.75
C LEU B 419 -2.36 -20.11 -22.04
N GLU B 420 -2.29 -21.28 -22.67
CA GLU B 420 -1.03 -21.98 -22.95
C GLU B 420 -0.04 -21.10 -23.72
N ASP B 421 -0.58 -20.29 -24.63
CA ASP B 421 0.22 -19.56 -25.61
C ASP B 421 0.33 -18.05 -25.26
N TYR B 422 -0.07 -17.70 -24.05
CA TYR B 422 0.17 -16.39 -23.46
C TYR B 422 1.59 -15.89 -23.63
N GLU B 423 1.70 -14.69 -24.18
CA GLU B 423 3.00 -14.02 -24.23
C GLU B 423 2.93 -12.68 -23.49
N PRO B 424 3.53 -12.64 -22.27
CA PRO B 424 3.41 -11.40 -21.45
C PRO B 424 3.92 -10.10 -22.12
N TRP B 425 4.92 -10.19 -23.01
CA TRP B 425 5.62 -8.98 -23.52
C TRP B 425 5.41 -8.71 -24.99
N ALA B 426 4.36 -9.31 -25.52
CA ALA B 426 4.10 -9.32 -26.94
C ALA B 426 3.82 -7.90 -27.44
N ALA B 427 3.12 -7.11 -26.62
CA ALA B 427 2.77 -5.74 -27.02
C ALA B 427 4.02 -4.81 -27.12
N THR B 428 5.17 -5.28 -26.62
CA THR B 428 6.38 -4.46 -26.54
C THR B 428 7.46 -4.97 -27.49
N TYR B 429 7.65 -6.27 -27.44
CA TYR B 429 8.79 -6.92 -28.05
C TYR B 429 8.31 -7.81 -29.19
N GLY B 430 7.03 -7.69 -29.57
CA GLY B 430 6.41 -8.47 -30.65
C GLY B 430 6.30 -9.96 -30.40
N SER B 431 5.62 -10.67 -31.35
CA SER B 431 5.54 -12.19 -31.52
C SER B 431 4.36 -12.79 -30.80
N VAL C 2 -10.99 -4.06 31.07
CA VAL C 2 -9.89 -4.60 30.20
C VAL C 2 -8.53 -4.03 30.61
N ASP C 3 -7.50 -4.83 30.35
CA ASP C 3 -6.21 -4.61 30.99
C ASP C 3 -5.01 -5.02 30.11
N PHE C 4 -3.94 -4.24 30.15
CA PHE C 4 -2.71 -4.56 29.39
C PHE C 4 -1.49 -4.60 30.32
N LYS C 5 -1.71 -4.28 31.59
CA LYS C 5 -0.68 -4.38 32.62
C LYS C 5 -0.13 -5.80 32.73
N LEU C 6 1.20 -5.92 32.77
CA LEU C 6 1.85 -7.22 32.98
C LEU C 6 2.05 -7.60 34.45
N SER C 7 1.78 -8.86 34.76
CA SER C 7 2.03 -9.42 36.06
C SER C 7 3.54 -9.58 36.35
N PRO C 8 3.92 -9.70 37.63
CA PRO C 8 5.32 -9.97 37.91
C PRO C 8 5.96 -11.17 37.21
N SER C 9 5.24 -12.25 36.92
CA SER C 9 5.84 -13.41 36.22
C SER C 9 5.96 -13.25 34.72
N GLN C 10 5.18 -12.30 34.16
CA GLN C 10 5.25 -11.95 32.76
C GLN C 10 6.49 -11.05 32.57
N LEU C 11 6.68 -10.12 33.50
CA LEU C 11 7.92 -9.32 33.57
C LEU C 11 9.19 -10.16 33.76
N GLU C 12 9.14 -11.12 34.69
CA GLU C 12 10.18 -12.10 34.91
C GLU C 12 10.50 -12.94 33.70
N ALA C 13 9.46 -13.45 33.03
CA ALA C 13 9.59 -14.23 31.79
C ALA C 13 10.35 -13.47 30.71
N ARG C 14 10.00 -12.20 30.58
CA ARG C 14 10.71 -11.30 29.70
C ARG C 14 12.20 -11.13 30.10
N ARG C 15 12.44 -10.80 31.39
CA ARG C 15 13.80 -10.66 31.96
C ARG C 15 14.62 -11.89 31.65
N HIS C 16 14.01 -13.06 31.86
CA HIS C 16 14.68 -14.34 31.68
C HIS C 16 14.94 -14.72 30.21
N ALA C 17 14.02 -14.40 29.31
CA ALA C 17 14.26 -14.64 27.89
C ALA C 17 15.33 -13.66 27.34
N GLN C 18 15.30 -12.42 27.83
CA GLN C 18 16.32 -11.44 27.44
C GLN C 18 17.69 -11.82 27.89
N ALA C 19 17.82 -12.28 29.15
CA ALA C 19 19.15 -12.64 29.65
C ALA C 19 19.71 -13.85 28.92
N PHE C 20 18.84 -14.81 28.58
CA PHE C 20 19.24 -16.00 27.86
C PHE C 20 19.71 -15.65 26.48
N ALA C 21 19.12 -14.64 25.87
CA ALA C 21 19.35 -14.38 24.45
C ALA C 21 20.68 -13.58 24.29
N ASN C 22 20.90 -12.72 25.27
CA ASN C 22 22.08 -11.88 25.38
C ASN C 22 23.35 -12.63 25.72
N THR C 23 23.26 -13.49 26.74
CA THR C 23 24.40 -14.21 27.25
C THR C 23 24.63 -15.50 26.50
N VAL C 24 23.56 -16.12 26.01
CA VAL C 24 23.71 -17.39 25.30
C VAL C 24 23.58 -17.29 23.80
N LEU C 25 22.53 -16.67 23.31
CA LEU C 25 22.21 -16.79 21.89
C LEU C 25 23.11 -15.97 20.96
N THR C 26 23.70 -14.90 21.49
CA THR C 26 24.66 -14.01 20.82
C THR C 26 25.98 -14.71 20.44
N LYS C 27 26.23 -15.88 21.04
CA LYS C 27 27.43 -16.69 20.81
C LYS C 27 27.27 -17.75 19.69
N ALA C 28 26.03 -17.96 19.25
CA ALA C 28 25.71 -19.03 18.31
C ALA C 28 26.36 -18.81 16.98
N SER C 29 26.32 -17.54 16.56
CA SER C 29 26.83 -17.08 15.28
C SER C 29 28.35 -17.31 15.01
N ALA C 30 29.19 -17.06 16.02
CA ALA C 30 30.59 -17.47 15.99
C ALA C 30 30.75 -18.91 15.50
N GLU C 31 29.85 -19.80 15.96
CA GLU C 31 29.87 -21.27 15.70
C GLU C 31 29.27 -21.72 14.40
N TYR C 32 28.08 -21.22 14.07
CA TYR C 32 27.38 -21.71 12.84
C TYR C 32 27.83 -21.06 11.53
N SER C 33 28.29 -19.80 11.57
CA SER C 33 28.66 -19.04 10.35
C SER C 33 29.82 -19.70 9.61
N THR C 34 30.65 -20.37 10.39
CA THR C 34 31.81 -21.11 9.98
C THR C 34 31.47 -22.43 9.22
N GLN C 35 30.18 -22.65 8.95
CA GLN C 35 29.71 -23.96 8.52
C GLN C 35 29.13 -24.02 7.11
N LYS C 36 29.22 -25.18 6.52
CA LYS C 36 29.14 -25.29 5.09
C LYS C 36 27.75 -25.45 4.46
N ASP C 37 26.83 -26.13 5.16
CA ASP C 37 25.49 -26.44 4.64
C ASP C 37 24.42 -26.25 5.74
N GLN C 38 23.12 -26.36 5.42
CA GLN C 38 22.03 -26.17 6.43
C GLN C 38 22.19 -27.01 7.68
N LEU C 39 22.49 -28.31 7.49
CA LEU C 39 22.58 -29.27 8.57
C LEU C 39 23.73 -29.06 9.51
N SER C 40 24.92 -28.79 8.97
CA SER C 40 26.06 -28.46 9.81
C SER C 40 25.76 -27.19 10.59
N ARG C 41 25.06 -26.24 9.96
CA ARG C 41 24.61 -25.08 10.74
C ARG C 41 23.60 -25.44 11.85
N PHE C 42 22.60 -26.27 11.52
CA PHE C 42 21.75 -26.90 12.53
C PHE C 42 22.60 -27.58 13.60
N GLN C 43 23.48 -28.50 13.21
CA GLN C 43 24.29 -29.25 14.18
C GLN C 43 25.15 -28.35 15.10
N ALA C 44 25.76 -27.26 14.57
CA ALA C 44 26.54 -26.23 15.38
C ALA C 44 25.76 -25.44 16.46
N THR C 45 24.46 -25.70 16.48
CA THR C 45 23.41 -25.00 17.24
C THR C 45 22.97 -25.87 18.41
N ARG C 46 23.30 -27.17 18.36
CA ARG C 46 23.05 -28.11 19.47
C ARG C 46 23.44 -27.67 20.89
N PRO C 47 24.66 -27.07 21.08
CA PRO C 47 25.03 -26.66 22.46
C PRO C 47 24.15 -25.57 23.04
N PHE C 48 23.49 -24.85 22.15
CA PHE C 48 22.68 -23.68 22.46
C PHE C 48 21.25 -24.13 22.78
N TYR C 49 20.78 -25.15 22.06
CA TYR C 49 19.56 -25.85 22.42
C TYR C 49 19.72 -26.57 23.76
N ARG C 50 20.87 -27.20 23.97
CA ARG C 50 21.22 -27.75 25.25
C ARG C 50 21.13 -26.72 26.37
N GLU C 51 21.57 -25.50 26.13
CA GLU C 51 21.47 -24.47 27.13
C GLU C 51 20.02 -24.04 27.27
N ALA C 52 19.27 -24.08 26.16
CA ALA C 52 17.84 -23.78 26.23
C ALA C 52 17.14 -24.73 27.22
N VAL C 53 17.38 -26.03 27.03
CA VAL C 53 16.84 -27.04 27.89
C VAL C 53 17.20 -26.75 29.33
N ARG C 54 18.48 -26.54 29.60
CA ARG C 54 19.02 -26.22 30.93
C ARG C 54 18.51 -24.88 31.58
N HIS C 55 18.03 -23.91 30.79
CA HIS C 55 17.31 -22.74 31.25
C HIS C 55 15.76 -22.94 31.34
N GLY C 56 15.31 -24.18 31.14
CA GLY C 56 13.92 -24.61 31.36
C GLY C 56 12.95 -24.26 30.26
N LEU C 57 13.49 -23.92 29.09
CA LEU C 57 12.73 -23.34 28.00
C LEU C 57 12.01 -24.33 27.12
N ILE C 58 12.53 -25.55 27.02
CA ILE C 58 11.78 -26.67 26.41
C ILE C 58 10.62 -27.10 27.31
N LYS C 59 10.80 -27.03 28.61
CA LYS C 59 9.78 -27.39 29.58
C LYS C 59 8.65 -26.36 29.61
N ALA C 60 8.96 -25.12 29.29
CA ALA C 60 7.97 -24.07 29.27
C ALA C 60 7.07 -24.14 28.02
N GLN C 61 7.22 -25.18 27.20
CA GLN C 61 6.39 -25.42 25.99
C GLN C 61 5.31 -26.50 26.22
N VAL C 62 5.31 -27.07 27.43
CA VAL C 62 4.38 -28.07 27.87
C VAL C 62 3.69 -27.46 29.05
N PRO C 63 2.34 -27.56 29.13
CA PRO C 63 1.62 -26.88 30.23
C PRO C 63 1.79 -27.56 31.63
N ILE C 64 1.56 -26.79 32.70
CA ILE C 64 1.71 -27.29 34.05
C ILE C 64 0.87 -28.55 34.33
N PRO C 65 -0.44 -28.57 33.92
CA PRO C 65 -1.23 -29.78 34.14
C PRO C 65 -0.58 -31.04 33.61
N LEU C 66 0.23 -30.91 32.56
CA LEU C 66 0.92 -32.08 31.92
C LEU C 66 2.40 -32.27 32.34
N GLY C 67 2.83 -31.65 33.43
CA GLY C 67 4.17 -31.85 33.92
C GLY C 67 5.24 -30.82 33.50
N GLY C 68 4.84 -29.82 32.68
CA GLY C 68 5.73 -28.74 32.16
C GLY C 68 5.56 -27.43 32.91
N THR C 69 6.09 -26.33 32.40
CA THR C 69 6.10 -25.08 33.16
C THR C 69 5.47 -23.92 32.43
N MET C 70 4.73 -24.23 31.37
CA MET C 70 4.11 -23.18 30.60
C MET C 70 3.09 -22.41 31.45
N GLU C 71 3.28 -21.10 31.56
CA GLU C 71 2.49 -20.25 32.42
C GLU C 71 1.22 -19.74 31.74
N SER C 72 1.37 -19.34 30.49
CA SER C 72 0.29 -18.94 29.65
C SER C 72 0.83 -18.50 28.26
N LEU C 73 -0.08 -18.36 27.31
CA LEU C 73 0.29 -18.09 25.96
C LEU C 73 0.72 -16.64 25.82
N VAL C 74 0.27 -15.76 26.71
CA VAL C 74 0.83 -14.41 26.75
C VAL C 74 2.31 -14.39 27.19
N HIS C 75 2.65 -15.21 28.19
CA HIS C 75 4.03 -15.49 28.62
C HIS C 75 4.90 -15.93 27.45
N GLU C 76 4.53 -17.08 26.87
CA GLU C 76 5.05 -17.59 25.59
C GLU C 76 5.32 -16.56 24.47
N SER C 77 4.36 -15.74 24.18
CA SER C 77 4.49 -14.68 23.22
C SER C 77 5.61 -13.74 23.51
N ILE C 78 5.65 -13.28 24.77
CA ILE C 78 6.69 -12.44 25.35
C ILE C 78 8.08 -13.09 25.28
N ILE C 79 8.20 -14.39 25.54
CA ILE C 79 9.49 -15.06 25.39
C ILE C 79 9.92 -15.10 23.95
N LEU C 80 9.01 -15.50 23.06
CA LEU C 80 9.29 -15.55 21.63
C LEU C 80 9.74 -14.22 21.07
N GLU C 81 9.08 -13.13 21.46
CA GLU C 81 9.47 -11.79 20.99
C GLU C 81 10.91 -11.45 21.30
N GLU C 82 11.37 -11.85 22.48
CA GLU C 82 12.66 -11.48 23.00
C GLU C 82 13.75 -12.36 22.43
N LEU C 83 13.45 -13.63 22.22
CA LEU C 83 14.37 -14.53 21.54
C LEU C 83 14.62 -14.05 20.10
N PHE C 84 13.53 -13.83 19.35
CA PHE C 84 13.65 -13.47 17.91
C PHE C 84 14.17 -12.03 17.67
N ALA C 85 13.97 -11.12 18.63
CA ALA C 85 14.62 -9.78 18.67
C ALA C 85 16.17 -9.81 18.66
N VAL C 86 16.75 -10.97 18.98
CA VAL C 86 18.20 -11.13 19.13
C VAL C 86 18.74 -12.22 18.20
N GLU C 87 18.18 -13.43 18.30
CA GLU C 87 18.68 -14.59 17.55
C GLU C 87 17.61 -15.64 17.38
N PRO C 88 17.05 -15.77 16.16
CA PRO C 88 16.27 -16.90 15.63
C PRO C 88 16.94 -18.30 15.58
N ALA C 89 18.28 -18.41 15.54
CA ALA C 89 18.84 -19.74 15.60
C ALA C 89 18.55 -20.25 17.01
N THR C 90 18.25 -21.56 17.12
CA THR C 90 17.88 -22.23 18.35
C THR C 90 16.44 -21.81 18.80
N SER C 91 16.15 -20.51 18.81
CA SER C 91 14.80 -20.01 19.02
C SER C 91 13.77 -20.68 18.13
N ILE C 92 14.16 -20.90 16.90
CA ILE C 92 13.30 -21.50 15.92
C ILE C 92 13.06 -23.00 16.28
N THR C 93 14.09 -23.65 16.78
CA THR C 93 14.10 -25.08 17.15
C THR C 93 13.12 -25.37 18.32
N ILE C 94 13.13 -24.46 19.29
CA ILE C 94 12.19 -24.44 20.41
C ILE C 94 10.71 -24.36 20.00
N VAL C 95 10.34 -23.35 19.26
CA VAL C 95 8.99 -23.23 18.77
C VAL C 95 8.60 -24.38 17.87
N ALA C 96 9.56 -25.01 17.17
CA ALA C 96 9.28 -26.20 16.30
C ALA C 96 9.04 -27.45 17.14
N THR C 97 9.79 -27.55 18.23
CA THR C 97 9.55 -28.57 19.23
C THR C 97 8.16 -28.41 19.84
N ALA C 98 7.81 -27.18 20.24
CA ALA C 98 6.51 -26.85 20.79
C ALA C 98 5.39 -27.30 19.85
N LEU C 99 5.54 -27.01 18.57
CA LEU C 99 4.49 -27.36 17.62
C LEU C 99 4.37 -28.86 17.48
N GLY C 100 5.51 -29.56 17.56
CA GLY C 100 5.53 -31.01 17.43
C GLY C 100 4.97 -31.71 18.64
N LEU C 101 5.01 -31.04 19.80
CA LEU C 101 4.38 -31.58 21.03
C LEU C 101 2.89 -31.28 21.08
N MET C 102 2.47 -30.17 20.49
CA MET C 102 1.10 -29.76 20.52
C MET C 102 0.02 -30.86 20.31
N PRO C 103 0.09 -31.69 19.23
CA PRO C 103 -1.00 -32.67 19.15
C PRO C 103 -1.09 -33.73 20.27
N VAL C 104 0.02 -34.06 20.91
CA VAL C 104 0.01 -34.88 22.13
C VAL C 104 -0.57 -34.05 23.29
N ILE C 105 -0.09 -32.82 23.47
CA ILE C 105 -0.63 -31.88 24.43
C ILE C 105 -2.13 -31.77 24.33
N LEU C 106 -2.68 -31.79 23.13
CA LEU C 106 -4.08 -31.45 22.90
C LEU C 106 -5.04 -32.64 22.83
N CYS C 107 -4.51 -33.82 22.49
CA CYS C 107 -5.21 -35.10 22.60
C CYS C 107 -5.68 -35.35 24.05
N ASP C 108 -6.83 -35.96 24.23
CA ASP C 108 -7.37 -35.95 25.61
C ASP C 108 -6.95 -37.24 26.38
N SER C 109 -5.72 -37.70 26.14
CA SER C 109 -5.31 -39.09 26.45
C SER C 109 -4.10 -39.24 27.40
N PRO C 110 -4.36 -39.35 28.72
CA PRO C 110 -3.29 -39.33 29.75
C PRO C 110 -2.12 -40.34 29.56
N SER C 111 -2.35 -41.53 29.03
CA SER C 111 -1.24 -42.45 28.85
C SER C 111 -0.24 -42.00 27.77
N LEU C 112 -0.74 -41.46 26.65
CA LEU C 112 0.10 -40.92 25.57
C LEU C 112 0.86 -39.69 26.04
N GLN C 113 0.15 -38.72 26.56
CA GLN C 113 0.75 -37.56 27.15
C GLN C 113 1.90 -37.98 28.06
N GLU C 114 1.64 -38.88 28.97
CA GLU C 114 2.63 -39.26 29.96
C GLU C 114 3.88 -39.93 29.36
N LYS C 115 3.66 -40.81 28.38
CA LYS C 115 4.73 -41.55 27.76
C LYS C 115 5.57 -40.65 26.79
N PHE C 116 4.91 -39.86 25.98
CA PHE C 116 5.60 -39.18 24.92
C PHE C 116 6.22 -37.83 25.28
N LEU C 117 5.70 -37.19 26.35
CA LEU C 117 6.16 -35.88 26.76
C LEU C 117 7.28 -35.98 27.73
N LYS C 118 7.53 -37.19 28.24
CA LYS C 118 8.47 -37.35 29.35
C LYS C 118 9.88 -36.74 29.09
N PRO C 119 10.48 -36.98 27.90
CA PRO C 119 11.82 -36.39 27.63
C PRO C 119 11.87 -34.84 27.67
N PHE C 120 10.81 -34.22 27.16
CA PHE C 120 10.62 -32.77 27.08
C PHE C 120 10.27 -32.10 28.39
N ILE C 121 10.09 -32.83 29.47
CA ILE C 121 9.80 -32.18 30.72
C ILE C 121 10.89 -32.46 31.72
N SER C 122 11.85 -33.25 31.28
CA SER C 122 12.92 -33.74 32.17
C SER C 122 14.02 -32.73 32.45
N GLY C 123 14.20 -31.71 31.60
CA GLY C 123 15.20 -30.67 31.82
C GLY C 123 16.61 -31.13 31.47
N GLU C 124 16.70 -32.18 30.65
CA GLU C 124 17.94 -32.87 30.29
C GLU C 124 17.92 -33.24 28.82
N GLY C 125 19.12 -33.43 28.25
CA GLY C 125 19.28 -33.82 26.86
C GLY C 125 18.99 -32.65 25.94
N GLU C 126 18.80 -32.96 24.66
CA GLU C 126 18.38 -31.99 23.65
C GLU C 126 17.31 -32.68 22.81
N PRO C 127 16.13 -32.99 23.43
CA PRO C 127 15.06 -33.69 22.73
C PRO C 127 14.34 -32.75 21.72
N LEU C 128 14.05 -33.23 20.53
CA LEU C 128 13.46 -32.43 19.50
C LEU C 128 12.16 -33.08 19.13
N ALA C 129 11.19 -32.27 18.73
CA ALA C 129 9.92 -32.76 18.29
C ALA C 129 9.57 -32.06 17.00
N SER C 130 8.82 -32.72 16.14
CA SER C 130 8.46 -32.19 14.85
C SER C 130 7.02 -32.53 14.53
N LEU C 131 6.28 -31.60 13.95
CA LEU C 131 4.98 -31.87 13.39
C LEU C 131 5.10 -31.94 11.88
N MET C 132 5.10 -33.18 11.41
CA MET C 132 5.31 -33.52 10.02
C MET C 132 4.00 -33.48 9.25
N HIS C 133 3.60 -32.28 8.82
CA HIS C 133 2.48 -32.13 7.90
C HIS C 133 2.89 -31.89 6.42
N SER C 134 3.96 -31.15 6.22
CA SER C 134 4.22 -30.51 4.91
C SER C 134 4.79 -31.50 3.89
N GLU C 135 4.56 -31.23 2.62
CA GLU C 135 4.80 -32.22 1.64
C GLU C 135 5.44 -31.61 0.39
N PRO C 136 6.20 -32.39 -0.39
CA PRO C 136 6.80 -31.83 -1.67
C PRO C 136 5.86 -31.22 -2.72
N ASN C 137 4.61 -31.68 -2.78
CA ASN C 137 3.64 -31.23 -3.77
C ASN C 137 2.73 -30.16 -3.24
N GLY C 138 2.92 -29.79 -1.95
CA GLY C 138 2.08 -28.73 -1.36
C GLY C 138 1.05 -29.26 -0.40
N THR C 139 0.37 -28.35 0.32
CA THR C 139 -0.64 -28.75 1.32
C THR C 139 -1.79 -27.80 1.48
N ALA C 140 -1.80 -26.68 0.75
CA ALA C 140 -2.89 -25.72 0.77
C ALA C 140 -4.27 -26.35 0.42
N ASN C 141 -4.23 -27.44 -0.34
CA ASN C 141 -5.46 -28.01 -0.87
C ASN C 141 -5.67 -29.41 -0.31
N TRP C 142 -4.94 -29.73 0.75
CA TRP C 142 -4.99 -31.05 1.40
C TRP C 142 -6.34 -31.55 1.93
N LEU C 143 -7.28 -30.62 2.14
CA LEU C 143 -8.65 -30.93 2.54
C LEU C 143 -9.67 -30.74 1.42
N GLN C 144 -9.18 -30.52 0.20
CA GLN C 144 -10.08 -30.36 -0.93
C GLN C 144 -10.69 -31.71 -1.36
N LYS C 145 -12.03 -31.76 -1.22
CA LYS C 145 -12.85 -32.79 -1.77
C LYS C 145 -12.69 -32.72 -3.29
N GLY C 146 -12.23 -33.82 -3.85
CA GLY C 146 -12.07 -33.91 -5.30
C GLY C 146 -10.63 -34.11 -5.61
N GLY C 147 -9.77 -33.72 -4.66
CA GLY C 147 -8.35 -33.55 -4.88
C GLY C 147 -7.52 -34.76 -4.51
N PRO C 148 -6.26 -34.80 -4.96
CA PRO C 148 -5.42 -35.91 -4.58
C PRO C 148 -5.15 -36.11 -3.04
N GLY C 149 -5.15 -35.05 -2.23
CA GLY C 149 -5.00 -35.13 -0.80
C GLY C 149 -3.57 -35.44 -0.45
N LEU C 150 -3.26 -35.67 0.81
CA LEU C 150 -1.88 -35.86 1.15
C LEU C 150 -1.40 -37.06 0.42
N GLN C 151 -0.10 -37.12 0.19
CA GLN C 151 0.51 -38.23 -0.45
C GLN C 151 1.36 -39.01 0.51
N THR C 152 1.44 -38.63 1.78
CA THR C 152 1.82 -39.63 2.78
C THR C 152 0.52 -40.35 3.20
N THR C 153 0.41 -41.62 2.89
CA THR C 153 -0.78 -42.38 3.26
C THR C 153 -0.44 -43.38 4.37
N ALA C 154 -1.50 -43.83 5.05
CA ALA C 154 -1.35 -45.00 5.92
C ALA C 154 -2.45 -46.04 5.75
N ARG C 155 -2.07 -47.27 5.98
CA ARG C 155 -2.99 -48.41 5.98
C ARG C 155 -2.67 -49.29 7.18
N LYS C 156 -3.72 -49.85 7.80
CA LYS C 156 -3.58 -50.78 8.97
C LYS C 156 -3.40 -52.17 8.43
N VAL C 157 -2.32 -52.81 8.88
CA VAL C 157 -1.94 -54.15 8.42
C VAL C 157 -1.75 -54.97 9.67
N GLY C 158 -2.81 -55.66 10.11
CA GLY C 158 -2.76 -56.38 11.37
C GLY C 158 -2.72 -55.44 12.56
N ASN C 159 -1.76 -55.64 13.45
CA ASN C 159 -1.81 -54.83 14.66
C ASN C 159 -1.10 -53.44 14.55
N GLU C 160 -0.68 -53.11 13.33
CA GLU C 160 0.16 -51.97 13.12
C GLU C 160 -0.21 -51.19 11.87
N TRP C 161 0.38 -50.00 11.78
CA TRP C 161 0.18 -49.07 10.67
C TRP C 161 1.41 -48.98 9.79
N VAL C 162 1.19 -48.90 8.48
CA VAL C 162 2.30 -48.83 7.51
C VAL C 162 2.32 -47.51 6.71
N ILE C 163 3.36 -46.70 6.95
CA ILE C 163 3.50 -45.39 6.26
C ILE C 163 4.27 -45.44 4.95
N SER C 164 3.64 -44.92 3.91
CA SER C 164 4.29 -44.73 2.64
C SER C 164 4.01 -43.37 2.06
N GLY C 165 5.07 -42.60 1.81
CA GLY C 165 4.96 -41.24 1.21
C GLY C 165 6.14 -40.33 1.57
N GLU C 166 6.07 -39.08 1.13
CA GLU C 166 7.17 -38.09 1.44
C GLU C 166 6.76 -36.86 2.24
N LYS C 167 7.59 -36.47 3.18
CA LYS C 167 7.36 -35.17 3.83
C LYS C 167 8.52 -34.18 3.50
N LEU C 168 8.22 -32.87 3.46
CA LEU C 168 9.20 -31.79 3.21
C LEU C 168 8.91 -30.61 4.10
N TRP C 169 9.97 -30.00 4.68
CA TRP C 169 9.86 -28.72 5.44
C TRP C 169 9.68 -28.80 6.96
N PRO C 170 9.10 -29.93 7.50
CA PRO C 170 8.88 -30.09 8.94
C PRO C 170 10.13 -29.86 9.73
N SER C 171 10.12 -28.88 10.62
CA SER C 171 11.34 -28.53 11.31
C SER C 171 11.69 -29.59 12.30
N ASN C 172 13.00 -29.86 12.40
CA ASN C 172 13.61 -30.78 13.36
C ASN C 172 13.40 -32.27 13.05
N SER C 173 12.66 -32.57 11.98
CA SER C 173 12.08 -33.91 11.74
C SER C 173 13.06 -35.10 11.71
N GLY C 174 14.30 -34.85 11.25
CA GLY C 174 15.31 -35.89 11.24
C GLY C 174 16.18 -35.88 12.47
N GLY C 175 15.82 -35.10 13.49
CA GLY C 175 16.66 -34.94 14.66
C GLY C 175 18.00 -34.26 14.34
N TRP C 176 18.94 -34.30 15.29
CA TRP C 176 20.30 -33.80 15.08
C TRP C 176 21.15 -34.58 14.09
N ASP C 177 20.68 -35.74 13.68
CA ASP C 177 21.58 -36.73 13.10
C ASP C 177 20.96 -37.58 12.00
N TYR C 178 19.72 -37.29 11.63
CA TYR C 178 19.02 -37.97 10.52
C TYR C 178 18.47 -39.36 10.88
N LYS C 179 18.54 -39.67 12.18
CA LYS C 179 17.98 -40.84 12.85
C LYS C 179 16.59 -40.56 13.52
N GLY C 180 16.10 -39.34 13.35
CA GLY C 180 14.71 -38.95 13.63
C GLY C 180 14.61 -37.98 14.78
N ALA C 181 13.63 -37.09 14.74
CA ALA C 181 13.26 -36.34 15.94
C ALA C 181 12.85 -37.30 17.09
N ASP C 182 13.01 -36.80 18.31
CA ASP C 182 12.68 -37.60 19.48
C ASP C 182 11.21 -37.94 19.56
N LEU C 183 10.38 -37.01 19.11
CA LEU C 183 8.95 -37.26 18.86
C LEU C 183 8.59 -36.59 17.52
N ALA C 184 7.96 -37.30 16.61
CA ALA C 184 7.42 -36.70 15.38
C ALA C 184 5.96 -37.08 15.23
N CYS C 185 5.12 -36.12 14.89
CA CYS C 185 3.73 -36.46 14.63
C CYS C 185 3.56 -36.38 13.14
N VAL C 186 3.29 -37.54 12.51
CA VAL C 186 3.24 -37.66 11.06
C VAL C 186 1.78 -37.69 10.67
N VAL C 187 1.33 -36.72 9.88
CA VAL C 187 -0.04 -36.71 9.43
C VAL C 187 -0.16 -37.44 8.11
N CYS C 188 -1.04 -38.43 8.05
CA CYS C 188 -1.26 -39.21 6.84
C CYS C 188 -2.70 -39.12 6.44
N ARG C 189 -2.94 -39.39 5.16
CA ARG C 189 -4.27 -39.74 4.65
C ARG C 189 -4.45 -41.25 4.69
N VAL C 190 -5.64 -41.71 5.04
CA VAL C 190 -5.84 -43.16 5.16
C VAL C 190 -6.14 -43.70 3.75
N SER C 191 -5.38 -44.68 3.30
CA SER C 191 -5.86 -45.47 2.15
C SER C 191 -5.29 -46.83 2.24
N ASP C 192 -6.19 -47.81 2.11
CA ASP C 192 -5.76 -49.18 2.26
C ASP C 192 -4.86 -49.60 1.10
N ASP C 193 -5.21 -49.11 -0.09
CA ASP C 193 -4.33 -49.20 -1.23
C ASP C 193 -3.69 -47.83 -1.57
N PRO C 194 -2.41 -47.64 -1.20
CA PRO C 194 -1.75 -46.35 -1.36
C PRO C 194 -1.60 -45.88 -2.82
N SER C 195 -1.92 -46.74 -3.79
CA SER C 195 -1.90 -46.37 -5.21
C SER C 195 -3.29 -45.89 -5.73
N LYS C 196 -4.36 -46.21 -5.01
CA LYS C 196 -5.68 -45.68 -5.36
C LYS C 196 -5.67 -44.17 -5.16
N PRO C 197 -6.27 -43.40 -6.10
CA PRO C 197 -6.57 -41.97 -5.86
C PRO C 197 -7.68 -41.74 -4.79
N GLN C 198 -7.51 -40.70 -3.99
CA GLN C 198 -8.50 -40.36 -2.97
C GLN C 198 -9.90 -40.39 -3.56
N ASP C 199 -10.79 -41.12 -2.89
CA ASP C 199 -12.16 -41.19 -3.29
C ASP C 199 -12.81 -39.81 -3.30
N PRO C 200 -13.30 -39.33 -4.47
CA PRO C 200 -13.80 -37.97 -4.56
C PRO C 200 -15.15 -37.69 -3.88
N ASN C 201 -15.74 -38.72 -3.27
CA ASN C 201 -17.05 -38.57 -2.62
C ASN C 201 -16.96 -38.69 -1.10
N VAL C 202 -15.79 -39.04 -0.59
CA VAL C 202 -15.54 -38.92 0.83
C VAL C 202 -14.80 -37.62 1.08
N ASP C 203 -15.42 -36.80 1.95
CA ASP C 203 -14.84 -35.64 2.58
C ASP C 203 -13.46 -35.96 3.11
N PRO C 204 -12.39 -35.30 2.60
CA PRO C 204 -10.99 -35.61 3.01
C PRO C 204 -10.67 -35.56 4.50
N ALA C 205 -11.27 -34.62 5.25
CA ALA C 205 -11.04 -34.47 6.69
C ALA C 205 -11.35 -35.74 7.45
N THR C 206 -12.35 -36.52 6.97
CA THR C 206 -12.68 -37.90 7.47
C THR C 206 -11.58 -38.95 7.37
N GLN C 207 -10.51 -38.73 6.60
CA GLN C 207 -9.49 -39.75 6.38
C GLN C 207 -8.12 -39.47 7.01
N ILE C 208 -8.01 -38.43 7.82
CA ILE C 208 -6.72 -38.01 8.41
C ILE C 208 -6.37 -38.84 9.61
N ALA C 209 -5.15 -39.39 9.65
CA ALA C 209 -4.62 -40.07 10.83
C ALA C 209 -3.35 -39.31 11.28
N VAL C 210 -2.93 -39.40 12.55
CA VAL C 210 -1.62 -38.90 12.98
C VAL C 210 -0.87 -40.03 13.69
N LEU C 211 0.34 -40.33 13.27
CA LEU C 211 1.06 -41.44 13.83
C LEU C 211 2.31 -40.92 14.48
N LEU C 212 2.61 -41.39 15.69
CA LEU C 212 3.76 -40.88 16.40
C LEU C 212 4.95 -41.74 16.05
N VAL C 213 6.06 -41.10 15.66
CA VAL C 213 7.31 -41.77 15.35
C VAL C 213 8.42 -41.21 16.26
N THR C 214 9.26 -42.10 16.75
CA THR C 214 10.31 -41.77 17.69
C THR C 214 11.58 -42.40 17.11
N ARG C 215 12.74 -42.16 17.72
CA ARG C 215 13.98 -42.62 17.09
C ARG C 215 14.01 -44.16 17.13
N GLU C 216 13.28 -44.68 18.12
CA GLU C 216 12.99 -46.12 18.36
C GLU C 216 12.09 -46.75 17.32
N THR C 217 10.98 -46.10 16.99
CA THR C 217 10.20 -46.57 15.86
C THR C 217 11.09 -46.71 14.62
N ILE C 218 12.03 -45.78 14.44
CA ILE C 218 12.86 -45.76 13.21
C ILE C 218 13.93 -46.88 13.21
N ALA C 219 14.45 -47.16 14.41
CA ALA C 219 15.49 -48.14 14.62
C ALA C 219 14.91 -49.59 14.47
N ASN C 220 13.62 -49.76 14.79
CA ASN C 220 12.87 -51.03 14.63
C ASN C 220 12.27 -51.13 13.24
N ASN C 221 12.63 -50.18 12.39
CA ASN C 221 12.36 -50.33 10.98
C ASN C 221 13.67 -50.62 10.20
N LYS C 222 13.51 -51.23 9.02
CA LYS C 222 14.60 -51.40 8.04
C LYS C 222 15.24 -50.01 7.74
N LYS C 223 16.58 -49.97 7.57
CA LYS C 223 17.29 -48.73 7.14
C LYS C 223 16.57 -47.93 6.04
N ASP C 224 16.16 -48.59 4.97
CA ASP C 224 15.61 -47.91 3.80
C ASP C 224 14.13 -47.52 3.89
N ALA C 225 13.51 -47.75 5.04
CA ALA C 225 12.09 -47.46 5.23
C ALA C 225 11.87 -45.94 5.49
N TYR C 226 12.91 -45.33 6.03
CA TYR C 226 13.01 -43.93 6.39
C TYR C 226 14.37 -43.41 5.87
N GLN C 227 14.32 -42.65 4.77
CA GLN C 227 15.51 -42.01 4.19
C GLN C 227 15.34 -40.48 4.14
N ILE C 228 16.36 -39.78 4.58
CA ILE C 228 16.44 -38.32 4.37
C ILE C 228 17.03 -38.09 2.98
N LEU C 229 16.18 -37.57 2.06
CA LEU C 229 16.49 -37.36 0.66
C LEU C 229 17.17 -36.00 0.32
N GLY C 230 17.22 -35.08 1.30
CA GLY C 230 17.84 -33.76 1.15
C GLY C 230 17.41 -32.75 2.23
N GLU C 231 18.07 -31.58 2.22
CA GLU C 231 17.83 -30.52 3.18
C GLU C 231 17.80 -29.19 2.44
N PRO C 232 16.62 -28.54 2.38
CA PRO C 232 16.57 -27.28 1.60
C PRO C 232 17.64 -26.25 2.04
N GLU C 233 18.24 -25.53 1.10
CA GLU C 233 19.16 -24.44 1.55
C GLU C 233 18.28 -23.19 1.52
N LEU C 234 18.05 -22.60 2.67
CA LEU C 234 17.00 -21.59 2.83
C LEU C 234 17.56 -20.19 2.79
N ALA C 235 16.82 -19.27 2.16
CA ALA C 235 17.12 -17.82 2.24
C ALA C 235 17.51 -17.32 3.63
N GLY C 236 16.70 -17.58 4.65
CA GLY C 236 17.02 -17.13 6.01
C GLY C 236 16.71 -18.25 6.95
N HIS C 237 16.93 -18.06 8.25
CA HIS C 237 16.87 -19.19 9.22
C HIS C 237 17.72 -20.34 8.67
N ILE C 238 18.99 -20.02 8.48
CA ILE C 238 19.94 -20.84 7.75
C ILE C 238 20.42 -21.94 8.67
N THR C 239 20.07 -21.84 9.95
CA THR C 239 20.39 -22.89 10.93
C THR C 239 19.27 -23.88 11.28
N THR C 240 18.10 -23.86 10.60
CA THR C 240 17.06 -24.89 10.90
C THR C 240 17.22 -26.04 9.96
N SER C 241 16.85 -27.21 10.47
CA SER C 241 16.72 -28.41 9.68
C SER C 241 15.25 -28.56 9.48
N GLY C 242 14.83 -28.81 8.25
CA GLY C 242 13.47 -29.20 7.90
C GLY C 242 13.47 -30.12 6.65
N PRO C 243 13.92 -31.36 6.81
CA PRO C 243 14.29 -32.22 5.69
C PRO C 243 13.22 -32.67 4.73
N HIS C 244 13.74 -33.26 3.66
CA HIS C 244 12.95 -34.05 2.74
C HIS C 244 13.03 -35.51 3.21
N THR C 245 11.88 -36.10 3.58
CA THR C 245 11.84 -37.47 4.11
C THR C 245 10.97 -38.37 3.22
N ARG C 246 11.52 -39.56 2.89
CA ARG C 246 10.75 -40.66 2.31
C ARG C 246 10.39 -41.79 3.31
N PHE C 247 9.11 -42.15 3.28
CA PHE C 247 8.58 -43.30 4.02
C PHE C 247 8.24 -44.34 2.97
N THR C 248 8.97 -45.45 3.05
CA THR C 248 8.71 -46.59 2.18
C THR C 248 8.42 -47.79 3.08
N GLU C 249 7.15 -48.19 3.09
CA GLU C 249 6.68 -49.34 3.88
C GLU C 249 7.13 -49.18 5.34
N PHE C 250 6.82 -48.02 5.93
CA PHE C 250 7.36 -47.70 7.28
C PHE C 250 6.42 -48.14 8.44
N HIS C 251 6.93 -49.00 9.32
CA HIS C 251 6.09 -49.71 10.31
C HIS C 251 5.94 -49.06 11.66
N VAL C 252 4.70 -48.68 11.96
CA VAL C 252 4.34 -47.99 13.21
C VAL C 252 3.28 -48.81 14.03
N PRO C 253 3.58 -49.09 15.35
CA PRO C 253 2.65 -49.75 16.31
C PRO C 253 1.34 -49.02 16.31
N HIS C 254 0.21 -49.76 16.32
CA HIS C 254 -1.15 -49.17 16.37
C HIS C 254 -1.33 -48.23 17.58
N GLU C 255 -0.67 -48.59 18.66
CA GLU C 255 -0.72 -47.89 19.91
C GLU C 255 0.05 -46.53 19.96
N ASN C 256 0.78 -46.25 18.87
CA ASN C 256 1.44 -45.00 18.59
C ASN C 256 0.46 -44.11 17.76
N LEU C 257 -0.72 -44.64 17.45
CA LEU C 257 -1.78 -43.84 16.85
C LEU C 257 -2.37 -42.92 17.90
N LEU C 258 -2.43 -41.62 17.56
CA LEU C 258 -2.70 -40.52 18.45
C LEU C 258 -4.16 -40.48 18.84
N CYS C 259 -5.05 -40.57 17.86
CA CYS C 259 -6.47 -40.66 18.10
C CYS C 259 -7.19 -41.46 16.98
N THR C 260 -8.53 -41.55 17.04
CA THR C 260 -9.32 -42.12 15.95
C THR C 260 -9.16 -41.23 14.69
N PRO C 261 -8.71 -41.83 13.56
CA PRO C 261 -8.66 -41.19 12.26
C PRO C 261 -9.97 -40.49 11.94
N GLY C 262 -9.92 -39.41 11.17
CA GLY C 262 -11.12 -38.67 10.85
C GLY C 262 -11.13 -37.25 11.40
N LEU C 263 -12.33 -36.74 11.62
CA LEU C 263 -12.51 -35.35 12.05
C LEU C 263 -11.80 -35.02 13.35
N LYS C 264 -11.66 -35.99 14.24
CA LYS C 264 -11.02 -35.79 15.53
C LYS C 264 -9.55 -35.53 15.30
N ALA C 265 -8.88 -36.45 14.56
CA ALA C 265 -7.51 -36.25 14.01
C ALA C 265 -7.28 -34.96 13.17
N GLN C 266 -8.03 -34.69 12.11
CA GLN C 266 -7.94 -33.35 11.47
C GLN C 266 -8.02 -32.17 12.49
N GLY C 267 -8.94 -32.29 13.46
CA GLY C 267 -9.28 -31.25 14.43
C GLY C 267 -8.11 -30.97 15.34
N LEU C 268 -7.35 -32.02 15.64
CA LEU C 268 -6.08 -31.91 16.34
C LEU C 268 -4.99 -31.16 15.56
N VAL C 269 -4.87 -31.43 14.27
CA VAL C 269 -3.90 -30.78 13.40
C VAL C 269 -4.30 -29.31 13.29
N GLU C 270 -5.55 -29.05 12.93
CA GLU C 270 -6.09 -27.70 12.90
C GLU C 270 -5.84 -26.82 14.14
N THR C 271 -6.03 -27.37 15.35
CA THR C 271 -5.89 -26.66 16.63
C THR C 271 -4.40 -26.34 16.83
N ALA C 272 -3.54 -27.33 16.65
CA ALA C 272 -2.11 -27.14 16.74
C ALA C 272 -1.71 -25.99 15.82
N PHE C 273 -2.13 -26.06 14.55
CA PHE C 273 -1.76 -25.02 13.59
C PHE C 273 -2.38 -23.66 13.82
N ALA C 274 -3.46 -23.61 14.60
CA ALA C 274 -4.12 -22.35 14.85
C ALA C 274 -3.34 -21.62 15.93
N MET C 275 -2.86 -22.40 16.88
CA MET C 275 -2.07 -21.88 17.95
C MET C 275 -0.72 -21.39 17.50
N SER C 276 0.00 -22.18 16.72
CA SER C 276 1.18 -21.67 16.07
C SER C 276 0.87 -20.51 15.11
N ALA C 277 -0.28 -20.48 14.46
CA ALA C 277 -0.65 -19.31 13.69
C ALA C 277 -0.51 -18.03 14.55
N ALA C 278 -1.06 -18.07 15.77
CA ALA C 278 -1.09 -16.86 16.61
C ALA C 278 0.33 -16.50 17.19
N LEU C 279 1.10 -17.53 17.53
CA LEU C 279 2.40 -17.40 18.16
C LEU C 279 3.55 -16.97 17.22
N VAL C 280 3.44 -17.35 15.95
CA VAL C 280 4.34 -16.98 14.90
C VAL C 280 4.38 -15.45 14.69
N GLY C 281 3.31 -14.77 15.06
CA GLY C 281 3.27 -13.30 15.07
C GLY C 281 4.26 -12.72 16.06
N ALA C 282 4.60 -13.46 17.11
CA ALA C 282 5.58 -13.01 18.09
C ALA C 282 6.99 -13.09 17.51
N MET C 283 7.26 -14.17 16.77
CA MET C 283 8.39 -14.24 15.87
C MET C 283 8.52 -13.06 14.90
N ALA C 284 7.47 -12.76 14.14
CA ALA C 284 7.49 -11.70 13.14
C ALA C 284 7.82 -10.36 13.79
N ILE C 285 7.17 -10.07 14.92
CA ILE C 285 7.42 -8.91 15.80
C ILE C 285 8.89 -8.79 16.28
N GLY C 286 9.45 -9.90 16.77
CA GLY C 286 10.80 -9.86 17.24
C GLY C 286 11.78 -9.39 16.16
N THR C 287 11.72 -10.03 14.97
CA THR C 287 12.49 -9.73 13.80
C THR C 287 12.32 -8.30 13.29
N ALA C 288 11.07 -7.91 13.06
CA ALA C 288 10.67 -6.53 12.72
C ALA C 288 11.16 -5.49 13.77
N ARG C 289 11.13 -5.86 15.06
CA ARG C 289 11.55 -5.01 16.17
C ARG C 289 13.05 -4.76 16.24
N ALA C 290 13.83 -5.82 16.07
CA ALA C 290 15.24 -5.69 15.81
C ALA C 290 15.58 -4.68 14.64
N ALA C 291 14.90 -4.81 13.52
CA ALA C 291 15.04 -3.89 12.41
C ALA C 291 14.69 -2.48 12.84
N PHE C 292 13.48 -2.27 13.38
CA PHE C 292 13.07 -0.93 13.83
C PHE C 292 14.06 -0.29 14.82
N GLU C 293 14.58 -1.08 15.77
CA GLU C 293 15.36 -0.56 16.87
C GLU C 293 16.76 -0.26 16.37
N GLU C 294 17.25 -1.11 15.46
CA GLU C 294 18.45 -0.77 14.75
C GLU C 294 18.37 0.54 13.87
N ALA C 295 17.37 0.71 13.02
CA ALA C 295 17.11 1.98 12.36
C ALA C 295 16.90 3.20 13.32
N LEU C 296 16.14 3.00 14.41
CA LEU C 296 15.88 4.06 15.38
C LEU C 296 17.15 4.58 16.04
N VAL C 297 17.97 3.72 16.59
CA VAL C 297 19.19 4.16 17.20
C VAL C 297 20.11 4.83 16.15
N PHE C 298 20.17 4.32 14.93
CA PHE C 298 20.93 4.96 13.89
C PHE C 298 20.39 6.35 13.49
N ALA C 299 19.09 6.48 13.38
CA ALA C 299 18.50 7.73 13.00
C ALA C 299 18.75 8.79 14.06
N LYS C 300 18.93 8.35 15.29
CA LYS C 300 19.05 9.22 16.41
C LYS C 300 20.47 9.62 16.64
N SER C 301 21.41 8.95 16.01
CA SER C 301 22.82 9.27 16.24
C SER C 301 23.58 9.57 14.98
N ASP C 302 22.96 9.49 13.82
CA ASP C 302 23.72 9.73 12.61
C ASP C 302 23.12 10.84 11.80
N THR C 303 23.96 11.73 11.27
CA THR C 303 23.53 12.94 10.60
C THR C 303 23.65 12.71 9.10
N ARG C 304 24.34 11.63 8.74
CA ARG C 304 24.60 11.30 7.36
C ARG C 304 25.32 12.43 6.56
N GLY C 305 26.33 13.06 7.17
CA GLY C 305 27.05 14.23 6.62
C GLY C 305 26.25 15.51 6.49
N GLY C 306 25.26 15.69 7.33
CA GLY C 306 24.43 16.85 7.29
C GLY C 306 24.61 17.40 8.68
N SER C 307 23.72 18.28 9.08
CA SER C 307 23.89 18.99 10.32
C SER C 307 22.90 18.53 11.38
N LYS C 308 21.96 17.66 11.04
CA LYS C 308 21.07 17.13 12.10
C LYS C 308 20.98 15.63 12.03
N HIS C 309 20.67 15.00 13.17
CA HIS C 309 20.30 13.59 13.17
C HIS C 309 19.17 13.34 12.17
N ILE C 310 19.31 12.29 11.37
CA ILE C 310 18.41 12.04 10.24
C ILE C 310 16.92 11.86 10.63
N ILE C 311 16.64 11.53 11.90
CA ILE C 311 15.32 11.40 12.48
C ILE C 311 14.55 12.73 12.41
N GLU C 312 15.28 13.82 12.17
CA GLU C 312 14.71 15.15 12.08
C GLU C 312 14.21 15.40 10.68
N HIS C 313 14.53 14.54 9.72
CA HIS C 313 13.98 14.58 8.37
C HIS C 313 12.64 13.92 8.35
N GLN C 314 11.59 14.63 7.94
CA GLN C 314 10.17 14.08 7.98
C GLN C 314 10.01 12.74 7.23
N SER C 315 10.61 12.58 6.06
CA SER C 315 10.53 11.27 5.35
C SER C 315 11.20 10.16 6.16
N VAL C 316 12.27 10.47 6.93
CA VAL C 316 12.89 9.47 7.87
C VAL C 316 11.92 9.15 9.01
N ALA C 317 11.39 10.17 9.67
CA ALA C 317 10.38 10.01 10.72
C ALA C 317 9.18 9.21 10.32
N ASP C 318 8.65 9.48 9.14
CA ASP C 318 7.49 8.76 8.60
C ASP C 318 7.56 7.23 8.49
N LYS C 319 8.67 6.74 7.98
CA LYS C 319 9.03 5.30 7.96
C LYS C 319 9.11 4.60 9.32
N LEU C 320 9.69 5.27 10.30
CA LEU C 320 9.89 4.76 11.65
C LEU C 320 8.59 4.80 12.40
N ILE C 321 7.81 5.89 12.19
CA ILE C 321 6.40 5.98 12.67
C ILE C 321 5.60 4.77 12.12
N ASP C 322 5.61 4.58 10.81
CA ASP C 322 4.99 3.38 10.19
C ASP C 322 5.43 2.06 10.80
N CYS C 323 6.75 1.91 11.08
CA CYS C 323 7.30 0.71 11.74
C CYS C 323 6.77 0.58 13.13
N LYS C 324 6.80 1.65 13.91
CA LYS C 324 6.25 1.65 15.27
C LYS C 324 4.77 1.24 15.28
N ILE C 325 3.97 1.87 14.43
CA ILE C 325 2.58 1.48 14.28
C ILE C 325 2.39 0.01 13.95
N ARG C 326 3.16 -0.55 13.04
CA ARG C 326 2.97 -1.98 12.71
C ARG C 326 3.38 -2.92 13.82
N LEU C 327 4.40 -2.55 14.60
CA LEU C 327 4.86 -3.34 15.73
C LEU C 327 3.88 -3.38 16.89
N GLU C 328 3.36 -2.20 17.21
CA GLU C 328 2.40 -1.95 18.20
C GLU C 328 1.09 -2.63 17.94
N THR C 329 0.53 -2.49 16.73
CA THR C 329 -0.71 -3.20 16.38
C THR C 329 -0.59 -4.72 16.39
N SER C 330 0.52 -5.21 15.86
CA SER C 330 0.82 -6.64 15.77
C SER C 330 0.87 -7.26 17.15
N ARG C 331 1.57 -6.61 18.06
CA ARG C 331 1.69 -7.16 19.40
C ARG C 331 0.32 -7.22 20.12
N LEU C 332 -0.46 -6.17 19.98
CA LEU C 332 -1.79 -6.12 20.56
C LEU C 332 -2.65 -7.28 19.97
N LEU C 333 -2.61 -7.43 18.65
CA LEU C 333 -3.25 -8.50 17.95
C LEU C 333 -2.84 -9.91 18.39
N VAL C 334 -1.53 -10.14 18.59
CA VAL C 334 -1.02 -11.43 19.03
C VAL C 334 -1.55 -11.80 20.42
N TRP C 335 -1.45 -10.84 21.35
CA TRP C 335 -1.98 -10.98 22.72
C TRP C 335 -3.48 -11.14 22.75
N LYS C 336 -4.19 -10.44 21.83
CA LYS C 336 -5.63 -10.66 21.65
C LYS C 336 -5.91 -12.06 21.17
N ALA C 337 -5.12 -12.56 20.25
CA ALA C 337 -5.34 -13.86 19.70
C ALA C 337 -5.06 -14.94 20.71
N VAL C 338 -3.93 -14.94 21.41
CA VAL C 338 -3.61 -16.07 22.31
C VAL C 338 -4.53 -16.06 23.54
N THR C 339 -5.04 -14.90 23.87
CA THR C 339 -6.05 -14.70 24.90
C THR C 339 -7.46 -15.32 24.49
N THR C 340 -7.93 -14.95 23.30
CA THR C 340 -9.05 -15.58 22.64
C THR C 340 -8.92 -17.11 22.62
N LEU C 341 -7.77 -17.63 22.21
CA LEU C 341 -7.55 -19.07 22.20
C LEU C 341 -7.73 -19.76 23.55
N GLU C 342 -7.53 -19.00 24.64
CA GLU C 342 -7.49 -19.59 25.97
C GLU C 342 -8.86 -19.46 26.66
N ASP C 343 -9.75 -18.73 26.01
CA ASP C 343 -11.10 -18.56 26.48
C ASP C 343 -11.93 -19.81 26.20
N GLU C 344 -12.30 -20.53 27.26
CA GLU C 344 -13.18 -21.72 27.18
C GLU C 344 -14.62 -21.45 26.76
N ALA C 345 -15.10 -20.25 27.09
CA ALA C 345 -16.42 -19.76 26.74
C ALA C 345 -16.69 -19.51 25.23
N LEU C 346 -15.64 -19.41 24.40
CA LEU C 346 -15.79 -19.06 22.97
C LEU C 346 -15.73 -20.31 22.11
N GLU C 347 -16.46 -20.31 21.02
CA GLU C 347 -16.46 -21.48 20.18
C GLU C 347 -15.23 -21.46 19.23
N TRP C 348 -14.90 -22.62 18.67
CA TRP C 348 -13.75 -22.80 17.83
C TRP C 348 -13.58 -21.80 16.72
N LYS C 349 -14.59 -21.58 15.91
CA LYS C 349 -14.49 -20.68 14.75
C LYS C 349 -14.22 -19.21 15.05
N VAL C 350 -14.55 -18.79 16.25
CA VAL C 350 -14.29 -17.41 16.66
C VAL C 350 -12.78 -17.20 16.88
N LYS C 351 -12.21 -18.25 17.48
CA LYS C 351 -10.84 -18.42 17.83
C LYS C 351 -10.02 -18.64 16.59
N LEU C 352 -10.44 -19.57 15.73
CA LEU C 352 -9.67 -19.85 14.51
C LEU C 352 -9.66 -18.61 13.67
N GLU C 353 -10.78 -17.92 13.51
CA GLU C 353 -10.78 -16.69 12.76
C GLU C 353 -9.79 -15.63 13.34
N MET C 354 -9.72 -15.51 14.65
CA MET C 354 -8.86 -14.55 15.31
C MET C 354 -7.38 -14.91 15.05
N ALA C 355 -7.07 -16.19 15.13
CA ALA C 355 -5.75 -16.67 14.93
C ALA C 355 -5.26 -16.41 13.46
N MET C 356 -6.12 -16.62 12.46
CA MET C 356 -5.80 -16.50 11.05
C MET C 356 -5.53 -15.07 10.79
N GLN C 357 -6.41 -14.20 11.30
CA GLN C 357 -6.22 -12.76 11.24
C GLN C 357 -4.83 -12.30 11.75
N THR C 358 -4.36 -12.97 12.80
CA THR C 358 -3.11 -12.66 13.47
C THR C 358 -1.90 -13.02 12.59
N LYS C 359 -1.92 -14.24 12.07
CA LYS C 359 -0.87 -14.76 11.19
C LYS C 359 -0.82 -13.88 9.96
N ILE C 360 -1.95 -13.64 9.34
CA ILE C 360 -1.97 -12.84 8.14
C ILE C 360 -1.40 -11.45 8.38
N TYR C 361 -2.01 -10.62 9.21
CA TYR C 361 -1.52 -9.25 9.47
C TYR C 361 -0.08 -9.18 9.95
N THR C 362 0.25 -9.92 11.01
CA THR C 362 1.54 -9.79 11.61
C THR C 362 2.64 -10.12 10.66
N THR C 363 2.48 -11.19 9.90
CA THR C 363 3.52 -11.68 9.04
C THR C 363 3.65 -10.86 7.77
N ASP C 364 2.56 -10.31 7.26
CA ASP C 364 2.68 -9.44 6.10
C ASP C 364 3.39 -8.13 6.42
N VAL C 365 2.99 -7.58 7.53
CA VAL C 365 3.30 -6.22 7.91
C VAL C 365 4.71 -6.12 8.55
N ALA C 366 5.24 -7.22 9.08
CA ALA C 366 6.66 -7.35 9.48
C ALA C 366 7.65 -7.24 8.35
N VAL C 367 7.28 -7.77 7.19
CA VAL C 367 8.07 -7.54 6.01
C VAL C 367 8.21 -6.04 5.70
N GLU C 368 7.12 -5.31 5.66
CA GLU C 368 7.12 -3.89 5.30
C GLU C 368 7.92 -3.11 6.29
N CYS C 369 7.79 -3.52 7.54
CA CYS C 369 8.47 -2.86 8.60
C CYS C 369 9.99 -3.06 8.52
N VAL C 370 10.51 -4.25 8.21
CA VAL C 370 11.95 -4.38 7.88
C VAL C 370 12.41 -3.60 6.59
N ILE C 371 11.67 -3.69 5.50
CA ILE C 371 12.04 -2.95 4.28
C ILE C 371 12.08 -1.39 4.46
N ASP C 372 11.11 -0.83 5.23
CA ASP C 372 11.04 0.57 5.53
C ASP C 372 12.16 1.05 6.46
N ALA C 373 12.55 0.21 7.41
CA ALA C 373 13.68 0.41 8.27
C ALA C 373 15.01 0.48 7.48
N MET C 374 15.17 -0.33 6.44
CA MET C 374 16.33 -0.31 5.59
C MET C 374 16.37 0.97 4.77
N LYS C 375 15.21 1.39 4.27
CA LYS C 375 15.10 2.61 3.46
C LYS C 375 15.43 3.83 4.28
N ALA C 376 14.95 3.85 5.52
CA ALA C 376 15.33 4.85 6.51
C ALA C 376 16.87 4.98 6.69
N VAL C 377 17.56 3.86 6.87
CA VAL C 377 19.01 3.86 7.11
C VAL C 377 19.77 4.17 5.82
N GLY C 378 19.37 3.59 4.67
CA GLY C 378 19.94 3.96 3.41
C GLY C 378 20.93 2.89 3.03
N MET C 379 21.92 3.26 2.19
CA MET C 379 22.91 2.30 1.70
C MET C 379 23.46 1.33 2.75
N LYS C 380 23.93 1.91 3.84
CA LYS C 380 24.54 1.20 4.93
C LYS C 380 23.76 0.00 5.42
N SER C 381 22.41 0.02 5.31
CA SER C 381 21.58 -1.16 5.69
C SER C 381 21.87 -2.43 4.88
N TYR C 382 22.47 -2.30 3.69
CA TYR C 382 22.64 -3.39 2.69
C TYR C 382 23.89 -4.32 2.87
N ALA C 383 24.78 -3.92 3.80
CA ALA C 383 26.06 -4.59 4.14
C ALA C 383 25.97 -5.32 5.50
N LYS C 384 26.64 -6.47 5.59
CA LYS C 384 26.54 -7.37 6.75
C LYS C 384 27.24 -6.89 8.00
N ASP C 385 27.78 -5.69 8.00
CA ASP C 385 28.11 -5.13 9.30
C ASP C 385 26.91 -4.52 10.01
N MET C 386 25.78 -4.36 9.32
CA MET C 386 24.49 -4.18 9.99
C MET C 386 23.68 -5.53 9.98
N SER C 387 22.60 -5.58 10.78
CA SER C 387 21.70 -6.75 10.94
C SER C 387 20.73 -6.93 9.82
N PHE C 388 20.56 -5.91 8.99
CA PHE C 388 19.45 -5.88 8.05
C PHE C 388 19.46 -6.94 7.00
N PRO C 389 20.64 -7.26 6.42
CA PRO C 389 20.71 -8.44 5.50
C PRO C 389 20.14 -9.78 6.04
N ARG C 390 20.60 -10.18 7.21
CA ARG C 390 20.00 -11.27 7.95
C ARG C 390 18.49 -11.13 8.20
N LEU C 391 18.01 -10.00 8.74
CA LEU C 391 16.59 -9.78 9.04
C LEU C 391 15.71 -9.80 7.80
N LEU C 392 16.17 -9.13 6.75
CA LEU C 392 15.49 -9.19 5.45
C LEU C 392 15.15 -10.58 5.05
N ASN C 393 16.10 -11.50 5.19
CA ASN C 393 15.88 -12.83 4.67
C ASN C 393 15.07 -13.60 5.68
N GLU C 394 15.30 -13.33 6.96
CA GLU C 394 14.54 -13.97 8.04
C GLU C 394 13.03 -13.60 8.07
N VAL C 395 12.67 -12.32 7.87
CA VAL C 395 11.29 -11.83 7.96
C VAL C 395 10.36 -12.39 6.81
N MET C 396 10.97 -12.71 5.67
CA MET C 396 10.26 -13.13 4.51
C MET C 396 9.83 -14.62 4.62
N CYS C 397 10.36 -15.35 5.57
CA CYS C 397 9.82 -16.66 5.97
C CYS C 397 8.36 -16.61 6.39
N TYR C 398 8.01 -15.55 7.14
CA TYR C 398 6.82 -15.54 7.98
C TYR C 398 5.49 -15.53 7.19
N PRO C 399 5.35 -14.68 6.13
CA PRO C 399 4.15 -14.79 5.31
C PRO C 399 3.97 -16.17 4.63
N LEU C 400 5.06 -16.95 4.56
CA LEU C 400 5.11 -18.11 3.67
C LEU C 400 5.01 -19.40 4.47
N PHE C 401 5.62 -19.38 5.65
CA PHE C 401 5.66 -20.59 6.48
C PHE C 401 4.52 -20.60 7.49
N GLU C 402 4.46 -21.62 8.35
CA GLU C 402 3.32 -21.83 9.28
C GLU C 402 1.97 -21.75 8.57
N GLY C 403 1.92 -22.32 7.38
CA GLY C 403 0.75 -22.20 6.50
C GLY C 403 0.66 -20.86 5.87
N GLY C 404 0.96 -20.78 4.59
CA GLY C 404 1.09 -19.49 3.90
C GLY C 404 -0.18 -18.71 3.92
N ASN C 405 -0.09 -17.39 3.83
CA ASN C 405 -1.25 -16.53 3.95
C ASN C 405 -2.13 -16.59 2.71
N ILE C 406 -1.51 -16.81 1.54
CA ILE C 406 -2.24 -16.68 0.28
C ILE C 406 -3.19 -17.89 0.12
N GLY C 407 -2.63 -19.07 0.19
CA GLY C 407 -3.37 -20.28 0.04
C GLY C 407 -3.97 -20.99 1.24
N LEU C 408 -3.38 -20.90 2.42
CA LEU C 408 -3.95 -21.54 3.60
C LEU C 408 -4.76 -20.62 4.50
N ARG C 409 -4.09 -19.67 5.16
CA ARG C 409 -4.70 -18.80 6.15
C ARG C 409 -5.82 -17.91 5.64
N ARG C 410 -5.70 -17.38 4.44
CA ARG C 410 -6.86 -16.54 3.98
C ARG C 410 -8.12 -17.38 3.58
N ARG C 411 -7.90 -18.65 3.22
CA ARG C 411 -8.92 -19.64 2.86
C ARG C 411 -9.66 -20.17 4.08
N GLN C 412 -8.89 -20.49 5.14
CA GLN C 412 -9.46 -20.83 6.43
C GLN C 412 -10.27 -19.63 6.91
N MET C 413 -9.78 -18.41 6.74
CA MET C 413 -10.51 -17.30 7.34
C MET C 413 -11.80 -17.02 6.55
N GLN C 414 -11.66 -17.08 5.23
CA GLN C 414 -12.74 -16.90 4.29
C GLN C 414 -13.86 -17.95 4.50
N ARG C 415 -13.52 -19.24 4.67
CA ARG C 415 -14.49 -20.27 4.94
C ARG C 415 -15.33 -19.96 6.19
N VAL C 416 -14.67 -19.52 7.27
CA VAL C 416 -15.29 -19.07 8.50
C VAL C 416 -16.23 -17.93 8.17
N MET C 417 -15.73 -16.87 7.52
CA MET C 417 -16.59 -15.70 7.26
C MET C 417 -17.87 -15.96 6.43
N ALA C 418 -17.84 -17.00 5.61
CA ALA C 418 -18.96 -17.46 4.77
C ALA C 418 -20.07 -18.30 5.46
N LEU C 419 -19.78 -18.93 6.60
CA LEU C 419 -20.78 -19.63 7.37
C LEU C 419 -21.96 -18.68 7.67
N GLU C 420 -23.22 -19.18 7.65
CA GLU C 420 -24.40 -18.35 7.95
C GLU C 420 -24.40 -17.83 9.40
N ASP C 421 -23.79 -18.61 10.30
CA ASP C 421 -23.73 -18.27 11.70
C ASP C 421 -22.39 -17.65 12.18
N TYR C 422 -21.75 -16.86 11.34
CA TYR C 422 -20.52 -16.14 11.67
C TYR C 422 -20.83 -14.85 12.40
N GLU C 423 -20.13 -14.63 13.50
CA GLU C 423 -20.25 -13.40 14.26
C GLU C 423 -18.92 -12.70 14.25
N PRO C 424 -18.80 -11.64 13.46
CA PRO C 424 -17.48 -11.00 13.30
C PRO C 424 -16.80 -10.57 14.62
N TRP C 425 -17.59 -9.99 15.52
CA TRP C 425 -17.10 -9.37 16.77
C TRP C 425 -17.26 -10.20 18.00
N ALA C 426 -17.47 -11.49 17.85
CA ALA C 426 -17.69 -12.38 18.96
C ALA C 426 -16.55 -12.44 19.99
N ALA C 427 -15.30 -12.42 19.56
CA ALA C 427 -14.16 -12.51 20.49
C ALA C 427 -14.02 -11.25 21.31
N THR C 428 -14.67 -10.16 20.88
CA THR C 428 -14.63 -8.85 21.55
C THR C 428 -15.87 -8.52 22.45
N TYR C 429 -17.06 -8.73 21.88
CA TYR C 429 -18.33 -8.40 22.49
C TYR C 429 -19.20 -9.64 22.75
N GLY C 430 -18.61 -10.83 22.95
CA GLY C 430 -19.37 -12.10 22.98
C GLY C 430 -20.51 -12.26 21.96
N SER C 431 -21.25 -13.37 22.11
CA SER C 431 -22.62 -13.49 21.54
C SER C 431 -23.67 -13.37 22.68
N VAL D 2 2.91 9.72 -31.50
CA VAL D 2 3.56 8.93 -30.40
C VAL D 2 3.59 7.48 -30.82
N ASP D 3 4.72 6.84 -30.63
CA ASP D 3 4.98 5.61 -31.32
C ASP D 3 5.79 4.73 -30.36
N PHE D 4 5.44 3.44 -30.28
CA PHE D 4 6.05 2.52 -29.31
C PHE D 4 6.74 1.36 -29.99
N LYS D 5 6.73 1.37 -31.33
CA LYS D 5 7.26 0.26 -32.10
C LYS D 5 8.78 0.29 -32.18
N LEU D 6 9.41 -0.88 -32.04
CA LEU D 6 10.84 -0.98 -31.96
C LEU D 6 11.49 -1.13 -33.31
N SER D 7 12.71 -0.64 -33.43
CA SER D 7 13.36 -0.55 -34.71
C SER D 7 14.04 -1.88 -34.88
N PRO D 8 14.33 -2.29 -36.13
CA PRO D 8 15.04 -3.57 -36.24
C PRO D 8 16.36 -3.63 -35.45
N SER D 9 17.06 -2.50 -35.28
CA SER D 9 18.30 -2.50 -34.43
C SER D 9 18.06 -2.53 -32.90
N GLN D 10 16.94 -1.97 -32.44
CA GLN D 10 16.48 -2.14 -31.06
C GLN D 10 16.07 -3.59 -30.86
N LEU D 11 15.57 -4.25 -31.90
CA LEU D 11 15.33 -5.70 -31.78
C LEU D 11 16.58 -6.52 -31.80
N GLU D 12 17.58 -6.12 -32.57
CA GLU D 12 18.85 -6.86 -32.57
C GLU D 12 19.61 -6.61 -31.28
N ALA D 13 19.46 -5.42 -30.71
CA ALA D 13 20.14 -5.15 -29.45
C ALA D 13 19.71 -6.18 -28.41
N ARG D 14 18.38 -6.41 -28.34
CA ARG D 14 17.70 -7.40 -27.46
C ARG D 14 18.15 -8.82 -27.69
N ARG D 15 18.12 -9.26 -28.96
CA ARG D 15 18.62 -10.58 -29.35
C ARG D 15 20.07 -10.72 -28.89
N HIS D 16 20.92 -9.78 -29.34
CA HIS D 16 22.32 -9.81 -28.97
C HIS D 16 22.51 -9.96 -27.45
N ALA D 17 21.80 -9.16 -26.65
CA ALA D 17 21.84 -9.24 -25.15
C ALA D 17 21.31 -10.56 -24.50
N GLN D 18 20.16 -11.07 -24.95
CA GLN D 18 19.69 -12.41 -24.53
C GLN D 18 20.71 -13.52 -24.82
N ALA D 19 21.16 -13.59 -26.09
CA ALA D 19 22.24 -14.47 -26.47
C ALA D 19 23.44 -14.37 -25.51
N PHE D 20 23.92 -13.16 -25.23
CA PHE D 20 25.08 -13.00 -24.39
C PHE D 20 24.82 -13.54 -23.01
N ALA D 21 23.67 -13.17 -22.45
CA ALA D 21 23.27 -13.57 -21.10
C ALA D 21 23.07 -15.09 -20.98
N ASN D 22 22.39 -15.68 -21.95
CA ASN D 22 22.09 -17.11 -21.90
C ASN D 22 23.31 -18.01 -22.01
N THR D 23 24.21 -17.60 -22.92
CA THR D 23 25.39 -18.38 -23.27
C THR D 23 26.56 -18.07 -22.36
N VAL D 24 26.72 -16.81 -21.99
CA VAL D 24 27.88 -16.43 -21.20
C VAL D 24 27.56 -16.33 -19.72
N LEU D 25 26.57 -15.49 -19.39
CA LEU D 25 26.32 -15.10 -18.00
C LEU D 25 25.85 -16.27 -17.13
N THR D 26 25.03 -17.15 -17.71
CA THR D 26 24.58 -18.40 -17.03
C THR D 26 25.71 -19.26 -16.44
N LYS D 27 26.91 -19.07 -16.97
CA LYS D 27 28.05 -19.86 -16.53
C LYS D 27 28.82 -19.24 -15.37
N ALA D 28 28.45 -18.01 -14.93
CA ALA D 28 29.27 -17.30 -13.91
C ALA D 28 29.10 -17.89 -12.52
N SER D 29 27.89 -18.33 -12.24
CA SER D 29 27.52 -18.86 -10.94
C SER D 29 28.34 -20.05 -10.44
N ALA D 30 28.54 -21.05 -11.32
CA ALA D 30 29.57 -22.11 -11.14
C ALA D 30 30.98 -21.62 -10.67
N GLU D 31 31.39 -20.45 -11.17
CA GLU D 31 32.68 -19.85 -10.85
C GLU D 31 32.64 -19.02 -9.60
N TYR D 32 31.67 -18.14 -9.47
CA TYR D 32 31.72 -17.25 -8.31
C TYR D 32 31.25 -17.88 -6.99
N SER D 33 30.45 -18.94 -7.09
CA SER D 33 29.81 -19.61 -5.92
C SER D 33 30.79 -20.32 -4.97
N THR D 34 31.98 -20.67 -5.47
CA THR D 34 32.96 -21.41 -4.69
C THR D 34 33.86 -20.46 -3.91
N GLN D 35 33.67 -19.16 -4.14
CA GLN D 35 34.57 -18.13 -3.64
C GLN D 35 34.08 -17.59 -2.33
N LYS D 36 34.99 -17.38 -1.40
CA LYS D 36 34.55 -17.16 -0.03
C LYS D 36 34.50 -15.70 0.54
N ASP D 37 34.65 -14.71 -0.34
CA ASP D 37 34.50 -13.29 0.02
C ASP D 37 34.20 -12.50 -1.24
N GLN D 38 33.72 -11.28 -1.02
CA GLN D 38 33.19 -10.38 -2.05
C GLN D 38 34.18 -10.10 -3.18
N LEU D 39 35.42 -9.70 -2.83
CA LEU D 39 36.54 -9.56 -3.83
C LEU D 39 36.82 -10.85 -4.63
N SER D 40 37.07 -11.96 -3.93
CA SER D 40 37.20 -13.28 -4.61
C SER D 40 36.09 -13.58 -5.60
N ARG D 41 34.84 -13.25 -5.21
CA ARG D 41 33.70 -13.45 -6.08
C ARG D 41 33.70 -12.52 -7.29
N PHE D 42 34.06 -11.25 -7.07
CA PHE D 42 34.28 -10.27 -8.14
C PHE D 42 35.39 -10.71 -9.08
N GLN D 43 36.51 -11.12 -8.53
CA GLN D 43 37.67 -11.60 -9.32
C GLN D 43 37.28 -12.75 -10.22
N ALA D 44 36.50 -13.72 -9.68
CA ALA D 44 35.89 -14.84 -10.46
C ALA D 44 35.10 -14.42 -11.70
N THR D 45 34.64 -13.19 -11.67
CA THR D 45 33.78 -12.60 -12.73
C THR D 45 34.58 -12.03 -13.93
N ARG D 46 35.89 -11.88 -13.70
CA ARG D 46 36.77 -11.22 -14.65
C ARG D 46 36.70 -11.79 -16.06
N PRO D 47 36.67 -13.15 -16.20
CA PRO D 47 36.41 -13.81 -17.50
C PRO D 47 35.11 -13.52 -18.18
N PHE D 48 34.08 -13.13 -17.45
CA PHE D 48 32.75 -12.83 -18.05
C PHE D 48 32.69 -11.40 -18.55
N TYR D 49 33.38 -10.50 -17.84
CA TYR D 49 33.53 -9.10 -18.26
C TYR D 49 34.43 -9.05 -19.52
N ARG D 50 35.54 -9.79 -19.47
CA ARG D 50 36.33 -10.13 -20.69
C ARG D 50 35.46 -10.51 -21.90
N GLU D 51 34.57 -11.48 -21.75
CA GLU D 51 33.62 -11.81 -22.82
C GLU D 51 32.67 -10.67 -23.23
N ALA D 52 32.28 -9.84 -22.27
CA ALA D 52 31.40 -8.71 -22.54
C ALA D 52 32.07 -7.64 -23.38
N VAL D 53 33.36 -7.43 -23.13
CA VAL D 53 34.20 -6.55 -23.96
C VAL D 53 34.32 -7.14 -25.37
N ARG D 54 34.70 -8.40 -25.49
CA ARG D 54 34.67 -9.12 -26.76
C ARG D 54 33.31 -9.08 -27.52
N HIS D 55 32.17 -9.10 -26.82
CA HIS D 55 30.87 -8.90 -27.48
C HIS D 55 30.52 -7.42 -27.78
N GLY D 56 31.47 -6.53 -27.45
CA GLY D 56 31.33 -5.09 -27.69
C GLY D 56 30.43 -4.35 -26.70
N LEU D 57 30.19 -4.88 -25.50
CA LEU D 57 29.24 -4.25 -24.57
C LEU D 57 29.82 -3.03 -23.80
N ILE D 58 31.14 -3.04 -23.59
CA ILE D 58 31.80 -1.90 -23.03
C ILE D 58 31.86 -0.74 -24.01
N LYS D 59 32.22 -1.05 -25.24
CA LYS D 59 32.15 -0.09 -26.34
C LYS D 59 30.74 0.47 -26.56
N ALA D 60 29.71 -0.33 -26.35
CA ALA D 60 28.32 0.13 -26.49
C ALA D 60 27.89 1.09 -25.35
N GLN D 61 28.77 1.30 -24.38
CA GLN D 61 28.53 2.24 -23.28
C GLN D 61 28.92 3.66 -23.65
N VAL D 62 29.61 3.85 -24.77
CA VAL D 62 30.12 5.16 -25.24
C VAL D 62 29.39 5.63 -26.52
N PRO D 63 28.97 6.91 -26.60
CA PRO D 63 28.25 7.34 -27.83
C PRO D 63 29.03 7.18 -29.13
N ILE D 64 28.33 6.96 -30.24
CA ILE D 64 28.93 6.91 -31.59
C ILE D 64 29.90 8.07 -31.96
N PRO D 65 29.49 9.34 -31.76
CA PRO D 65 30.38 10.47 -32.12
C PRO D 65 31.71 10.54 -31.37
N LEU D 66 31.89 9.64 -30.41
CA LEU D 66 33.03 9.60 -29.52
C LEU D 66 33.82 8.30 -29.73
N GLY D 67 33.39 7.54 -30.74
CA GLY D 67 34.09 6.34 -31.11
C GLY D 67 33.57 5.08 -30.49
N GLY D 68 32.36 5.18 -29.93
CA GLY D 68 31.72 4.07 -29.23
C GLY D 68 30.66 3.50 -30.13
N THR D 69 29.80 2.66 -29.59
CA THR D 69 28.79 2.04 -30.43
C THR D 69 27.41 2.13 -29.83
N MET D 70 27.25 2.99 -28.82
CA MET D 70 25.93 3.19 -28.24
C MET D 70 24.96 3.86 -29.20
N GLU D 71 23.91 3.16 -29.54
CA GLU D 71 22.97 3.63 -30.53
C GLU D 71 21.87 4.53 -30.01
N SER D 72 21.46 4.30 -28.76
CA SER D 72 20.52 5.17 -28.01
C SER D 72 20.35 4.64 -26.60
N LEU D 73 19.74 5.46 -25.77
CA LEU D 73 19.43 5.10 -24.38
C LEU D 73 18.34 4.03 -24.26
N VAL D 74 17.40 3.99 -25.21
CA VAL D 74 16.35 2.95 -25.25
C VAL D 74 16.96 1.58 -25.58
N HIS D 75 17.89 1.56 -26.56
CA HIS D 75 18.73 0.37 -26.80
C HIS D 75 19.41 0.03 -25.50
N GLU D 76 20.04 0.98 -24.87
CA GLU D 76 20.74 0.70 -23.61
C GLU D 76 19.79 0.04 -22.56
N SER D 77 18.61 0.61 -22.38
CA SER D 77 17.57 0.12 -21.49
C SER D 77 17.14 -1.32 -21.80
N ILE D 78 16.87 -1.60 -23.07
CA ILE D 78 16.53 -2.93 -23.54
C ILE D 78 17.68 -3.92 -23.27
N ILE D 79 18.90 -3.57 -23.62
CA ILE D 79 20.06 -4.35 -23.17
C ILE D 79 20.15 -4.70 -21.68
N LEU D 80 20.07 -3.70 -20.80
CA LEU D 80 20.26 -3.92 -19.36
C LEU D 80 19.12 -4.74 -18.78
N GLU D 81 17.91 -4.56 -19.31
CA GLU D 81 16.76 -5.38 -18.88
C GLU D 81 17.09 -6.86 -19.09
N GLU D 82 17.79 -7.18 -20.20
CA GLU D 82 18.03 -8.59 -20.60
C GLU D 82 19.17 -9.18 -19.84
N LEU D 83 20.13 -8.34 -19.50
CA LEU D 83 21.26 -8.79 -18.71
C LEU D 83 20.78 -9.15 -17.31
N PHE D 84 19.99 -8.24 -16.74
CA PHE D 84 19.49 -8.35 -15.37
C PHE D 84 18.38 -9.39 -15.14
N ALA D 85 17.57 -9.66 -16.14
CA ALA D 85 16.63 -10.79 -16.14
C ALA D 85 17.30 -12.19 -16.04
N VAL D 86 18.62 -12.28 -16.27
CA VAL D 86 19.35 -13.51 -16.19
C VAL D 86 20.38 -13.44 -15.09
N GLU D 87 21.19 -12.39 -15.02
CA GLU D 87 22.37 -12.39 -14.10
C GLU D 87 23.03 -11.01 -13.95
N PRO D 88 22.93 -10.43 -12.75
CA PRO D 88 23.55 -9.16 -12.44
C PRO D 88 25.08 -9.14 -12.28
N ALA D 89 25.69 -10.27 -11.95
CA ALA D 89 27.15 -10.43 -11.97
C ALA D 89 27.65 -10.01 -13.33
N THR D 90 28.73 -9.24 -13.36
CA THR D 90 29.23 -8.66 -14.63
C THR D 90 28.37 -7.58 -15.24
N SER D 91 27.08 -7.83 -15.40
CA SER D 91 26.12 -6.80 -15.87
C SER D 91 26.23 -5.50 -15.05
N ILE D 92 26.37 -5.65 -13.75
CA ILE D 92 26.47 -4.58 -12.81
C ILE D 92 27.80 -3.79 -13.03
N THR D 93 28.84 -4.50 -13.47
CA THR D 93 30.15 -3.96 -13.74
C THR D 93 30.13 -3.13 -15.04
N ILE D 94 29.26 -3.49 -15.98
CA ILE D 94 29.22 -2.85 -17.27
C ILE D 94 28.53 -1.48 -17.10
N VAL D 95 27.45 -1.48 -16.32
CA VAL D 95 26.82 -0.23 -16.02
C VAL D 95 27.69 0.56 -15.02
N ALA D 96 28.48 -0.06 -14.17
CA ALA D 96 29.26 0.75 -13.22
C ALA D 96 30.32 1.53 -13.99
N THR D 97 30.79 0.90 -15.07
CA THR D 97 31.82 1.43 -15.98
C THR D 97 31.21 2.56 -16.85
N ALA D 98 29.99 2.33 -17.37
CA ALA D 98 29.16 3.35 -18.05
C ALA D 98 29.04 4.65 -17.24
N LEU D 99 28.89 4.51 -15.93
CA LEU D 99 28.74 5.64 -15.01
C LEU D 99 30.11 6.35 -14.82
N GLY D 100 31.17 5.58 -14.56
CA GLY D 100 32.50 6.14 -14.37
C GLY D 100 32.95 6.90 -15.62
N LEU D 101 32.37 6.53 -16.78
CA LEU D 101 32.77 7.15 -18.04
C LEU D 101 32.02 8.41 -18.29
N MET D 102 30.83 8.53 -17.67
CA MET D 102 29.85 9.62 -17.94
C MET D 102 30.38 11.06 -17.71
N PRO D 103 31.05 11.38 -16.58
CA PRO D 103 31.62 12.71 -16.51
C PRO D 103 32.49 13.08 -17.73
N VAL D 104 33.24 12.10 -18.24
CA VAL D 104 34.12 12.31 -19.40
C VAL D 104 33.36 12.45 -20.74
N ILE D 105 32.33 11.61 -20.95
CA ILE D 105 31.44 11.67 -22.08
C ILE D 105 30.66 12.97 -22.03
N LEU D 106 30.30 13.44 -20.86
CA LEU D 106 29.48 14.65 -20.81
C LEU D 106 30.28 15.96 -20.88
N CYS D 107 31.59 15.91 -20.66
CA CYS D 107 32.35 17.15 -20.68
C CYS D 107 32.44 17.72 -22.10
N ASP D 108 32.79 18.98 -22.20
CA ASP D 108 32.77 19.64 -23.51
C ASP D 108 34.19 19.66 -24.15
N SER D 109 35.03 18.70 -23.77
CA SER D 109 36.46 18.81 -24.01
C SER D 109 37.06 17.67 -24.86
N PRO D 110 37.14 17.84 -26.19
CA PRO D 110 37.44 16.72 -27.09
C PRO D 110 38.73 15.92 -26.91
N SER D 111 39.81 16.56 -26.47
CA SER D 111 41.10 15.87 -26.32
C SER D 111 41.17 15.07 -25.03
N LEU D 112 40.38 15.44 -24.05
CA LEU D 112 40.31 14.69 -22.82
C LEU D 112 39.47 13.45 -23.09
N GLN D 113 38.37 13.59 -23.83
CA GLN D 113 37.62 12.45 -24.32
C GLN D 113 38.50 11.44 -25.05
N GLU D 114 39.11 11.86 -26.16
CA GLU D 114 40.01 11.03 -26.97
C GLU D 114 41.03 10.27 -26.10
N LYS D 115 41.58 10.95 -25.10
CA LYS D 115 42.62 10.35 -24.29
C LYS D 115 42.08 9.27 -23.34
N PHE D 116 41.03 9.62 -22.59
CA PHE D 116 40.62 8.83 -21.46
C PHE D 116 39.66 7.71 -21.88
N LEU D 117 38.94 7.95 -22.97
CA LEU D 117 38.05 6.95 -23.51
C LEU D 117 38.71 5.90 -24.37
N LYS D 118 39.95 6.11 -24.81
CA LYS D 118 40.61 5.15 -25.73
C LYS D 118 40.45 3.69 -25.27
N PRO D 119 40.84 3.36 -24.01
CA PRO D 119 40.82 1.94 -23.71
C PRO D 119 39.42 1.26 -23.66
N PHE D 120 38.35 2.04 -23.56
CA PHE D 120 36.97 1.50 -23.46
C PHE D 120 36.32 1.28 -24.83
N ILE D 121 36.83 1.90 -25.87
CA ILE D 121 36.30 1.74 -27.25
C ILE D 121 37.22 0.79 -28.01
N SER D 122 38.15 0.23 -27.27
CA SER D 122 39.24 -0.64 -27.73
C SER D 122 38.80 -1.99 -28.25
N GLY D 123 37.78 -2.65 -27.63
CA GLY D 123 37.35 -4.01 -27.96
C GLY D 123 38.18 -5.05 -27.23
N GLU D 124 39.13 -4.55 -26.40
CA GLU D 124 40.22 -5.36 -25.83
C GLU D 124 40.42 -5.18 -24.35
N GLY D 125 40.84 -6.26 -23.69
CA GLY D 125 41.11 -6.28 -22.25
C GLY D 125 39.83 -6.31 -21.41
N GLU D 126 40.02 -5.87 -20.15
CA GLU D 126 38.97 -5.80 -19.13
C GLU D 126 38.98 -4.42 -18.46
N PRO D 127 38.88 -3.33 -19.24
CA PRO D 127 39.08 -2.05 -18.56
C PRO D 127 37.85 -1.66 -17.72
N LEU D 128 38.11 -1.16 -16.51
CA LEU D 128 37.08 -0.73 -15.59
C LEU D 128 37.04 0.78 -15.35
N ALA D 129 35.85 1.35 -15.29
CA ALA D 129 35.69 2.70 -14.76
C ALA D 129 34.81 2.76 -13.49
N SER D 130 34.95 3.85 -12.75
CA SER D 130 34.28 4.01 -11.50
C SER D 130 34.02 5.50 -11.25
N LEU D 131 32.79 5.83 -10.86
CA LEU D 131 32.48 7.19 -10.41
C LEU D 131 32.54 7.18 -8.91
N MET D 132 33.62 7.72 -8.35
CA MET D 132 33.85 7.72 -6.93
C MET D 132 33.33 8.98 -6.24
N HIS D 133 32.07 8.89 -5.76
CA HIS D 133 31.35 9.94 -5.12
C HIS D 133 31.04 9.67 -3.62
N SER D 134 30.53 8.46 -3.34
CA SER D 134 30.08 8.10 -1.97
C SER D 134 31.15 7.90 -0.89
N GLU D 135 30.75 8.20 0.34
CA GLU D 135 31.68 8.30 1.42
C GLU D 135 31.21 7.56 2.66
N PRO D 136 32.14 7.12 3.54
CA PRO D 136 31.79 6.46 4.81
C PRO D 136 30.69 7.20 5.65
N ASN D 137 30.78 8.54 5.69
CA ASN D 137 29.81 9.39 6.35
C ASN D 137 28.51 9.72 5.59
N GLY D 138 28.37 9.35 4.34
CA GLY D 138 27.09 9.59 3.69
C GLY D 138 27.17 10.73 2.70
N THR D 139 26.18 10.81 1.80
CA THR D 139 26.15 11.82 0.72
C THR D 139 24.85 12.52 0.40
N ALA D 140 23.74 12.13 1.06
CA ALA D 140 22.41 12.77 0.87
C ALA D 140 22.42 14.28 1.06
N ASN D 141 23.41 14.75 1.79
CA ASN D 141 23.55 16.15 2.16
C ASN D 141 24.82 16.85 1.73
N TRP D 142 25.54 16.26 0.78
CA TRP D 142 26.78 16.84 0.27
C TRP D 142 26.68 18.29 -0.21
N LEU D 143 25.49 18.68 -0.68
CA LEU D 143 25.25 20.01 -1.24
C LEU D 143 24.64 20.98 -0.28
N GLN D 144 24.41 20.55 0.95
CA GLN D 144 23.77 21.34 1.97
C GLN D 144 24.59 22.55 2.40
N LYS D 145 24.09 23.76 2.17
CA LYS D 145 24.81 24.94 2.65
C LYS D 145 24.89 24.87 4.15
N GLY D 146 26.09 25.01 4.68
CA GLY D 146 26.28 25.12 6.10
C GLY D 146 26.63 23.80 6.75
N GLY D 147 26.60 22.71 6.00
CA GLY D 147 26.90 21.41 6.56
C GLY D 147 28.37 21.09 6.29
N PRO D 148 28.82 19.94 6.79
CA PRO D 148 30.19 19.44 6.66
C PRO D 148 30.71 19.21 5.20
N GLY D 149 29.84 18.83 4.28
CA GLY D 149 30.27 18.64 2.93
C GLY D 149 30.96 17.34 2.73
N LEU D 150 31.35 17.05 1.47
CA LEU D 150 32.21 15.91 1.16
C LEU D 150 33.44 15.86 2.08
N GLN D 151 33.70 14.70 2.65
CA GLN D 151 34.92 14.53 3.48
C GLN D 151 36.21 14.17 2.69
N THR D 152 36.06 13.96 1.39
CA THR D 152 37.17 13.83 0.48
C THR D 152 37.39 15.23 -0.13
N THR D 153 38.55 15.82 0.13
CA THR D 153 38.87 17.18 -0.27
C THR D 153 40.13 17.15 -1.12
N ALA D 154 40.31 18.18 -1.93
CA ALA D 154 41.46 18.31 -2.83
C ALA D 154 41.98 19.74 -2.67
N ARG D 155 43.29 19.91 -2.76
CA ARG D 155 43.92 21.23 -2.70
C ARG D 155 44.94 21.34 -3.83
N LYS D 156 45.10 22.56 -4.35
CA LYS D 156 46.04 22.80 -5.43
C LYS D 156 47.42 23.11 -4.86
N VAL D 157 48.40 22.29 -5.25
CA VAL D 157 49.78 22.44 -4.76
C VAL D 157 50.72 22.43 -5.95
N GLY D 158 51.29 23.59 -6.27
CA GLY D 158 52.10 23.69 -7.46
C GLY D 158 51.26 23.44 -8.67
N ASN D 159 51.66 22.43 -9.46
CA ASN D 159 50.95 21.99 -10.68
C ASN D 159 50.23 20.64 -10.48
N GLU D 160 49.92 20.36 -9.21
CA GLU D 160 49.25 19.15 -8.80
C GLU D 160 48.16 19.42 -7.79
N TRP D 161 47.23 18.47 -7.76
CA TRP D 161 46.17 18.41 -6.77
C TRP D 161 46.51 17.34 -5.70
N VAL D 162 46.12 17.61 -4.46
CA VAL D 162 46.39 16.67 -3.39
C VAL D 162 45.06 16.30 -2.71
N ILE D 163 44.62 15.06 -3.00
CA ILE D 163 43.45 14.43 -2.34
C ILE D 163 43.68 13.87 -0.90
N SER D 164 42.82 14.28 0.03
CA SER D 164 42.66 13.58 1.32
C SER D 164 41.24 13.15 1.57
N GLY D 165 41.10 11.95 2.10
CA GLY D 165 39.87 11.48 2.72
C GLY D 165 39.44 10.13 2.20
N GLU D 166 38.22 9.72 2.54
CA GLU D 166 37.78 8.35 2.26
C GLU D 166 36.58 8.31 1.33
N LYS D 167 36.64 7.34 0.42
CA LYS D 167 35.48 6.91 -0.34
C LYS D 167 34.93 5.55 0.16
N LEU D 168 33.65 5.28 -0.06
CA LEU D 168 32.99 3.99 0.25
C LEU D 168 31.89 3.72 -0.76
N TRP D 169 31.82 2.48 -1.24
CA TRP D 169 30.79 2.03 -2.21
C TRP D 169 31.06 2.20 -3.69
N PRO D 170 31.92 3.17 -4.15
CA PRO D 170 31.93 3.28 -5.64
C PRO D 170 32.37 2.01 -6.30
N SER D 171 31.55 1.57 -7.23
CA SER D 171 31.67 0.31 -7.91
C SER D 171 32.89 0.28 -8.83
N ASN D 172 33.71 -0.80 -8.70
CA ASN D 172 34.92 -1.05 -9.55
C ASN D 172 36.13 -0.22 -9.19
N SER D 173 36.04 0.54 -8.10
CA SER D 173 36.92 1.66 -7.87
C SER D 173 38.37 1.21 -7.64
N GLY D 174 38.54 0.09 -6.95
CA GLY D 174 39.85 -0.53 -6.79
C GLY D 174 40.39 -1.42 -7.93
N GLY D 175 39.66 -1.62 -9.02
CA GLY D 175 40.14 -2.46 -10.10
C GLY D 175 39.87 -3.92 -9.83
N TRP D 176 40.38 -4.78 -10.69
CA TRP D 176 40.33 -6.20 -10.42
C TRP D 176 41.22 -6.61 -9.29
N ASP D 177 42.17 -5.74 -8.87
CA ASP D 177 43.32 -6.18 -8.01
C ASP D 177 43.74 -5.25 -6.89
N TYR D 178 42.94 -4.19 -6.68
CA TYR D 178 43.22 -3.10 -5.70
C TYR D 178 44.35 -2.13 -6.03
N LYS D 179 44.70 -2.06 -7.30
CA LYS D 179 45.70 -1.10 -7.76
C LYS D 179 44.97 -0.07 -8.62
N GLY D 180 43.68 -0.28 -8.85
CA GLY D 180 42.75 0.81 -9.10
C GLY D 180 42.08 0.51 -10.38
N ALA D 181 41.02 1.25 -10.67
CA ALA D 181 40.24 1.05 -11.90
C ALA D 181 41.03 1.80 -12.96
N ASP D 182 40.80 1.45 -14.22
CA ASP D 182 41.50 2.05 -15.35
C ASP D 182 41.21 3.56 -15.49
N LEU D 183 40.05 3.97 -14.98
CA LEU D 183 39.63 5.35 -14.89
C LEU D 183 38.61 5.45 -13.76
N ALA D 184 38.91 6.28 -12.76
CA ALA D 184 38.01 6.60 -11.66
C ALA D 184 37.85 8.11 -11.70
N CYS D 185 36.61 8.58 -11.63
CA CYS D 185 36.34 10.01 -11.48
C CYS D 185 36.13 10.29 -10.01
N VAL D 186 37.05 10.99 -9.36
CA VAL D 186 36.98 11.22 -7.93
C VAL D 186 36.35 12.60 -7.63
N VAL D 187 35.22 12.63 -6.95
CA VAL D 187 34.48 13.86 -6.69
C VAL D 187 34.95 14.41 -5.35
N CYS D 188 35.62 15.57 -5.37
CA CYS D 188 36.06 16.20 -4.10
C CYS D 188 35.50 17.61 -3.89
N ARG D 189 35.52 18.00 -2.63
CA ARG D 189 35.28 19.35 -2.19
C ARG D 189 36.69 20.04 -2.12
N VAL D 190 36.84 21.18 -2.80
CA VAL D 190 38.11 21.92 -2.80
C VAL D 190 38.34 22.47 -1.41
N SER D 191 39.49 22.17 -0.81
CA SER D 191 39.82 22.70 0.52
C SER D 191 41.31 22.83 0.70
N ASP D 192 41.75 24.06 1.00
CA ASP D 192 43.16 24.43 1.20
C ASP D 192 43.75 23.99 2.54
N ASP D 193 42.93 23.94 3.57
CA ASP D 193 43.27 23.28 4.81
C ASP D 193 42.12 22.33 5.19
N PRO D 194 42.32 21.01 4.94
CA PRO D 194 41.31 19.98 5.17
C PRO D 194 40.96 19.77 6.63
N SER D 195 41.73 20.34 7.54
CA SER D 195 41.42 20.23 8.99
C SER D 195 40.38 21.26 9.41
N LYS D 196 40.07 22.19 8.50
CA LYS D 196 39.12 23.30 8.72
C LYS D 196 37.75 22.95 8.10
N PRO D 197 36.63 23.26 8.81
CA PRO D 197 35.26 23.01 8.33
C PRO D 197 34.91 23.70 7.01
N GLN D 198 34.03 23.11 6.21
CA GLN D 198 33.52 23.78 4.99
C GLN D 198 33.02 25.18 5.40
N ASP D 199 33.35 26.20 4.63
CA ASP D 199 32.90 27.57 4.96
C ASP D 199 31.34 27.63 4.85
N PRO D 200 30.64 27.92 5.97
CA PRO D 200 29.16 27.99 6.01
C PRO D 200 28.49 29.08 5.18
N ASN D 201 29.31 29.98 4.63
CA ASN D 201 28.85 31.14 3.87
C ASN D 201 29.08 30.97 2.38
N VAL D 202 29.67 29.84 2.01
CA VAL D 202 29.80 29.51 0.61
C VAL D 202 28.95 28.28 0.20
N ASP D 203 28.20 28.48 -0.90
CA ASP D 203 27.43 27.48 -1.62
C ASP D 203 28.31 26.25 -1.90
N PRO D 204 28.01 25.09 -1.27
CA PRO D 204 28.81 23.86 -1.46
C PRO D 204 29.12 23.47 -2.93
N ALA D 205 28.17 23.72 -3.83
CA ALA D 205 28.26 23.39 -5.23
C ALA D 205 29.37 24.15 -5.99
N THR D 206 29.77 25.30 -5.47
CA THR D 206 30.86 26.02 -6.10
C THR D 206 32.24 25.45 -5.73
N GLN D 207 32.33 24.59 -4.73
CA GLN D 207 33.61 24.08 -4.27
C GLN D 207 33.89 22.66 -4.77
N ILE D 208 33.25 22.23 -5.87
CA ILE D 208 33.24 20.82 -6.29
C ILE D 208 34.26 20.60 -7.38
N ALA D 209 35.11 19.57 -7.22
CA ALA D 209 36.09 19.25 -8.26
C ALA D 209 36.03 17.77 -8.60
N VAL D 210 36.25 17.47 -9.87
CA VAL D 210 36.40 16.08 -10.33
C VAL D 210 37.80 15.82 -10.87
N LEU D 211 38.54 14.93 -10.20
CA LEU D 211 39.87 14.54 -10.59
C LEU D 211 39.88 13.13 -11.14
N LEU D 212 40.48 12.94 -12.31
CA LEU D 212 40.55 11.64 -12.97
C LEU D 212 41.82 10.90 -12.52
N VAL D 213 41.62 9.69 -11.94
CA VAL D 213 42.70 8.90 -11.31
C VAL D 213 42.78 7.57 -12.03
N THR D 214 43.94 7.28 -12.61
CA THR D 214 44.21 6.03 -13.32
C THR D 214 45.14 5.08 -12.50
N ARG D 215 45.38 3.87 -13.01
CA ARG D 215 46.35 2.99 -12.37
C ARG D 215 47.75 3.64 -12.25
N GLU D 216 48.12 4.42 -13.29
CA GLU D 216 49.29 5.31 -13.28
C GLU D 216 49.35 6.35 -12.19
N THR D 217 48.24 7.04 -11.96
CA THR D 217 48.20 8.09 -10.94
C THR D 217 48.56 7.51 -9.58
N ILE D 218 48.06 6.28 -9.38
CA ILE D 218 48.18 5.53 -8.11
C ILE D 218 49.60 4.95 -8.03
N ALA D 219 50.07 4.40 -9.15
CA ALA D 219 51.45 3.94 -9.31
C ALA D 219 52.47 5.06 -9.03
N ASN D 220 52.18 6.29 -9.48
CA ASN D 220 53.08 7.40 -9.18
C ASN D 220 53.07 7.87 -7.74
N ASN D 221 52.22 7.30 -6.89
CA ASN D 221 52.18 7.70 -5.48
C ASN D 221 52.85 6.70 -4.53
N LYS D 222 53.21 7.17 -3.35
CA LYS D 222 53.62 6.32 -2.23
C LYS D 222 52.55 5.27 -1.91
N LYS D 223 52.97 4.14 -1.34
CA LYS D 223 52.06 3.02 -1.13
C LYS D 223 50.90 3.42 -0.28
N ASP D 224 51.17 4.15 0.79
CA ASP D 224 50.11 4.47 1.73
C ASP D 224 49.34 5.81 1.50
N ALA D 225 49.49 6.33 0.28
CA ALA D 225 48.72 7.46 -0.21
C ALA D 225 47.34 6.99 -0.75
N TYR D 226 47.31 5.77 -1.24
CA TYR D 226 46.09 5.18 -1.71
C TYR D 226 45.88 3.83 -1.01
N GLN D 227 44.80 3.67 -0.27
CA GLN D 227 44.67 2.37 0.40
C GLN D 227 43.26 1.81 0.64
N ILE D 228 43.06 0.56 0.22
CA ILE D 228 41.77 -0.13 0.41
C ILE D 228 41.73 -0.62 1.85
N LEU D 229 40.80 -0.07 2.62
CA LEU D 229 40.60 -0.42 4.01
C LEU D 229 39.56 -1.53 4.19
N GLY D 230 38.82 -1.86 3.14
CA GLY D 230 37.82 -2.90 3.25
C GLY D 230 36.90 -3.01 2.05
N GLU D 231 35.99 -3.97 2.17
CA GLU D 231 35.12 -4.39 1.10
C GLU D 231 33.84 -4.94 1.76
N PRO D 232 32.80 -4.09 1.86
CA PRO D 232 31.50 -4.49 2.39
C PRO D 232 31.05 -5.88 1.88
N GLU D 233 30.51 -6.70 2.76
CA GLU D 233 29.85 -7.92 2.32
C GLU D 233 28.40 -7.56 2.09
N LEU D 234 27.93 -7.70 0.87
CA LEU D 234 26.63 -7.20 0.48
C LEU D 234 25.58 -8.29 0.59
N ALA D 235 24.34 -7.89 0.95
CA ALA D 235 23.20 -8.76 0.94
C ALA D 235 23.03 -9.39 -0.43
N GLY D 236 22.94 -8.62 -1.48
CA GLY D 236 22.82 -9.16 -2.80
C GLY D 236 23.83 -8.45 -3.67
N HIS D 237 23.92 -8.83 -4.94
CA HIS D 237 25.02 -8.34 -5.80
C HIS D 237 26.36 -8.70 -5.20
N ILE D 238 26.49 -9.99 -4.92
CA ILE D 238 27.62 -10.56 -4.12
C ILE D 238 28.96 -10.67 -4.93
N THR D 239 28.88 -10.52 -6.23
CA THR D 239 30.09 -10.48 -7.05
C THR D 239 30.61 -9.06 -7.46
N THR D 240 30.01 -7.96 -6.99
CA THR D 240 30.47 -6.63 -7.37
C THR D 240 31.44 -6.13 -6.33
N SER D 241 32.29 -5.19 -6.74
CA SER D 241 33.25 -4.56 -5.84
C SER D 241 32.99 -3.06 -5.70
N GLY D 242 32.99 -2.54 -4.47
CA GLY D 242 32.84 -1.14 -4.20
C GLY D 242 33.50 -0.86 -2.87
N PRO D 243 34.84 -0.79 -2.83
CA PRO D 243 35.56 -0.89 -1.54
C PRO D 243 35.56 0.38 -0.71
N HIS D 244 36.05 0.31 0.52
CA HIS D 244 36.37 1.46 1.39
C HIS D 244 37.84 1.93 1.18
N THR D 245 38.00 3.10 0.55
CA THR D 245 39.27 3.62 0.06
C THR D 245 39.70 4.87 0.85
N ARG D 246 40.95 4.90 1.30
CA ARG D 246 41.52 6.11 1.90
C ARG D 246 42.48 6.80 0.95
N PHE D 247 42.41 8.11 0.84
CA PHE D 247 43.45 8.87 0.13
C PHE D 247 44.23 9.68 1.15
N THR D 248 45.55 9.51 1.15
CA THR D 248 46.36 10.27 2.10
C THR D 248 47.44 10.94 1.32
N GLU D 249 47.36 12.26 1.18
CA GLU D 249 48.31 13.04 0.39
C GLU D 249 48.49 12.42 -0.99
N PHE D 250 47.38 12.05 -1.60
CA PHE D 250 47.39 11.47 -2.92
C PHE D 250 47.48 12.61 -3.93
N HIS D 251 48.52 12.55 -4.75
CA HIS D 251 48.85 13.62 -5.71
C HIS D 251 48.29 13.32 -7.09
N VAL D 252 47.48 14.22 -7.65
CA VAL D 252 46.94 14.07 -9.04
C VAL D 252 47.37 15.30 -9.90
N PRO D 253 47.91 15.06 -11.12
CA PRO D 253 48.33 16.13 -12.05
C PRO D 253 47.20 17.06 -12.48
N HIS D 254 47.52 18.35 -12.75
CA HIS D 254 46.52 19.32 -13.19
C HIS D 254 45.76 18.93 -14.47
N GLU D 255 46.45 18.27 -15.40
CA GLU D 255 45.82 17.86 -16.65
C GLU D 255 44.72 16.82 -16.39
N ASN D 256 44.72 16.26 -15.17
CA ASN D 256 43.73 15.27 -14.78
C ASN D 256 42.45 15.88 -14.11
N LEU D 257 42.47 17.19 -13.83
CA LEU D 257 41.27 17.89 -13.38
C LEU D 257 40.34 17.83 -14.56
N LEU D 258 39.07 17.53 -14.33
CA LEU D 258 38.13 17.26 -15.43
C LEU D 258 37.63 18.52 -16.07
N CYS D 259 37.46 19.52 -15.23
CA CYS D 259 36.98 20.80 -15.67
C CYS D 259 37.23 21.79 -14.56
N THR D 260 36.81 23.02 -14.74
CA THR D 260 37.04 24.06 -13.75
C THR D 260 36.19 23.72 -12.53
N PRO D 261 36.82 23.71 -11.36
CA PRO D 261 36.06 23.45 -10.12
C PRO D 261 34.83 24.39 -9.95
N GLY D 262 33.80 23.93 -9.24
CA GLY D 262 32.61 24.69 -9.06
C GLY D 262 31.44 24.12 -9.79
N LEU D 263 30.57 25.00 -10.27
CA LEU D 263 29.25 24.65 -10.73
C LEU D 263 29.25 23.83 -12.01
N LYS D 264 30.24 24.06 -12.86
CA LYS D 264 30.39 23.23 -14.05
C LYS D 264 30.65 21.77 -13.68
N ALA D 265 31.41 21.57 -12.61
CA ALA D 265 31.84 20.26 -12.15
C ALA D 265 30.70 19.51 -11.43
N GLN D 266 29.93 20.25 -10.65
CA GLN D 266 28.82 19.74 -9.96
C GLN D 266 27.75 19.36 -10.94
N GLY D 267 27.63 20.12 -12.02
CA GLY D 267 26.62 19.89 -13.05
C GLY D 267 26.94 18.65 -13.87
N LEU D 268 28.21 18.40 -14.07
CA LEU D 268 28.62 17.17 -14.69
C LEU D 268 28.28 15.89 -13.82
N VAL D 269 28.41 16.00 -12.49
CA VAL D 269 28.07 14.93 -11.55
C VAL D 269 26.54 14.67 -11.52
N GLU D 270 25.79 15.76 -11.31
CA GLU D 270 24.34 15.73 -11.38
C GLU D 270 23.79 15.05 -12.66
N THR D 271 24.37 15.41 -13.80
CA THR D 271 23.90 14.99 -15.09
C THR D 271 24.15 13.51 -15.19
N ALA D 272 25.35 13.10 -14.83
CA ALA D 272 25.69 11.66 -14.81
C ALA D 272 24.78 10.85 -13.91
N PHE D 273 24.51 11.36 -12.72
CA PHE D 273 23.62 10.62 -11.80
C PHE D 273 22.15 10.66 -12.17
N ALA D 274 21.74 11.63 -12.98
CA ALA D 274 20.39 11.69 -13.47
C ALA D 274 20.19 10.63 -14.55
N MET D 275 21.22 10.44 -15.37
CA MET D 275 21.20 9.42 -16.40
C MET D 275 21.16 8.00 -15.90
N SER D 276 21.96 7.71 -14.89
CA SER D 276 21.89 6.45 -14.19
C SER D 276 20.59 6.25 -13.41
N ALA D 277 20.08 7.32 -12.79
CA ALA D 277 18.83 7.24 -12.05
C ALA D 277 17.71 6.71 -12.97
N ALA D 278 17.73 7.15 -14.23
CA ALA D 278 16.75 6.72 -15.23
C ALA D 278 16.99 5.30 -15.76
N LEU D 279 18.26 4.97 -15.96
CA LEU D 279 18.64 3.68 -16.55
C LEU D 279 18.59 2.56 -15.57
N VAL D 280 18.77 2.89 -14.31
CA VAL D 280 18.72 1.89 -13.22
C VAL D 280 17.32 1.20 -13.13
N GLY D 281 16.28 1.89 -13.58
CA GLY D 281 14.99 1.28 -13.66
C GLY D 281 14.98 0.00 -14.47
N ALA D 282 15.90 -0.11 -15.41
CA ALA D 282 15.97 -1.23 -16.31
C ALA D 282 16.62 -2.38 -15.59
N MET D 283 17.55 -2.09 -14.69
CA MET D 283 18.06 -3.12 -13.82
C MET D 283 16.97 -3.71 -12.94
N ALA D 284 16.23 -2.81 -12.30
CA ALA D 284 15.15 -3.18 -11.41
C ALA D 284 14.09 -3.98 -12.19
N ILE D 285 13.72 -3.52 -13.39
CA ILE D 285 12.77 -4.26 -14.24
C ILE D 285 13.22 -5.67 -14.54
N GLY D 286 14.51 -5.91 -14.61
CA GLY D 286 14.99 -7.17 -15.07
C GLY D 286 14.96 -8.16 -13.94
N THR D 287 15.39 -7.70 -12.79
CA THR D 287 15.30 -8.48 -11.57
C THR D 287 13.84 -8.89 -11.24
N ALA D 288 12.92 -7.91 -11.28
CA ALA D 288 11.51 -8.12 -10.96
C ALA D 288 10.86 -9.01 -12.02
N ARG D 289 11.32 -8.90 -13.28
CA ARG D 289 10.83 -9.71 -14.41
C ARG D 289 11.27 -11.17 -14.26
N ALA D 290 12.55 -11.39 -13.85
CA ALA D 290 12.99 -12.71 -13.53
C ALA D 290 11.97 -13.31 -12.55
N ALA D 291 11.70 -12.63 -11.42
CA ALA D 291 10.72 -13.03 -10.42
C ALA D 291 9.35 -13.25 -10.98
N PHE D 292 8.76 -12.23 -11.64
CA PHE D 292 7.43 -12.40 -12.22
C PHE D 292 7.34 -13.67 -13.05
N GLU D 293 8.31 -13.83 -13.96
CA GLU D 293 8.32 -14.95 -14.96
C GLU D 293 8.48 -16.30 -14.36
N GLU D 294 9.35 -16.44 -13.39
CA GLU D 294 9.47 -17.69 -12.69
C GLU D 294 8.16 -18.06 -11.95
N ALA D 295 7.47 -17.10 -11.37
CA ALA D 295 6.27 -17.38 -10.63
C ALA D 295 5.15 -17.67 -11.61
N LEU D 296 5.13 -17.01 -12.76
CA LEU D 296 4.05 -17.19 -13.75
C LEU D 296 4.13 -18.60 -14.35
N VAL D 297 5.35 -19.06 -14.62
CA VAL D 297 5.63 -20.39 -15.10
C VAL D 297 5.12 -21.40 -14.11
N PHE D 298 5.64 -21.35 -12.89
CA PHE D 298 5.16 -22.15 -11.73
C PHE D 298 3.63 -22.20 -11.64
N ALA D 299 3.01 -21.03 -11.72
CA ALA D 299 1.58 -20.91 -11.51
C ALA D 299 0.74 -21.68 -12.54
N LYS D 300 1.34 -21.97 -13.68
CA LYS D 300 0.61 -22.50 -14.85
C LYS D 300 1.01 -23.94 -15.12
N SER D 301 1.96 -24.43 -14.32
CA SER D 301 2.45 -25.80 -14.31
C SER D 301 2.15 -26.46 -12.95
N ASP D 302 1.78 -25.68 -11.91
CA ASP D 302 1.61 -26.27 -10.55
C ASP D 302 0.23 -26.15 -9.95
N THR D 303 -0.25 -27.26 -9.39
CA THR D 303 -1.61 -27.35 -8.78
C THR D 303 -1.50 -27.31 -7.26
N ARG D 304 -0.29 -27.56 -6.76
CA ARG D 304 0.01 -27.60 -5.32
C ARG D 304 -0.92 -28.57 -4.52
N GLY D 305 -1.01 -29.82 -5.03
CA GLY D 305 -1.94 -30.86 -4.55
C GLY D 305 -3.42 -30.59 -4.78
N GLY D 306 -3.74 -29.50 -5.49
CA GLY D 306 -5.12 -29.16 -5.88
C GLY D 306 -5.48 -29.84 -7.21
N SER D 307 -6.67 -29.53 -7.73
CA SER D 307 -7.09 -30.14 -8.97
C SER D 307 -6.94 -29.17 -10.15
N LYS D 308 -6.56 -27.92 -9.87
CA LYS D 308 -6.31 -26.91 -10.89
C LYS D 308 -4.98 -26.18 -10.67
N HIS D 309 -4.32 -25.74 -11.76
CA HIS D 309 -3.16 -24.87 -11.67
C HIS D 309 -3.49 -23.67 -10.79
N ILE D 310 -2.54 -23.29 -9.94
CA ILE D 310 -2.78 -22.25 -8.96
C ILE D 310 -3.09 -20.84 -9.53
N ILE D 311 -2.72 -20.60 -10.79
CA ILE D 311 -3.10 -19.35 -11.47
C ILE D 311 -4.60 -19.28 -11.63
N GLU D 312 -5.23 -20.42 -11.43
CA GLU D 312 -6.68 -20.49 -11.49
C GLU D 312 -7.33 -19.91 -10.22
N HIS D 313 -6.52 -19.73 -9.18
CA HIS D 313 -6.98 -19.12 -7.91
C HIS D 313 -6.89 -17.59 -7.97
N GLN D 314 -8.03 -16.91 -7.81
CA GLN D 314 -8.06 -15.42 -7.88
C GLN D 314 -6.96 -14.75 -7.09
N SER D 315 -6.71 -15.17 -5.85
CA SER D 315 -5.64 -14.58 -5.05
C SER D 315 -4.26 -14.72 -5.69
N VAL D 316 -3.97 -15.88 -6.30
CA VAL D 316 -2.69 -16.10 -7.00
C VAL D 316 -2.64 -15.18 -8.26
N ALA D 317 -3.65 -15.27 -9.11
CA ALA D 317 -3.67 -14.40 -10.25
C ALA D 317 -3.55 -12.92 -9.89
N ASP D 318 -4.23 -12.45 -8.86
CA ASP D 318 -4.22 -11.05 -8.45
C ASP D 318 -2.80 -10.54 -8.18
N LYS D 319 -1.99 -11.40 -7.57
CA LYS D 319 -0.56 -11.23 -7.33
C LYS D 319 0.19 -11.02 -8.65
N LEU D 320 0.04 -11.97 -9.59
CA LEU D 320 0.73 -11.90 -10.87
C LEU D 320 0.20 -10.74 -11.69
N ILE D 321 -1.06 -10.38 -11.50
CA ILE D 321 -1.59 -9.25 -12.27
C ILE D 321 -0.85 -7.98 -11.78
N ASP D 322 -0.85 -7.75 -10.47
CA ASP D 322 -0.15 -6.64 -9.79
C ASP D 322 1.34 -6.51 -10.15
N CYS D 323 2.05 -7.65 -10.28
CA CYS D 323 3.43 -7.66 -10.77
C CYS D 323 3.57 -7.17 -12.20
N LYS D 324 2.74 -7.69 -13.08
CA LYS D 324 2.75 -7.36 -14.48
C LYS D 324 2.52 -5.88 -14.69
N ILE D 325 1.46 -5.33 -14.06
CA ILE D 325 1.19 -3.91 -14.10
C ILE D 325 2.46 -3.07 -13.75
N ARG D 326 3.12 -3.38 -12.63
CA ARG D 326 4.32 -2.75 -12.14
C ARG D 326 5.45 -2.78 -13.14
N LEU D 327 5.63 -3.94 -13.81
CA LEU D 327 6.71 -4.09 -14.75
C LEU D 327 6.41 -3.31 -16.05
N GLU D 328 5.14 -3.27 -16.42
CA GLU D 328 4.73 -2.59 -17.61
C GLU D 328 4.84 -1.10 -17.50
N THR D 329 4.22 -0.54 -16.47
CA THR D 329 4.32 0.84 -16.11
C THR D 329 5.76 1.34 -15.90
N SER D 330 6.61 0.49 -15.32
CA SER D 330 8.03 0.75 -15.05
C SER D 330 8.82 0.98 -16.32
N ARG D 331 8.75 -0.02 -17.21
CA ARG D 331 9.33 0.03 -18.53
C ARG D 331 8.85 1.22 -19.36
N LEU D 332 7.55 1.44 -19.46
CA LEU D 332 7.08 2.67 -20.10
C LEU D 332 7.80 3.91 -19.53
N LEU D 333 7.87 4.00 -18.20
CA LEU D 333 8.45 5.17 -17.55
C LEU D 333 9.98 5.32 -17.80
N VAL D 334 10.71 4.18 -17.79
CA VAL D 334 12.14 4.16 -18.11
C VAL D 334 12.36 4.69 -19.53
N TRP D 335 11.53 4.26 -20.48
CA TRP D 335 11.63 4.63 -21.90
C TRP D 335 11.23 6.09 -22.07
N LYS D 336 10.17 6.51 -21.41
CA LYS D 336 9.88 7.91 -21.37
C LYS D 336 11.06 8.73 -20.78
N ALA D 337 11.59 8.30 -19.64
CA ALA D 337 12.63 9.05 -18.97
C ALA D 337 13.87 9.25 -19.86
N VAL D 338 14.31 8.17 -20.53
CA VAL D 338 15.56 8.21 -21.27
C VAL D 338 15.44 9.06 -22.55
N THR D 339 14.30 8.94 -23.20
CA THR D 339 13.91 9.68 -24.36
C THR D 339 13.85 11.18 -24.07
N THR D 340 13.37 11.50 -22.89
CA THR D 340 13.28 12.83 -22.40
C THR D 340 14.69 13.43 -22.19
N LEU D 341 15.64 12.66 -21.62
CA LEU D 341 17.03 13.07 -21.42
C LEU D 341 17.78 13.42 -22.70
N GLU D 342 17.37 12.77 -23.79
CA GLU D 342 17.90 12.89 -25.13
C GLU D 342 17.19 14.04 -25.89
N ASP D 343 16.11 14.57 -25.34
CA ASP D 343 15.48 15.72 -25.98
C ASP D 343 16.23 17.01 -25.78
N GLU D 344 16.98 17.42 -26.81
CA GLU D 344 17.66 18.73 -26.88
C GLU D 344 16.73 19.94 -26.72
N ALA D 345 15.49 19.84 -27.16
CA ALA D 345 14.56 20.95 -27.00
C ALA D 345 14.16 21.22 -25.57
N LEU D 346 14.49 20.30 -24.64
CA LEU D 346 13.96 20.37 -23.25
C LEU D 346 14.95 20.90 -22.22
N GLU D 347 14.40 21.66 -21.28
CA GLU D 347 15.15 22.22 -20.17
C GLU D 347 15.59 21.16 -19.21
N TRP D 348 16.74 21.38 -18.57
CA TRP D 348 17.27 20.45 -17.57
C TRP D 348 16.34 20.06 -16.38
N LYS D 349 15.67 21.00 -15.71
CA LYS D 349 14.70 20.73 -14.63
C LYS D 349 13.74 19.60 -15.00
N VAL D 350 13.35 19.61 -16.29
CA VAL D 350 12.28 18.79 -16.84
C VAL D 350 12.79 17.38 -17.04
N LYS D 351 13.98 17.27 -17.63
CA LYS D 351 14.72 16.03 -17.67
C LYS D 351 15.05 15.54 -16.25
N LEU D 352 15.41 16.41 -15.34
CA LEU D 352 15.81 15.99 -14.01
C LEU D 352 14.64 15.36 -13.26
N GLU D 353 13.53 16.10 -13.17
CA GLU D 353 12.35 15.63 -12.50
C GLU D 353 11.93 14.24 -13.07
N MET D 354 11.98 14.10 -14.40
CA MET D 354 11.51 12.87 -15.05
C MET D 354 12.39 11.72 -14.62
N ALA D 355 13.68 11.94 -14.62
CA ALA D 355 14.61 10.92 -14.17
C ALA D 355 14.43 10.58 -12.70
N MET D 356 14.17 11.57 -11.82
CA MET D 356 13.95 11.29 -10.40
C MET D 356 12.73 10.40 -10.20
N GLN D 357 11.62 10.76 -10.81
CA GLN D 357 10.38 9.95 -10.84
C GLN D 357 10.56 8.52 -11.22
N THR D 358 11.45 8.29 -12.14
CA THR D 358 11.62 6.98 -12.73
C THR D 358 12.37 6.12 -11.74
N LYS D 359 13.42 6.68 -11.17
CA LYS D 359 14.23 5.98 -10.20
C LYS D 359 13.35 5.60 -9.00
N ILE D 360 12.54 6.52 -8.52
CA ILE D 360 11.79 6.28 -7.30
C ILE D 360 10.73 5.19 -7.53
N TYR D 361 9.99 5.31 -8.61
CA TYR D 361 8.98 4.34 -8.92
C TYR D 361 9.51 2.95 -9.23
N THR D 362 10.45 2.82 -10.17
CA THR D 362 10.80 1.50 -10.65
C THR D 362 11.49 0.70 -9.59
N THR D 363 12.20 1.38 -8.72
CA THR D 363 12.98 0.69 -7.71
C THR D 363 12.14 0.39 -6.47
N ASP D 364 11.19 1.25 -6.11
CA ASP D 364 10.19 0.88 -5.10
C ASP D 364 9.27 -0.28 -5.54
N VAL D 365 8.71 -0.15 -6.72
CA VAL D 365 7.70 -1.07 -7.17
C VAL D 365 8.29 -2.44 -7.49
N ALA D 366 9.59 -2.51 -7.80
CA ALA D 366 10.16 -3.83 -8.12
C ALA D 366 10.39 -4.69 -6.89
N VAL D 367 10.69 -4.06 -5.75
CA VAL D 367 10.67 -4.79 -4.46
C VAL D 367 9.28 -5.52 -4.23
N GLU D 368 8.19 -4.77 -4.37
CA GLU D 368 6.85 -5.27 -4.26
C GLU D 368 6.57 -6.40 -5.19
N CYS D 369 7.16 -6.29 -6.38
CA CYS D 369 6.96 -7.25 -7.44
C CYS D 369 7.58 -8.59 -7.12
N VAL D 370 8.74 -8.60 -6.47
CA VAL D 370 9.50 -9.82 -6.11
C VAL D 370 8.89 -10.48 -4.89
N ILE D 371 8.47 -9.64 -3.94
CA ILE D 371 7.80 -10.13 -2.74
C ILE D 371 6.42 -10.74 -3.05
N ASP D 372 5.66 -10.12 -3.95
CA ASP D 372 4.40 -10.69 -4.38
C ASP D 372 4.50 -12.02 -5.08
N ALA D 373 5.57 -12.19 -5.84
CA ALA D 373 5.85 -13.37 -6.65
C ALA D 373 6.20 -14.55 -5.75
N MET D 374 7.01 -14.25 -4.74
CA MET D 374 7.33 -15.21 -3.69
C MET D 374 6.08 -15.65 -2.93
N LYS D 375 5.17 -14.73 -2.64
CA LYS D 375 3.90 -15.02 -1.98
C LYS D 375 2.99 -15.93 -2.81
N ALA D 376 2.90 -15.67 -4.12
CA ALA D 376 2.16 -16.48 -5.05
C ALA D 376 2.73 -17.93 -5.23
N VAL D 377 4.04 -18.09 -5.10
CA VAL D 377 4.68 -19.39 -5.29
C VAL D 377 4.63 -20.18 -4.02
N GLY D 378 4.89 -19.49 -2.89
CA GLY D 378 4.60 -20.00 -1.54
C GLY D 378 5.83 -20.54 -0.86
N MET D 379 5.71 -21.50 0.06
CA MET D 379 6.89 -21.98 0.73
C MET D 379 8.09 -22.15 -0.22
N LYS D 380 7.82 -22.60 -1.45
CA LYS D 380 8.91 -23.03 -2.36
C LYS D 380 9.89 -21.92 -2.71
N SER D 381 9.39 -20.68 -2.75
CA SER D 381 10.18 -19.55 -3.13
C SER D 381 11.35 -19.32 -2.21
N TYR D 382 11.37 -19.95 -1.02
CA TYR D 382 12.29 -19.60 0.11
C TYR D 382 13.59 -20.46 0.10
N ALA D 383 13.58 -21.48 -0.75
CA ALA D 383 14.66 -22.40 -0.91
C ALA D 383 15.48 -22.00 -2.13
N LYS D 384 16.79 -22.20 -2.02
CA LYS D 384 17.74 -21.69 -3.01
C LYS D 384 17.83 -22.51 -4.29
N ASP D 385 16.83 -23.34 -4.58
CA ASP D 385 16.79 -24.06 -5.84
C ASP D 385 15.75 -23.42 -6.73
N MET D 386 15.14 -22.37 -6.18
CA MET D 386 14.42 -21.38 -6.96
C MET D 386 15.28 -20.12 -6.96
N SER D 387 14.98 -19.19 -7.85
CA SER D 387 15.89 -18.05 -7.96
C SER D 387 15.52 -16.90 -7.05
N PHE D 388 14.36 -17.02 -6.40
CA PHE D 388 13.83 -16.00 -5.48
C PHE D 388 14.68 -15.55 -4.33
N PRO D 389 15.33 -16.46 -3.59
CA PRO D 389 16.30 -15.94 -2.61
C PRO D 389 17.39 -14.99 -3.17
N ARG D 390 17.82 -15.20 -4.42
CA ARG D 390 18.85 -14.38 -5.08
C ARG D 390 18.22 -13.06 -5.43
N LEU D 391 17.12 -13.10 -6.20
CA LEU D 391 16.32 -11.92 -6.55
C LEU D 391 15.88 -10.99 -5.39
N LEU D 392 15.59 -11.59 -4.24
CA LEU D 392 15.07 -10.83 -3.15
C LEU D 392 16.13 -9.90 -2.56
N ASN D 393 17.31 -10.43 -2.23
CA ASN D 393 18.48 -9.59 -1.94
C ASN D 393 18.96 -8.63 -3.10
N GLU D 394 18.86 -9.07 -4.36
CA GLU D 394 19.27 -8.19 -5.44
C GLU D 394 18.38 -7.01 -5.51
N VAL D 395 17.09 -7.25 -5.47
CA VAL D 395 16.11 -6.18 -5.68
C VAL D 395 16.15 -5.05 -4.63
N MET D 396 16.52 -5.39 -3.40
CA MET D 396 16.47 -4.42 -2.31
C MET D 396 17.63 -3.38 -2.37
N CYS D 397 18.63 -3.66 -3.18
CA CYS D 397 19.64 -2.71 -3.56
C CYS D 397 19.07 -1.51 -4.31
N TYR D 398 18.10 -1.73 -5.21
CA TYR D 398 17.66 -0.67 -6.08
C TYR D 398 17.10 0.60 -5.39
N PRO D 399 16.16 0.50 -4.39
CA PRO D 399 15.68 1.73 -3.78
C PRO D 399 16.77 2.48 -2.99
N LEU D 400 17.84 1.75 -2.63
CA LEU D 400 18.90 2.21 -1.77
C LEU D 400 20.08 2.79 -2.55
N PHE D 401 20.50 2.12 -3.62
CA PHE D 401 21.66 2.53 -4.34
C PHE D 401 21.34 3.52 -5.42
N GLU D 402 22.38 3.98 -6.14
CA GLU D 402 22.24 5.00 -7.18
C GLU D 402 21.54 6.29 -6.65
N GLY D 403 21.86 6.71 -5.42
CA GLY D 403 21.15 7.79 -4.72
C GLY D 403 19.86 7.24 -4.17
N GLY D 404 19.73 7.08 -2.86
CA GLY D 404 18.57 6.41 -2.29
C GLY D 404 17.34 7.24 -2.57
N ASN D 405 16.16 6.65 -2.41
CA ASN D 405 14.90 7.36 -2.78
C ASN D 405 14.51 8.37 -1.72
N ILE D 406 14.76 8.05 -0.45
CA ILE D 406 14.38 8.90 0.69
C ILE D 406 15.24 10.17 0.86
N GLY D 407 16.55 9.98 0.81
CA GLY D 407 17.53 11.02 1.06
C GLY D 407 17.82 11.89 -0.13
N LEU D 408 17.88 11.32 -1.32
CA LEU D 408 18.48 12.02 -2.43
C LEU D 408 17.39 12.23 -3.48
N ARG D 409 16.86 11.14 -4.05
CA ARG D 409 16.06 11.26 -5.27
C ARG D 409 14.79 12.04 -5.02
N ARG D 410 14.17 11.86 -3.85
CA ARG D 410 12.89 12.54 -3.51
C ARG D 410 13.08 14.07 -3.27
N ARG D 411 14.23 14.38 -2.63
CA ARG D 411 14.70 15.72 -2.27
C ARG D 411 15.04 16.52 -3.52
N GLN D 412 15.70 15.90 -4.49
CA GLN D 412 15.98 16.50 -5.82
C GLN D 412 14.70 16.86 -6.53
N MET D 413 13.73 15.94 -6.55
CA MET D 413 12.43 16.15 -7.13
C MET D 413 11.60 17.21 -6.41
N GLN D 414 11.57 17.16 -5.09
CA GLN D 414 11.01 18.22 -4.29
C GLN D 414 11.55 19.60 -4.63
N ARG D 415 12.86 19.76 -4.87
CA ARG D 415 13.41 21.07 -5.20
C ARG D 415 12.99 21.56 -6.57
N VAL D 416 12.84 20.66 -7.54
CA VAL D 416 12.30 21.03 -8.85
C VAL D 416 10.79 21.41 -8.76
N MET D 417 10.00 20.59 -8.07
CA MET D 417 8.60 20.90 -7.87
C MET D 417 8.39 22.24 -7.13
N ALA D 418 9.22 22.54 -6.15
CA ALA D 418 9.19 23.84 -5.45
C ALA D 418 9.55 25.08 -6.30
N LEU D 419 10.27 24.91 -7.40
CA LEU D 419 10.68 26.07 -8.24
C LEU D 419 9.45 26.83 -8.78
N GLU D 420 9.53 28.17 -8.76
CA GLU D 420 8.43 28.99 -9.20
C GLU D 420 7.95 28.72 -10.63
N ASP D 421 8.89 28.54 -11.57
CA ASP D 421 8.55 28.22 -12.98
C ASP D 421 8.49 26.73 -13.41
N TYR D 422 8.31 25.86 -12.42
CA TYR D 422 7.97 24.46 -12.58
C TYR D 422 6.76 24.22 -13.44
N GLU D 423 6.99 23.37 -14.44
CA GLU D 423 5.95 22.93 -15.36
C GLU D 423 5.71 21.42 -15.26
N PRO D 424 4.70 20.97 -14.48
CA PRO D 424 4.61 19.51 -14.35
C PRO D 424 4.63 18.64 -15.63
N TRP D 425 4.09 19.18 -16.73
CA TRP D 425 3.89 18.36 -17.95
C TRP D 425 4.81 18.78 -19.11
N ALA D 426 5.75 19.72 -18.86
CA ALA D 426 6.72 20.07 -19.92
C ALA D 426 7.20 18.87 -20.77
N ALA D 427 7.43 17.73 -20.14
CA ALA D 427 7.99 16.56 -20.84
C ALA D 427 6.97 15.87 -21.78
N THR D 428 5.68 16.16 -21.58
CA THR D 428 4.61 15.51 -22.31
C THR D 428 4.00 16.48 -23.28
N TYR D 429 3.65 17.65 -22.78
CA TYR D 429 2.90 18.62 -23.55
C TYR D 429 3.70 19.85 -24.05
N GLY D 430 5.00 19.94 -23.72
CA GLY D 430 5.86 21.13 -24.03
C GLY D 430 5.74 22.26 -23.01
N SER D 431 6.41 23.42 -23.23
CA SER D 431 6.11 24.69 -22.46
C SER D 431 5.08 25.65 -23.09
PA FAD E . -3.36 22.95 8.70
O1A FAD E . -2.61 23.95 9.57
O2A FAD E . -4.62 23.60 8.16
O5B FAD E . -2.31 22.57 7.56
C5B FAD E . -2.85 21.73 6.55
C4B FAD E . -1.87 20.92 5.70
O4B FAD E . -0.62 21.60 5.56
C3B FAD E . -1.45 19.73 6.49
O3B FAD E . -2.35 18.64 6.37
C2B FAD E . -0.08 19.33 5.94
O2B FAD E . -0.27 18.55 4.79
C1B FAD E . 0.49 20.66 5.56
N9A FAD E . 1.38 21.09 6.64
C8A FAD E . 1.24 22.28 7.33
N7A FAD E . 2.21 22.40 8.27
C5A FAD E . 3.00 21.27 8.18
C6A FAD E . 4.18 20.84 8.85
N6A FAD E . 4.82 21.58 9.80
N1A FAD E . 4.74 19.63 8.50
C2A FAD E . 4.20 18.82 7.52
N3A FAD E . 3.05 19.26 6.90
C4A FAD E . 2.45 20.44 7.20
N1 FAD E . -11.06 22.50 15.24
C2 FAD E . -11.05 22.91 16.53
O2 FAD E . -10.18 23.69 16.90
N3 FAD E . -11.95 22.35 17.42
C4 FAD E . -12.91 21.44 16.95
O4 FAD E . -13.72 20.97 17.76
C4X FAD E . -12.93 21.09 15.63
N5 FAD E . -13.85 20.18 15.12
C5X FAD E . -13.88 19.90 13.76
C6 FAD E . -14.85 19.03 13.34
C7 FAD E . -14.96 18.74 11.99
C7M FAD E . -16.04 17.79 11.55
C8 FAD E . -14.04 19.31 11.10
C8M FAD E . -14.17 18.91 9.66
C9 FAD E . -13.01 20.16 11.50
C9A FAD E . -12.96 20.46 12.86
N10 FAD E . -11.99 21.29 13.37
C10 FAD E . -12.00 21.62 14.76
C1' FAD E . -10.65 21.41 12.69
C2' FAD E . -9.74 20.16 12.72
O2' FAD E . -9.28 19.84 14.02
C3' FAD E . -8.44 20.33 11.91
O3' FAD E . -7.71 19.11 11.99
C4' FAD E . -7.58 21.52 12.28
O4' FAD E . -8.01 22.64 11.52
C5' FAD E . -6.12 21.34 11.80
O5' FAD E . -6.12 20.97 10.43
P FAD E . -4.75 20.63 9.62
O1P FAD E . -4.25 19.39 10.45
O2P FAD E . -5.04 20.32 8.18
O3P FAD E . -3.63 21.76 9.73
PA FAD F . -21.26 -6.71 -10.55
O1A FAD F . -21.91 -7.79 -11.41
O2A FAD F . -22.26 -5.71 -10.13
O5B FAD F . -20.47 -7.53 -9.38
C5B FAD F . -20.14 -6.67 -8.28
C4B FAD F . -19.03 -7.18 -7.37
O4B FAD F . -19.19 -8.55 -7.11
C3B FAD F . -17.67 -7.05 -8.05
O3B FAD F . -17.16 -5.80 -7.74
C2B FAD F . -16.87 -8.11 -7.38
O2B FAD F . -16.56 -7.50 -6.13
C1B FAD F . -17.91 -9.19 -7.06
N9A FAD F . -17.94 -10.27 -8.04
C8A FAD F . -19.03 -10.66 -8.82
N7A FAD F . -18.68 -11.72 -9.61
C5A FAD F . -17.35 -11.99 -9.34
C6A FAD F . -16.43 -12.89 -9.83
N6A FAD F . -16.73 -13.76 -10.82
N1A FAD F . -15.16 -12.92 -9.32
C2A FAD F . -14.72 -11.99 -8.38
N3A FAD F . -15.63 -11.08 -7.91
C4A FAD F . -16.89 -11.07 -8.37
N1 FAD F . -22.96 0.05 -17.85
C2 FAD F . -23.17 -0.17 -19.20
O2 FAD F . -23.42 -1.30 -19.60
N3 FAD F . -22.99 0.85 -20.14
C4 FAD F . -22.69 2.15 -19.76
O4 FAD F . -22.58 2.98 -20.72
C4X FAD F . -22.55 2.40 -18.35
N5 FAD F . -22.25 3.66 -17.81
C5X FAD F . -22.14 3.86 -16.43
C6 FAD F . -21.85 5.11 -15.95
C7 FAD F . -21.76 5.43 -14.61
C7M FAD F . -21.49 6.88 -14.28
C8 FAD F . -21.93 4.38 -13.69
C8M FAD F . -21.81 4.58 -12.17
C9 FAD F . -22.19 3.09 -14.16
C9A FAD F . -22.30 2.81 -15.53
N10 FAD F . -22.53 1.52 -16.04
C10 FAD F . -22.68 1.34 -17.43
C1' FAD F . -22.27 0.25 -15.22
C2' FAD F . -20.79 -0.11 -15.04
O2' FAD F . -20.12 -0.51 -16.21
C3' FAD F . -20.56 -1.29 -14.11
O3' FAD F . -19.17 -1.58 -14.02
C4' FAD F . -21.22 -2.57 -14.56
O4' FAD F . -22.46 -2.53 -13.88
C5' FAD F . -20.48 -3.84 -14.04
O5' FAD F . -20.35 -3.64 -12.62
P FAD F . -19.59 -4.53 -11.51
O1P FAD F . -18.20 -4.65 -12.02
O2P FAD F . -19.72 -3.81 -10.15
O3P FAD F . -20.03 -6.08 -11.45
PA FAD G . 1.63 -24.55 -1.08
O1A FAD G . 0.65 -25.68 -1.12
O2A FAD G . 3.09 -25.01 -1.09
O5B FAD G . 1.09 -23.39 -2.03
C5B FAD G . 2.01 -22.42 -2.52
C4B FAD G . 1.26 -21.28 -3.18
O4B FAD G . 0.28 -21.77 -4.09
C3B FAD G . 0.43 -20.52 -2.18
O3B FAD G . 1.17 -19.54 -1.52
C2B FAD G . -0.61 -19.88 -3.02
O2B FAD G . -0.11 -18.66 -3.60
C1B FAD G . -0.86 -20.94 -4.07
N9A FAD G . -2.03 -21.78 -3.72
C8A FAD G . -2.05 -23.15 -3.53
N7A FAD G . -3.35 -23.50 -3.24
C5A FAD G . -4.15 -22.35 -3.29
C6A FAD G . -5.51 -22.03 -3.09
N6A FAD G . -6.43 -23.03 -2.93
N1A FAD G . -5.99 -20.73 -3.18
C2A FAD G . -5.15 -19.66 -3.44
N3A FAD G . -3.82 -20.02 -3.65
C4A FAD G . -3.31 -21.28 -3.57
N1 FAD G . 5.63 -27.57 7.67
C2 FAD G . 5.16 -28.45 8.63
O2 FAD G . 4.27 -29.25 8.31
N3 FAD G . 5.67 -28.46 9.91
C4 FAD G . 6.65 -27.58 10.24
O4 FAD G . 7.08 -27.61 11.40
C4X FAD G . 7.15 -26.67 9.29
N5 FAD G . 8.15 -25.75 9.60
C5X FAD G . 8.74 -24.94 8.65
C6 FAD G . 9.80 -24.10 9.02
C7 FAD G . 10.43 -23.24 8.11
C7M FAD G . 11.59 -22.32 8.51
C8 FAD G . 9.95 -23.28 6.80
C8M FAD G . 10.55 -22.35 5.80
C9 FAD G . 8.87 -24.09 6.45
C9A FAD G . 8.25 -24.95 7.35
N10 FAD G . 7.19 -25.79 6.99
C10 FAD G . 6.65 -26.68 7.96
C1' FAD G . 6.31 -25.49 5.79
C2' FAD G . 5.35 -24.30 5.91
O2' FAD G . 4.35 -24.38 6.92
C3' FAD G . 4.57 -24.04 4.65
O3' FAD G . 3.74 -22.93 4.97
C4' FAD G . 3.74 -25.20 4.13
O4' FAD G . 4.62 -25.95 3.35
C5' FAD G . 2.66 -24.68 3.17
O5' FAD G . 3.24 -23.76 2.22
P FAD G . 2.26 -22.93 1.26
O1P FAD G . 1.25 -22.12 2.08
O2P FAD G . 2.98 -21.98 0.39
O3P FAD G . 1.30 -23.91 0.38
PA FAD H . 22.93 8.64 2.93
O1A FAD H . 23.57 10.02 3.01
O2A FAD H . 23.75 7.48 3.32
O5B FAD H . 21.57 8.74 3.77
C5B FAD H . 21.04 7.54 4.31
C4B FAD H . 19.60 7.85 4.76
O4B FAD H . 19.57 9.04 5.53
C3B FAD H . 18.68 8.23 3.63
O3B FAD H . 18.15 7.00 3.18
C2B FAD H . 17.60 8.99 4.26
O2B FAD H . 16.69 7.97 4.77
C1B FAD H . 18.31 9.66 5.39
N9A FAD H . 18.62 11.04 5.05
C8A FAD H . 19.86 11.60 5.04
N7A FAD H . 19.71 12.88 4.66
C5A FAD H . 18.39 13.11 4.46
C6A FAD H . 17.68 14.24 4.06
N6A FAD H . 18.36 15.39 3.86
N1A FAD H . 16.30 14.19 3.93
C2A FAD H . 15.65 13.00 4.15
N3A FAD H . 16.35 11.87 4.53
C4A FAD H . 17.70 11.95 4.70
N1 FAD H . 28.31 5.21 -4.95
C2 FAD H . 29.01 5.96 -5.90
O2 FAD H . 29.36 7.13 -5.63
N3 FAD H . 29.27 5.46 -7.16
C4 FAD H . 28.84 4.18 -7.48
O4 FAD H . 29.12 3.76 -8.65
C4X FAD H . 28.17 3.42 -6.55
N5 FAD H . 27.71 2.12 -6.85
C5X FAD H . 27.10 1.35 -5.88
C6 FAD H . 26.71 0.06 -6.24
C7 FAD H . 26.09 -0.75 -5.32
C7M FAD H . 25.74 -2.15 -5.81
C8 FAD H . 25.83 -0.27 -4.04
C8M FAD H . 25.16 -1.11 -3.00
C9 FAD H . 26.19 1.01 -3.66
C9A FAD H . 26.84 1.87 -4.58
N10 FAD H . 27.20 3.20 -4.28
C10 FAD H . 27.91 3.93 -5.26
C1' FAD H . 26.46 4.13 -3.25
C2' FAD H . 25.01 4.52 -3.65
O2' FAD H . 24.80 5.35 -4.78
C3' FAD H . 24.25 5.21 -2.50
O3' FAD H . 22.95 5.52 -2.98
C4' FAD H . 24.91 6.44 -1.92
O4' FAD H . 25.77 6.02 -0.89
C5' FAD H . 23.90 7.36 -1.25
O5' FAD H . 23.21 6.52 -0.32
P FAD H . 22.03 7.15 0.62
O1P FAD H . 21.05 7.63 -0.41
O2P FAD H . 21.46 6.06 1.50
O3P FAD H . 22.46 8.47 1.40
#